data_1ADL
# 
_entry.id   1ADL 
# 
_audit_conform.dict_name       mmcif_pdbx.dic 
_audit_conform.dict_version    5.397 
_audit_conform.dict_location   http://mmcif.pdb.org/dictionaries/ascii/mmcif_pdbx.dic 
# 
loop_
_database_2.database_id 
_database_2.database_code 
_database_2.pdbx_database_accession 
_database_2.pdbx_DOI 
PDB   1ADL         pdb_00001adl 10.2210/pdb1adl/pdb 
WWPDB D_1000170687 ?            ?                   
# 
loop_
_pdbx_audit_revision_history.ordinal 
_pdbx_audit_revision_history.data_content_type 
_pdbx_audit_revision_history.major_revision 
_pdbx_audit_revision_history.minor_revision 
_pdbx_audit_revision_history.revision_date 
1 'Structure model' 1 0 1994-12-20 
2 'Structure model' 1 1 2008-03-24 
3 'Structure model' 1 2 2011-07-13 
4 'Structure model' 1 3 2017-11-29 
5 'Structure model' 2 0 2024-02-07 
6 'Structure model' 2 1 2024-10-09 
# 
_pdbx_audit_revision_details.ordinal             1 
_pdbx_audit_revision_details.revision_ordinal    1 
_pdbx_audit_revision_details.data_content_type   'Structure model' 
_pdbx_audit_revision_details.provider            repository 
_pdbx_audit_revision_details.type                'Initial release' 
_pdbx_audit_revision_details.description         ? 
_pdbx_audit_revision_details.details             ? 
# 
loop_
_pdbx_audit_revision_group.ordinal 
_pdbx_audit_revision_group.revision_ordinal 
_pdbx_audit_revision_group.data_content_type 
_pdbx_audit_revision_group.group 
1  2 'Structure model' 'Version format compliance' 
2  3 'Structure model' 'Version format compliance' 
3  4 'Structure model' Advisory                    
4  4 'Structure model' 'Derived calculations'      
5  4 'Structure model' Other                       
6  4 'Structure model' 'Structure summary'         
7  5 'Structure model' Advisory                    
8  5 'Structure model' 'Atomic model'              
9  5 'Structure model' 'Data collection'           
10 5 'Structure model' 'Database references'       
11 5 'Structure model' 'Derived calculations'      
12 5 'Structure model' 'Non-polymer description'   
13 5 'Structure model' 'Polymer sequence'          
14 5 'Structure model' 'Source and taxonomy'       
15 5 'Structure model' 'Structure summary'         
16 6 'Structure model' 'Structure summary'         
# 
loop_
_pdbx_audit_revision_category.ordinal 
_pdbx_audit_revision_category.revision_ordinal 
_pdbx_audit_revision_category.data_content_type 
_pdbx_audit_revision_category.category 
1  4 'Structure model' pdbx_database_status         
2  4 'Structure model' pdbx_unobs_or_zero_occ_atoms 
3  4 'Structure model' struct_conf                  
4  4 'Structure model' struct_conf_type             
5  4 'Structure model' struct_keywords              
6  5 'Structure model' atom_site                    
7  5 'Structure model' chem_comp                    
8  5 'Structure model' chem_comp_atom               
9  5 'Structure model' chem_comp_bond               
10 5 'Structure model' database_2                   
11 5 'Structure model' entity                       
12 5 'Structure model' entity_poly                  
13 5 'Structure model' entity_poly_seq              
14 5 'Structure model' entity_src_gen               
15 5 'Structure model' pdbx_entity_nonpoly          
16 5 'Structure model' pdbx_nonpoly_scheme          
17 5 'Structure model' pdbx_poly_seq_scheme         
18 5 'Structure model' pdbx_struct_assembly_gen     
19 5 'Structure model' pdbx_struct_mod_residue      
20 5 'Structure model' pdbx_unobs_or_zero_occ_atoms 
21 5 'Structure model' struct_asym                  
22 5 'Structure model' struct_conn                  
23 5 'Structure model' struct_ref                   
24 5 'Structure model' struct_ref_seq               
25 5 'Structure model' struct_site                  
26 5 'Structure model' struct_site_gen              
27 6 'Structure model' pdbx_entry_details           
28 6 'Structure model' pdbx_modification_feature    
# 
loop_
_pdbx_audit_revision_item.ordinal 
_pdbx_audit_revision_item.revision_ordinal 
_pdbx_audit_revision_item.data_content_type 
_pdbx_audit_revision_item.item 
1  4 'Structure model' '_pdbx_database_status.process_site'           
2  4 'Structure model' '_struct_keywords.text'                        
3  5 'Structure model' '_atom_site.B_iso_or_equiv'                    
4  5 'Structure model' '_atom_site.Cartn_x'                           
5  5 'Structure model' '_atom_site.Cartn_y'                           
6  5 'Structure model' '_atom_site.Cartn_z'                           
7  5 'Structure model' '_atom_site.auth_atom_id'                      
8  5 'Structure model' '_atom_site.auth_comp_id'                      
9  5 'Structure model' '_atom_site.auth_seq_id'                       
10 5 'Structure model' '_atom_site.group_PDB'                         
11 5 'Structure model' '_atom_site.label_alt_id'                      
12 5 'Structure model' '_atom_site.label_asym_id'                     
13 5 'Structure model' '_atom_site.label_atom_id'                     
14 5 'Structure model' '_atom_site.label_comp_id'                     
15 5 'Structure model' '_atom_site.label_entity_id'                   
16 5 'Structure model' '_atom_site.label_seq_id'                      
17 5 'Structure model' '_atom_site.occupancy'                         
18 5 'Structure model' '_atom_site.pdbx_PDB_ins_code'                 
19 5 'Structure model' '_atom_site.type_symbol'                       
20 5 'Structure model' '_chem_comp.formula'                           
21 5 'Structure model' '_chem_comp.formula_weight'                    
22 5 'Structure model' '_chem_comp.id'                                
23 5 'Structure model' '_chem_comp.mon_nstd_flag'                     
24 5 'Structure model' '_chem_comp.name'                              
25 5 'Structure model' '_chem_comp.pdbx_synonyms'                     
26 5 'Structure model' '_chem_comp.type'                              
27 5 'Structure model' '_database_2.pdbx_DOI'                         
28 5 'Structure model' '_database_2.pdbx_database_accession'          
29 5 'Structure model' '_entity_poly.nstd_monomer'                    
30 5 'Structure model' '_entity_poly.pdbx_seq_one_letter_code'        
31 5 'Structure model' '_entity_poly_seq.mon_id'                      
32 5 'Structure model' '_entity_src_gen.pdbx_beg_seq_num'             
33 5 'Structure model' '_entity_src_gen.pdbx_end_seq_num'             
34 5 'Structure model' '_entity_src_gen.pdbx_seq_type'                
35 5 'Structure model' '_pdbx_poly_seq_scheme.auth_mon_id'            
36 5 'Structure model' '_pdbx_poly_seq_scheme.mon_id'                 
37 5 'Structure model' '_pdbx_poly_seq_scheme.pdb_mon_id'             
38 5 'Structure model' '_pdbx_struct_assembly_gen.asym_id_list'       
39 5 'Structure model' '_struct_ref.db_code'                          
40 5 'Structure model' '_struct_ref.pdbx_align_begin'                 
41 5 'Structure model' '_struct_ref_seq.db_align_beg'                 
42 5 'Structure model' '_struct_ref_seq.db_align_end'                 
43 6 'Structure model' '_pdbx_entry_details.has_protein_modification' 
# 
_pdbx_database_status.status_code                     REL 
_pdbx_database_status.entry_id                        1ADL 
_pdbx_database_status.recvd_initial_deposition_date   1994-03-25 
_pdbx_database_status.deposit_site                    ? 
_pdbx_database_status.process_site                    BNL 
_pdbx_database_status.SG_entry                        . 
_pdbx_database_status.pdb_format_compatible           Y 
_pdbx_database_status.status_code_mr                  ? 
_pdbx_database_status.status_code_sf                  ? 
_pdbx_database_status.status_code_cs                  ? 
_pdbx_database_status.methods_development_category    ? 
_pdbx_database_status.status_code_nmr_data            ? 
# 
loop_
_audit_author.name 
_audit_author.pdbx_ordinal 
'Lalonde, J.M.'  1 
'Levenson, M.'   2 
'Roe, J.J.'      3 
'Bernlohr, D.A.' 4 
'Banaszak, L.J.' 5 
# 
_citation.id                        primary 
_citation.title                     
'Adipocyte lipid-binding protein complexed with arachidonic acid. Titration calorimetry and X-ray crystallographic studies.' 
_citation.journal_abbrev            J.Biol.Chem. 
_citation.journal_volume            269 
_citation.page_first                25339 
_citation.page_last                 25347 
_citation.year                      1994 
_citation.journal_id_ASTM           JBCHA3 
_citation.country                   US 
_citation.journal_id_ISSN           0021-9258 
_citation.journal_id_CSD            0071 
_citation.book_publisher            ? 
_citation.pdbx_database_id_PubMed   7929228 
_citation.pdbx_database_id_DOI      ? 
# 
loop_
_citation_author.citation_id 
_citation_author.name 
_citation_author.ordinal 
_citation_author.identifier_ORCID 
primary 'LaLonde, J.M.'  1 ? 
primary 'Levenson, M.A.' 2 ? 
primary 'Roe, J.J.'      3 ? 
primary 'Bernlohr, D.A.' 4 ? 
primary 'Banaszak, L.J.' 5 ? 
# 
loop_
_entity.id 
_entity.type 
_entity.src_method 
_entity.pdbx_description 
_entity.formula_weight 
_entity.pdbx_number_of_molecules 
_entity.pdbx_ec 
_entity.pdbx_mutation 
_entity.pdbx_fragment 
_entity.details 
1 polymer     man 'ADIPOCYTE LIPID-BINDING PROTEIN' 14587.688 1  ? ? ? ? 
2 non-polymer syn 'ARACHIDONIC ACID'                304.467   1  ? ? ? ? 
3 non-polymer syn 'PROPANOIC ACID'                  74.079    1  ? ? ? ? 
4 water       nat water                             18.015    90 ? ? ? ? 
# 
_entity_poly.entity_id                      1 
_entity_poly.type                           'polypeptide(L)' 
_entity_poly.nstd_linkage                   no 
_entity_poly.nstd_monomer                   yes 
_entity_poly.pdbx_seq_one_letter_code       
;CDAFVGTWKLVSSENFDDYMKEVGVGFATRKVAGMAKPN(MHO)IISVNGDLVTIRSESTFKNTEISFKLGVEFDEITAD
DRKVKSIITLDGGALVQVQKWDGKSTTIKRKRDGDKLVVE(CSD)VMKGVTSTRVYERA
;
_entity_poly.pdbx_seq_one_letter_code_can   
;CDAFVGTWKLVSSENFDDYMKEVGVGFATRKVAGMAKPNMIISVNGDLVTIRSESTFKNTEISFKLGVEFDEITADDRKV
KSIITLDGGALVQVQKWDGKSTTIKRKRDGDKLVVECVMKGVTSTRVYERA
;
_entity_poly.pdbx_strand_id                 A 
_entity_poly.pdbx_target_identifier         ? 
# 
loop_
_pdbx_entity_nonpoly.entity_id 
_pdbx_entity_nonpoly.name 
_pdbx_entity_nonpoly.comp_id 
2 'ARACHIDONIC ACID' ACD 
3 'PROPANOIC ACID'   PPI 
4 water              HOH 
# 
loop_
_entity_poly_seq.entity_id 
_entity_poly_seq.num 
_entity_poly_seq.mon_id 
_entity_poly_seq.hetero 
1 1   CYS n 
1 2   ASP n 
1 3   ALA n 
1 4   PHE n 
1 5   VAL n 
1 6   GLY n 
1 7   THR n 
1 8   TRP n 
1 9   LYS n 
1 10  LEU n 
1 11  VAL n 
1 12  SER n 
1 13  SER n 
1 14  GLU n 
1 15  ASN n 
1 16  PHE n 
1 17  ASP n 
1 18  ASP n 
1 19  TYR n 
1 20  MET n 
1 21  LYS n 
1 22  GLU n 
1 23  VAL n 
1 24  GLY n 
1 25  VAL n 
1 26  GLY n 
1 27  PHE n 
1 28  ALA n 
1 29  THR n 
1 30  ARG n 
1 31  LYS n 
1 32  VAL n 
1 33  ALA n 
1 34  GLY n 
1 35  MET n 
1 36  ALA n 
1 37  LYS n 
1 38  PRO n 
1 39  ASN n 
1 40  MHO n 
1 41  ILE n 
1 42  ILE n 
1 43  SER n 
1 44  VAL n 
1 45  ASN n 
1 46  GLY n 
1 47  ASP n 
1 48  LEU n 
1 49  VAL n 
1 50  THR n 
1 51  ILE n 
1 52  ARG n 
1 53  SER n 
1 54  GLU n 
1 55  SER n 
1 56  THR n 
1 57  PHE n 
1 58  LYS n 
1 59  ASN n 
1 60  THR n 
1 61  GLU n 
1 62  ILE n 
1 63  SER n 
1 64  PHE n 
1 65  LYS n 
1 66  LEU n 
1 67  GLY n 
1 68  VAL n 
1 69  GLU n 
1 70  PHE n 
1 71  ASP n 
1 72  GLU n 
1 73  ILE n 
1 74  THR n 
1 75  ALA n 
1 76  ASP n 
1 77  ASP n 
1 78  ARG n 
1 79  LYS n 
1 80  VAL n 
1 81  LYS n 
1 82  SER n 
1 83  ILE n 
1 84  ILE n 
1 85  THR n 
1 86  LEU n 
1 87  ASP n 
1 88  GLY n 
1 89  GLY n 
1 90  ALA n 
1 91  LEU n 
1 92  VAL n 
1 93  GLN n 
1 94  VAL n 
1 95  GLN n 
1 96  LYS n 
1 97  TRP n 
1 98  ASP n 
1 99  GLY n 
1 100 LYS n 
1 101 SER n 
1 102 THR n 
1 103 THR n 
1 104 ILE n 
1 105 LYS n 
1 106 ARG n 
1 107 LYS n 
1 108 ARG n 
1 109 ASP n 
1 110 GLY n 
1 111 ASP n 
1 112 LYS n 
1 113 LEU n 
1 114 VAL n 
1 115 VAL n 
1 116 GLU n 
1 117 CSD n 
1 118 VAL n 
1 119 MET n 
1 120 LYS n 
1 121 GLY n 
1 122 VAL n 
1 123 THR n 
1 124 SER n 
1 125 THR n 
1 126 ARG n 
1 127 VAL n 
1 128 TYR n 
1 129 GLU n 
1 130 ARG n 
1 131 ALA n 
# 
_entity_src_gen.entity_id                          1 
_entity_src_gen.pdbx_src_id                        1 
_entity_src_gen.pdbx_alt_source_flag               sample 
_entity_src_gen.pdbx_seq_type                      'Biological sequence' 
_entity_src_gen.pdbx_beg_seq_num                   1 
_entity_src_gen.pdbx_end_seq_num                   131 
_entity_src_gen.gene_src_common_name               'house mouse' 
_entity_src_gen.gene_src_genus                     Mus 
_entity_src_gen.pdbx_gene_src_gene                 ? 
_entity_src_gen.gene_src_species                   ? 
_entity_src_gen.gene_src_strain                    ? 
_entity_src_gen.gene_src_tissue                    ? 
_entity_src_gen.gene_src_tissue_fraction           ? 
_entity_src_gen.gene_src_details                   ? 
_entity_src_gen.pdbx_gene_src_fragment             ? 
_entity_src_gen.pdbx_gene_src_scientific_name      'Mus musculus' 
_entity_src_gen.pdbx_gene_src_ncbi_taxonomy_id     10090 
_entity_src_gen.pdbx_gene_src_variant              ? 
_entity_src_gen.pdbx_gene_src_cell_line            ? 
_entity_src_gen.pdbx_gene_src_atcc                 ? 
_entity_src_gen.pdbx_gene_src_organ                ? 
_entity_src_gen.pdbx_gene_src_organelle            ? 
_entity_src_gen.pdbx_gene_src_cell                 ? 
_entity_src_gen.pdbx_gene_src_cellular_location    ? 
_entity_src_gen.host_org_common_name               ? 
_entity_src_gen.pdbx_host_org_scientific_name      ? 
_entity_src_gen.pdbx_host_org_ncbi_taxonomy_id     ? 
_entity_src_gen.host_org_genus                     ? 
_entity_src_gen.pdbx_host_org_gene                 ? 
_entity_src_gen.pdbx_host_org_organ                ? 
_entity_src_gen.host_org_species                   ? 
_entity_src_gen.pdbx_host_org_tissue               ? 
_entity_src_gen.pdbx_host_org_tissue_fraction      ? 
_entity_src_gen.pdbx_host_org_strain               ? 
_entity_src_gen.pdbx_host_org_variant              ? 
_entity_src_gen.pdbx_host_org_cell_line            ? 
_entity_src_gen.pdbx_host_org_atcc                 ? 
_entity_src_gen.pdbx_host_org_culture_collection   ? 
_entity_src_gen.pdbx_host_org_cell                 ? 
_entity_src_gen.pdbx_host_org_organelle            ? 
_entity_src_gen.pdbx_host_org_cellular_location    ? 
_entity_src_gen.pdbx_host_org_vector_type          ? 
_entity_src_gen.pdbx_host_org_vector               ? 
_entity_src_gen.host_org_details                   ? 
_entity_src_gen.expression_system_id               ? 
_entity_src_gen.plasmid_name                       ? 
_entity_src_gen.plasmid_details                    ? 
_entity_src_gen.pdbx_description                   ? 
# 
loop_
_chem_comp.id 
_chem_comp.type 
_chem_comp.mon_nstd_flag 
_chem_comp.name 
_chem_comp.pdbx_synonyms 
_chem_comp.formula 
_chem_comp.formula_weight 
ACD non-polymer         . 'ARACHIDONIC ACID' ?                                            'C20 H32 O2'     304.467 
ALA 'L-peptide linking' y ALANINE            ?                                            'C3 H7 N O2'     89.093  
ARG 'L-peptide linking' y ARGININE           ?                                            'C6 H15 N4 O2 1' 175.209 
ASN 'L-peptide linking' y ASPARAGINE         ?                                            'C4 H8 N2 O3'    132.118 
ASP 'L-peptide linking' y 'ASPARTIC ACID'    ?                                            'C4 H7 N O4'     133.103 
CSD 'L-peptide linking' n 3-SULFINOALANINE   'S-CYSTEINESULFINIC ACID; S-SULFINOCYSTEINE' 'C3 H7 N O4 S'   153.157 
CYS 'L-peptide linking' y CYSTEINE           ?                                            'C3 H7 N O2 S'   121.158 
GLN 'L-peptide linking' y GLUTAMINE          ?                                            'C5 H10 N2 O3'   146.144 
GLU 'L-peptide linking' y 'GLUTAMIC ACID'    ?                                            'C5 H9 N O4'     147.129 
GLY 'peptide linking'   y GLYCINE            ?                                            'C2 H5 N O2'     75.067  
HOH non-polymer         . WATER              ?                                            'H2 O'           18.015  
ILE 'L-peptide linking' y ISOLEUCINE         ?                                            'C6 H13 N O2'    131.173 
LEU 'L-peptide linking' y LEUCINE            ?                                            'C6 H13 N O2'    131.173 
LYS 'L-peptide linking' y LYSINE             ?                                            'C6 H15 N2 O2 1' 147.195 
MET 'L-peptide linking' y METHIONINE         ?                                            'C5 H11 N O2 S'  149.211 
MHO 'L-peptide linking' n S-OXYMETHIONINE    ?                                            'C5 H11 N O3 S'  165.211 
PHE 'L-peptide linking' y PHENYLALANINE      ?                                            'C9 H11 N O2'    165.189 
PPI non-polymer         . 'PROPANOIC ACID'   ?                                            'C3 H6 O2'       74.079  
PRO 'L-peptide linking' y PROLINE            ?                                            'C5 H9 N O2'     115.130 
SER 'L-peptide linking' y SERINE             ?                                            'C3 H7 N O3'     105.093 
THR 'L-peptide linking' y THREONINE          ?                                            'C4 H9 N O3'     119.119 
TRP 'L-peptide linking' y TRYPTOPHAN         ?                                            'C11 H12 N2 O2'  204.225 
TYR 'L-peptide linking' y TYROSINE           ?                                            'C9 H11 N O3'    181.189 
VAL 'L-peptide linking' y VALINE             ?                                            'C5 H11 N O2'    117.146 
# 
loop_
_pdbx_poly_seq_scheme.asym_id 
_pdbx_poly_seq_scheme.entity_id 
_pdbx_poly_seq_scheme.seq_id 
_pdbx_poly_seq_scheme.mon_id 
_pdbx_poly_seq_scheme.ndb_seq_num 
_pdbx_poly_seq_scheme.pdb_seq_num 
_pdbx_poly_seq_scheme.auth_seq_num 
_pdbx_poly_seq_scheme.pdb_mon_id 
_pdbx_poly_seq_scheme.auth_mon_id 
_pdbx_poly_seq_scheme.pdb_strand_id 
_pdbx_poly_seq_scheme.pdb_ins_code 
_pdbx_poly_seq_scheme.hetero 
A 1 1   CYS 1   1   1   CYS CYS A . n 
A 1 2   ASP 2   2   2   ASP ASP A . n 
A 1 3   ALA 3   3   3   ALA ALA A . n 
A 1 4   PHE 4   4   4   PHE PHE A . n 
A 1 5   VAL 5   5   5   VAL VAL A . n 
A 1 6   GLY 6   6   6   GLY GLY A . n 
A 1 7   THR 7   7   7   THR THR A . n 
A 1 8   TRP 8   8   8   TRP TRP A . n 
A 1 9   LYS 9   9   9   LYS LYS A . n 
A 1 10  LEU 10  10  10  LEU LEU A . n 
A 1 11  VAL 11  11  11  VAL VAL A . n 
A 1 12  SER 12  12  12  SER SER A . n 
A 1 13  SER 13  13  13  SER SER A . n 
A 1 14  GLU 14  14  14  GLU GLU A . n 
A 1 15  ASN 15  15  15  ASN ASN A . n 
A 1 16  PHE 16  16  16  PHE PHE A . n 
A 1 17  ASP 17  17  17  ASP ASP A . n 
A 1 18  ASP 18  18  18  ASP ASP A . n 
A 1 19  TYR 19  19  19  TYR TYR A . n 
A 1 20  MET 20  20  20  MET MET A . n 
A 1 21  LYS 21  21  21  LYS LYS A . n 
A 1 22  GLU 22  22  22  GLU GLU A . n 
A 1 23  VAL 23  23  23  VAL VAL A . n 
A 1 24  GLY 24  24  24  GLY GLY A . n 
A 1 25  VAL 25  25  25  VAL VAL A . n 
A 1 26  GLY 26  26  26  GLY GLY A . n 
A 1 27  PHE 27  27  27  PHE PHE A . n 
A 1 28  ALA 28  28  28  ALA ALA A . n 
A 1 29  THR 29  29  29  THR THR A . n 
A 1 30  ARG 30  30  30  ARG ARG A . n 
A 1 31  LYS 31  31  31  LYS LYS A . n 
A 1 32  VAL 32  32  32  VAL VAL A . n 
A 1 33  ALA 33  33  33  ALA ALA A . n 
A 1 34  GLY 34  34  34  GLY GLY A . n 
A 1 35  MET 35  35  35  MET MET A . n 
A 1 36  ALA 36  36  36  ALA ALA A . n 
A 1 37  LYS 37  37  37  LYS LYS A . n 
A 1 38  PRO 38  38  38  PRO PRO A . n 
A 1 39  ASN 39  39  39  ASN ASN A . n 
A 1 40  MHO 40  40  40  MHO MET A . n 
A 1 41  ILE 41  41  41  ILE ILE A . n 
A 1 42  ILE 42  42  42  ILE ILE A . n 
A 1 43  SER 43  43  43  SER SER A . n 
A 1 44  VAL 44  44  44  VAL VAL A . n 
A 1 45  ASN 45  45  45  ASN ASN A . n 
A 1 46  GLY 46  46  46  GLY GLY A . n 
A 1 47  ASP 47  47  47  ASP ASP A . n 
A 1 48  LEU 48  48  48  LEU LEU A . n 
A 1 49  VAL 49  49  49  VAL VAL A . n 
A 1 50  THR 50  50  50  THR THR A . n 
A 1 51  ILE 51  51  51  ILE ILE A . n 
A 1 52  ARG 52  52  52  ARG ARG A . n 
A 1 53  SER 53  53  53  SER SER A . n 
A 1 54  GLU 54  54  54  GLU GLU A . n 
A 1 55  SER 55  55  55  SER SER A . n 
A 1 56  THR 56  56  56  THR THR A . n 
A 1 57  PHE 57  57  57  PHE PHE A . n 
A 1 58  LYS 58  58  58  LYS LYS A . n 
A 1 59  ASN 59  59  59  ASN ASN A . n 
A 1 60  THR 60  60  60  THR THR A . n 
A 1 61  GLU 61  61  61  GLU GLU A . n 
A 1 62  ILE 62  62  62  ILE ILE A . n 
A 1 63  SER 63  63  63  SER SER A . n 
A 1 64  PHE 64  64  64  PHE PHE A . n 
A 1 65  LYS 65  65  65  LYS LYS A . n 
A 1 66  LEU 66  66  66  LEU LEU A . n 
A 1 67  GLY 67  67  67  GLY GLY A . n 
A 1 68  VAL 68  68  68  VAL VAL A . n 
A 1 69  GLU 69  69  69  GLU GLU A . n 
A 1 70  PHE 70  70  70  PHE PHE A . n 
A 1 71  ASP 71  71  71  ASP ASP A . n 
A 1 72  GLU 72  72  72  GLU GLU A . n 
A 1 73  ILE 73  73  73  ILE ILE A . n 
A 1 74  THR 74  74  74  THR THR A . n 
A 1 75  ALA 75  75  75  ALA ALA A . n 
A 1 76  ASP 76  76  76  ASP ASP A . n 
A 1 77  ASP 77  77  77  ASP ASP A . n 
A 1 78  ARG 78  78  78  ARG ARG A . n 
A 1 79  LYS 79  79  79  LYS LYS A . n 
A 1 80  VAL 80  80  80  VAL VAL A . n 
A 1 81  LYS 81  81  81  LYS LYS A . n 
A 1 82  SER 82  82  82  SER SER A . n 
A 1 83  ILE 83  83  83  ILE ILE A . n 
A 1 84  ILE 84  84  84  ILE ILE A . n 
A 1 85  THR 85  85  85  THR THR A . n 
A 1 86  LEU 86  86  86  LEU LEU A . n 
A 1 87  ASP 87  87  87  ASP ASP A . n 
A 1 88  GLY 88  88  88  GLY GLY A . n 
A 1 89  GLY 89  89  89  GLY GLY A . n 
A 1 90  ALA 90  90  90  ALA ALA A . n 
A 1 91  LEU 91  91  91  LEU LEU A . n 
A 1 92  VAL 92  92  92  VAL VAL A . n 
A 1 93  GLN 93  93  93  GLN GLN A . n 
A 1 94  VAL 94  94  94  VAL VAL A . n 
A 1 95  GLN 95  95  95  GLN GLN A . n 
A 1 96  LYS 96  96  96  LYS LYS A . n 
A 1 97  TRP 97  97  97  TRP TRP A . n 
A 1 98  ASP 98  98  98  ASP ASP A . n 
A 1 99  GLY 99  99  99  GLY GLY A . n 
A 1 100 LYS 100 100 100 LYS LYS A . n 
A 1 101 SER 101 101 101 SER SER A . n 
A 1 102 THR 102 102 102 THR THR A . n 
A 1 103 THR 103 103 103 THR THR A . n 
A 1 104 ILE 104 104 104 ILE ILE A . n 
A 1 105 LYS 105 105 105 LYS LYS A . n 
A 1 106 ARG 106 106 106 ARG ARG A . n 
A 1 107 LYS 107 107 107 LYS LYS A . n 
A 1 108 ARG 108 108 108 ARG ARG A . n 
A 1 109 ASP 109 109 109 ASP ASP A . n 
A 1 110 GLY 110 110 110 GLY GLY A . n 
A 1 111 ASP 111 111 111 ASP ASP A . n 
A 1 112 LYS 112 112 112 LYS LYS A . n 
A 1 113 LEU 113 113 113 LEU LEU A . n 
A 1 114 VAL 114 114 114 VAL VAL A . n 
A 1 115 VAL 115 115 115 VAL VAL A . n 
A 1 116 GLU 116 116 116 GLU GLU A . n 
A 1 117 CSD 117 117 117 CSD CSD A . n 
A 1 118 VAL 118 118 118 VAL VAL A . n 
A 1 119 MET 119 119 119 MET MET A . n 
A 1 120 LYS 120 120 120 LYS LYS A . n 
A 1 121 GLY 121 121 121 GLY GLY A . n 
A 1 122 VAL 122 122 122 VAL VAL A . n 
A 1 123 THR 123 123 123 THR THR A . n 
A 1 124 SER 124 124 124 SER SER A . n 
A 1 125 THR 125 125 125 THR THR A . n 
A 1 126 ARG 126 126 126 ARG ARG A . n 
A 1 127 VAL 127 127 127 VAL VAL A . n 
A 1 128 TYR 128 128 128 TYR TYR A . n 
A 1 129 GLU 129 129 129 GLU GLU A . n 
A 1 130 ARG 130 130 130 ARG ARG A . n 
A 1 131 ALA 131 131 131 ALA ALA A . n 
# 
loop_
_pdbx_nonpoly_scheme.asym_id 
_pdbx_nonpoly_scheme.entity_id 
_pdbx_nonpoly_scheme.mon_id 
_pdbx_nonpoly_scheme.ndb_seq_num 
_pdbx_nonpoly_scheme.pdb_seq_num 
_pdbx_nonpoly_scheme.auth_seq_num 
_pdbx_nonpoly_scheme.pdb_mon_id 
_pdbx_nonpoly_scheme.auth_mon_id 
_pdbx_nonpoly_scheme.pdb_strand_id 
_pdbx_nonpoly_scheme.pdb_ins_code 
B 2 ACD 1  135  132  ACD ACD A . 
C 3 PPI 1  136  133  PPI PPI A . 
D 4 HOH 1  1003 1003 HOH HOH A . 
D 4 HOH 2  1007 1007 HOH HOH A . 
D 4 HOH 3  1011 1011 HOH HOH A . 
D 4 HOH 4  1013 1013 HOH HOH A . 
D 4 HOH 5  1014 1014 HOH HOH A . 
D 4 HOH 6  1015 1015 HOH HOH A . 
D 4 HOH 7  1017 1017 HOH HOH A . 
D 4 HOH 8  1018 1018 HOH HOH A . 
D 4 HOH 9  1027 1027 HOH HOH A . 
D 4 HOH 10 1030 1030 HOH HOH A . 
D 4 HOH 11 1041 1041 HOH HOH A . 
D 4 HOH 12 1042 1042 HOH HOH A . 
D 4 HOH 13 1043 1043 HOH HOH A . 
D 4 HOH 14 1044 1044 HOH HOH A . 
D 4 HOH 15 1045 1045 HOH HOH A . 
D 4 HOH 16 1047 1047 HOH HOH A . 
D 4 HOH 17 1048 1048 HOH HOH A . 
D 4 HOH 18 1055 1055 HOH HOH A . 
D 4 HOH 19 1059 1059 HOH HOH A . 
D 4 HOH 20 1060 1060 HOH HOH A . 
D 4 HOH 21 1061 1061 HOH HOH A . 
D 4 HOH 22 1065 1065 HOH HOH A . 
D 4 HOH 23 1068 1068 HOH HOH A . 
D 4 HOH 24 1069 1069 HOH HOH A . 
D 4 HOH 25 1071 1071 HOH HOH A . 
D 4 HOH 26 1072 1072 HOH HOH A . 
D 4 HOH 27 1073 1073 HOH HOH A . 
D 4 HOH 28 1075 1075 HOH HOH A . 
D 4 HOH 29 1076 1076 HOH HOH A . 
D 4 HOH 30 1077 1077 HOH HOH A . 
D 4 HOH 31 1079 1079 HOH HOH A . 
D 4 HOH 32 1081 1081 HOH HOH A . 
D 4 HOH 33 1085 1085 HOH HOH A . 
D 4 HOH 34 1087 1087 HOH HOH A . 
D 4 HOH 35 1088 1088 HOH HOH A . 
D 4 HOH 36 1089 1089 HOH HOH A . 
D 4 HOH 37 1095 1095 HOH HOH A . 
D 4 HOH 38 1096 1096 HOH HOH A . 
D 4 HOH 39 1100 1100 HOH HOH A . 
D 4 HOH 40 1101 1101 HOH HOH A . 
D 4 HOH 41 1103 1103 HOH HOH A . 
D 4 HOH 42 1105 1105 HOH HOH A . 
D 4 HOH 43 1106 1106 HOH HOH A . 
D 4 HOH 44 1108 1108 HOH HOH A . 
D 4 HOH 45 1109 1109 HOH HOH A . 
D 4 HOH 46 1111 1111 HOH HOH A . 
D 4 HOH 47 1118 1118 HOH HOH A . 
D 4 HOH 48 1121 1121 HOH HOH A . 
D 4 HOH 49 1123 1123 HOH HOH A . 
D 4 HOH 50 1125 1125 HOH HOH A . 
D 4 HOH 51 1128 1128 HOH HOH A . 
D 4 HOH 52 1130 1130 HOH HOH A . 
D 4 HOH 53 2002 2002 HOH HOH A . 
D 4 HOH 54 2003 2003 HOH HOH A . 
D 4 HOH 55 2007 2007 HOH HOH A . 
D 4 HOH 56 2018 2018 HOH HOH A . 
D 4 HOH 57 2044 2044 HOH HOH A . 
D 4 HOH 58 2059 2059 HOH HOH A . 
D 4 HOH 59 2060 2060 HOH HOH A . 
D 4 HOH 60 2061 2061 HOH HOH A . 
D 4 HOH 61 2063 2063 HOH HOH A . 
D 4 HOH 62 2071 2071 HOH HOH A . 
D 4 HOH 63 2072 2072 HOH HOH A . 
D 4 HOH 64 2073 2073 HOH HOH A . 
D 4 HOH 65 2087 2087 HOH HOH A . 
D 4 HOH 66 2089 2089 HOH HOH A . 
D 4 HOH 67 2095 2095 HOH HOH A . 
D 4 HOH 68 2101 2101 HOH HOH A . 
D 4 HOH 69 2106 2106 HOH HOH A . 
D 4 HOH 70 2109 2109 HOH HOH A . 
D 4 HOH 71 2123 2123 HOH HOH A . 
D 4 HOH 72 2126 2126 HOH HOH A . 
D 4 HOH 73 2130 2130 HOH HOH A . 
D 4 HOH 74 3071 3071 HOH HOH A . 
D 4 HOH 75 3089 3089 HOH HOH A . 
D 4 HOH 76 3111 3111 HOH HOH A . 
D 4 HOH 77 4071 4071 HOH HOH A . 
D 4 HOH 78 4111 4111 HOH HOH A . 
D 4 HOH 79 4130 4130 HOH HOH A . 
D 4 HOH 80 8003 8003 HOH HOH A . 
D 4 HOH 81 8017 8017 HOH HOH A . 
D 4 HOH 82 8063 8063 HOH HOH A . 
D 4 HOH 83 9015 9015 HOH HOH A . 
D 4 HOH 84 9027 9027 HOH HOH A . 
D 4 HOH 85 9060 9060 HOH HOH A . 
D 4 HOH 86 9063 9063 HOH HOH A . 
D 4 HOH 87 9065 9065 HOH HOH A . 
D 4 HOH 88 9071 9071 HOH HOH A . 
D 4 HOH 89 9073 9073 HOH HOH A . 
D 4 HOH 90 9130 9130 HOH HOH A . 
# 
loop_
_pdbx_unobs_or_zero_occ_atoms.id 
_pdbx_unobs_or_zero_occ_atoms.PDB_model_num 
_pdbx_unobs_or_zero_occ_atoms.polymer_flag 
_pdbx_unobs_or_zero_occ_atoms.occupancy_flag 
_pdbx_unobs_or_zero_occ_atoms.auth_asym_id 
_pdbx_unobs_or_zero_occ_atoms.auth_comp_id 
_pdbx_unobs_or_zero_occ_atoms.auth_seq_id 
_pdbx_unobs_or_zero_occ_atoms.PDB_ins_code 
_pdbx_unobs_or_zero_occ_atoms.auth_atom_id 
_pdbx_unobs_or_zero_occ_atoms.label_alt_id 
_pdbx_unobs_or_zero_occ_atoms.label_asym_id 
_pdbx_unobs_or_zero_occ_atoms.label_comp_id 
_pdbx_unobs_or_zero_occ_atoms.label_seq_id 
_pdbx_unobs_or_zero_occ_atoms.label_atom_id 
1  1 Y 0 A LYS 9   ? CE ? A LYS 9   CE 
2  1 Y 0 A LYS 9   ? NZ ? A LYS 9   NZ 
3  1 Y 0 A LYS 37  ? CG ? A LYS 37  CG 
4  1 Y 0 A LYS 37  ? CD ? A LYS 37  CD 
5  1 Y 0 A LYS 37  ? CE ? A LYS 37  CE 
6  1 Y 0 A LYS 37  ? NZ ? A LYS 37  NZ 
7  1 Y 0 A LYS 79  ? CG ? A LYS 79  CG 
8  1 Y 0 A LYS 79  ? CD ? A LYS 79  CD 
9  1 Y 0 A LYS 79  ? CE ? A LYS 79  CE 
10 1 Y 0 A LYS 79  ? NZ ? A LYS 79  NZ 
11 1 Y 0 A LYS 100 ? NZ ? A LYS 100 NZ 
12 1 Y 0 A LYS 105 ? NZ ? A LYS 105 NZ 
13 1 Y 0 A LYS 120 ? CD ? A LYS 120 CD 
14 1 Y 0 A LYS 120 ? CE ? A LYS 120 CE 
15 1 Y 0 A LYS 120 ? NZ ? A LYS 120 NZ 
# 
loop_
_software.name 
_software.classification 
_software.version 
_software.citation_id 
_software.pdbx_ordinal 
X-PLOR 'model building' . ? 1 
X-PLOR refinement       . ? 2 
X-PLOR phasing          . ? 3 
# 
_cell.entry_id           1ADL 
_cell.length_a           120.540 
_cell.length_b           37.700 
_cell.length_c           28.570 
_cell.angle_alpha        90.00 
_cell.angle_beta         92.34 
_cell.angle_gamma        90.00 
_cell.Z_PDB              4 
_cell.pdbx_unique_axis   ? 
# 
_symmetry.entry_id                         1ADL 
_symmetry.space_group_name_H-M             'C 1 2 1' 
_symmetry.pdbx_full_space_group_name_H-M   ? 
_symmetry.cell_setting                     ? 
_symmetry.Int_Tables_number                5 
# 
_exptl.entry_id          1ADL 
_exptl.method            'X-RAY DIFFRACTION' 
_exptl.crystals_number   ? 
# 
_exptl_crystal.id                    1 
_exptl_crystal.density_meas          ? 
_exptl_crystal.density_Matthews      2.23 
_exptl_crystal.density_percent_sol   44.85 
_exptl_crystal.description           ? 
# 
_diffrn.id                     1 
_diffrn.ambient_temp           ? 
_diffrn.ambient_temp_details   ? 
_diffrn.crystal_id             1 
# 
_diffrn_radiation.diffrn_id                        1 
_diffrn_radiation.wavelength_id                    1 
_diffrn_radiation.pdbx_monochromatic_or_laue_m_l   ? 
_diffrn_radiation.monochromator                    ? 
_diffrn_radiation.pdbx_diffrn_protocol             ? 
_diffrn_radiation.pdbx_scattering_type             x-ray 
# 
_diffrn_radiation_wavelength.id           1 
_diffrn_radiation_wavelength.wavelength   . 
_diffrn_radiation_wavelength.wt           1.0 
# 
_refine.entry_id                                 1ADL 
_refine.ls_number_reflns_obs                     16731 
_refine.ls_number_reflns_all                     ? 
_refine.pdbx_ls_sigma_I                          ? 
_refine.pdbx_ls_sigma_F                          1.0 
_refine.pdbx_data_cutoff_high_absF               ? 
_refine.pdbx_data_cutoff_low_absF                ? 
_refine.pdbx_data_cutoff_high_rms_absF           ? 
_refine.ls_d_res_low                             10. 
_refine.ls_d_res_high                            1.6 
_refine.ls_percent_reflns_obs                    ? 
_refine.ls_R_factor_obs                          0.1880000 
_refine.ls_R_factor_all                          ? 
_refine.ls_R_factor_R_work                       0.1880000 
_refine.ls_R_factor_R_free                       0.2200000 
_refine.ls_R_factor_R_free_error                 ? 
_refine.ls_R_factor_R_free_error_details         ? 
_refine.ls_percent_reflns_R_free                 ? 
_refine.ls_number_reflns_R_free                  ? 
_refine.ls_number_parameters                     ? 
_refine.ls_number_restraints                     ? 
_refine.occupancy_min                            ? 
_refine.occupancy_max                            ? 
_refine.B_iso_mean                               ? 
_refine.aniso_B[1][1]                            ? 
_refine.aniso_B[2][2]                            ? 
_refine.aniso_B[3][3]                            ? 
_refine.aniso_B[1][2]                            ? 
_refine.aniso_B[1][3]                            ? 
_refine.aniso_B[2][3]                            ? 
_refine.solvent_model_details                    ? 
_refine.solvent_model_param_ksol                 ? 
_refine.solvent_model_param_bsol                 ? 
_refine.pdbx_ls_cross_valid_method               ? 
_refine.details                                  ? 
_refine.pdbx_starting_model                      ? 
_refine.pdbx_method_to_determine_struct          ? 
_refine.pdbx_isotropic_thermal_model             ? 
_refine.pdbx_stereochemistry_target_values       ? 
_refine.pdbx_stereochem_target_val_spec_case     ? 
_refine.pdbx_R_Free_selection_details            ? 
_refine.pdbx_overall_ESU_R                       ? 
_refine.pdbx_overall_ESU_R_Free                  ? 
_refine.overall_SU_ML                            ? 
_refine.overall_SU_B                             ? 
_refine.pdbx_refine_id                           'X-RAY DIFFRACTION' 
_refine.pdbx_diffrn_id                           1 
_refine.pdbx_TLS_residual_ADP_flag               ? 
_refine.correlation_coeff_Fo_to_Fc               ? 
_refine.correlation_coeff_Fo_to_Fc_free          ? 
_refine.pdbx_solvent_vdw_probe_radii             ? 
_refine.pdbx_solvent_ion_probe_radii             ? 
_refine.pdbx_solvent_shrinkage_radii             ? 
_refine.pdbx_overall_phase_error                 ? 
_refine.overall_SU_R_Cruickshank_DPI             ? 
_refine.pdbx_overall_SU_R_free_Cruickshank_DPI   ? 
_refine.pdbx_overall_SU_R_Blow_DPI               ? 
_refine.pdbx_overall_SU_R_free_Blow_DPI          ? 
# 
_refine_hist.pdbx_refine_id                   'X-RAY DIFFRACTION' 
_refine_hist.cycle_id                         LAST 
_refine_hist.pdbx_number_atoms_protein        1031 
_refine_hist.pdbx_number_atoms_nucleic_acid   0 
_refine_hist.pdbx_number_atoms_ligand         30 
_refine_hist.number_atoms_solvent             90 
_refine_hist.number_atoms_total               1151 
_refine_hist.d_res_high                       1.6 
_refine_hist.d_res_low                        10. 
# 
loop_
_refine_ls_restr.type 
_refine_ls_restr.dev_ideal 
_refine_ls_restr.dev_ideal_target 
_refine_ls_restr.weight 
_refine_ls_restr.number 
_refine_ls_restr.pdbx_refine_id 
_refine_ls_restr.pdbx_restraint_function 
x_bond_d                0.007 ? ? ? 'X-RAY DIFFRACTION' ? 
x_bond_d_na             ?     ? ? ? 'X-RAY DIFFRACTION' ? 
x_bond_d_prot           ?     ? ? ? 'X-RAY DIFFRACTION' ? 
x_angle_d               ?     ? ? ? 'X-RAY DIFFRACTION' ? 
x_angle_d_na            ?     ? ? ? 'X-RAY DIFFRACTION' ? 
x_angle_d_prot          ?     ? ? ? 'X-RAY DIFFRACTION' ? 
x_angle_deg             1.39  ? ? ? 'X-RAY DIFFRACTION' ? 
x_angle_deg_na          ?     ? ? ? 'X-RAY DIFFRACTION' ? 
x_angle_deg_prot        ?     ? ? ? 'X-RAY DIFFRACTION' ? 
x_dihedral_angle_d      ?     ? ? ? 'X-RAY DIFFRACTION' ? 
x_dihedral_angle_d_na   ?     ? ? ? 'X-RAY DIFFRACTION' ? 
x_dihedral_angle_d_prot ?     ? ? ? 'X-RAY DIFFRACTION' ? 
x_improper_angle_d      ?     ? ? ? 'X-RAY DIFFRACTION' ? 
x_improper_angle_d_na   ?     ? ? ? 'X-RAY DIFFRACTION' ? 
x_improper_angle_d_prot ?     ? ? ? 'X-RAY DIFFRACTION' ? 
x_mcbond_it             ?     ? ? ? 'X-RAY DIFFRACTION' ? 
x_mcangle_it            ?     ? ? ? 'X-RAY DIFFRACTION' ? 
x_scbond_it             ?     ? ? ? 'X-RAY DIFFRACTION' ? 
x_scangle_it            ?     ? ? ? 'X-RAY DIFFRACTION' ? 
# 
_struct.entry_id                  1ADL 
_struct.title                     
'ADIPOCYTE LIPID BINDING PROTEIN COMPLEXED WITH ARACHIDONIC ACID: X-RAY CRYSTALLOGRAPHIC AND TITRATION CALORIMETRY STUDIES' 
_struct.pdbx_model_details        ? 
_struct.pdbx_CASP_flag            ? 
_struct.pdbx_model_type_details   ? 
# 
_struct_keywords.entry_id        1ADL 
_struct_keywords.pdbx_keywords   'LIPID BINDING PROTEIN' 
_struct_keywords.text            'LIPID-BINDING PROTEIN, LIPID BINDING PROTEIN' 
# 
loop_
_struct_asym.id 
_struct_asym.pdbx_blank_PDB_chainid_flag 
_struct_asym.pdbx_modified 
_struct_asym.entity_id 
_struct_asym.details 
A N N 1 ? 
B N N 2 ? 
C N N 3 ? 
D N N 4 ? 
# 
_struct_ref.id                         1 
_struct_ref.db_name                    UNP 
_struct_ref.db_code                    FABP4_MOUSE 
_struct_ref.pdbx_db_accession          P04117 
_struct_ref.pdbx_db_isoform            ? 
_struct_ref.entity_id                  1 
_struct_ref.pdbx_seq_one_letter_code   
;CDAFVGTWKLVSSENFDDYMKEVGVGFATRKVAGMAKPNMIISVNGDLVTIRSESTFKNTEISFKLGVEFDEITADDRKV
KSIITLDGGALVQVQKWDGKSTTIKRKRDGDKLVVECVMKGVTSTRVYERA
;
_struct_ref.pdbx_align_begin           2 
# 
_struct_ref_seq.align_id                      1 
_struct_ref_seq.ref_id                        1 
_struct_ref_seq.pdbx_PDB_id_code              1ADL 
_struct_ref_seq.pdbx_strand_id                A 
_struct_ref_seq.seq_align_beg                 1 
_struct_ref_seq.pdbx_seq_align_beg_ins_code   ? 
_struct_ref_seq.seq_align_end                 131 
_struct_ref_seq.pdbx_seq_align_end_ins_code   ? 
_struct_ref_seq.pdbx_db_accession             P04117 
_struct_ref_seq.db_align_beg                  2 
_struct_ref_seq.pdbx_db_align_beg_ins_code    ? 
_struct_ref_seq.db_align_end                  132 
_struct_ref_seq.pdbx_db_align_end_ins_code    ? 
_struct_ref_seq.pdbx_auth_seq_align_beg       1 
_struct_ref_seq.pdbx_auth_seq_align_end       131 
# 
_pdbx_struct_assembly.id                   1 
_pdbx_struct_assembly.details              author_defined_assembly 
_pdbx_struct_assembly.method_details       ? 
_pdbx_struct_assembly.oligomeric_details   dimeric 
_pdbx_struct_assembly.oligomeric_count     2 
# 
_pdbx_struct_assembly_gen.assembly_id       1 
_pdbx_struct_assembly_gen.oper_expression   1,2 
_pdbx_struct_assembly_gen.asym_id_list      A,B,C,D 
# 
loop_
_pdbx_struct_oper_list.id 
_pdbx_struct_oper_list.type 
_pdbx_struct_oper_list.name 
_pdbx_struct_oper_list.symmetry_operation 
_pdbx_struct_oper_list.matrix[1][1] 
_pdbx_struct_oper_list.matrix[1][2] 
_pdbx_struct_oper_list.matrix[1][3] 
_pdbx_struct_oper_list.vector[1] 
_pdbx_struct_oper_list.matrix[2][1] 
_pdbx_struct_oper_list.matrix[2][2] 
_pdbx_struct_oper_list.matrix[2][3] 
_pdbx_struct_oper_list.vector[2] 
_pdbx_struct_oper_list.matrix[3][1] 
_pdbx_struct_oper_list.matrix[3][2] 
_pdbx_struct_oper_list.matrix[3][3] 
_pdbx_struct_oper_list.vector[3] 
1 'identity operation'         1_555 x,y,z     1.0000000000  0.0000000000  0.0000000000 0.0000000000  0.0000000000  1.0000000000 0.0000000000  0.0000000000   0.0000000000 0.0000000000  1.0000000000  0.0000000000   
2 'crystal symmetry operation' 2_455 -x-1,y,-z -0.6343582018 -0.6567159976 0.4078158534 -4.7911379162 -0.6567159976 0.1795038304 -0.7324632915 -21.7208990966 0.4078158534 -0.7324632915 -0.5451456286 -30.6820383058 
# 
loop_
_struct_conf.conf_type_id 
_struct_conf.id 
_struct_conf.pdbx_PDB_helix_id 
_struct_conf.beg_label_comp_id 
_struct_conf.beg_label_asym_id 
_struct_conf.beg_label_seq_id 
_struct_conf.pdbx_beg_PDB_ins_code 
_struct_conf.end_label_comp_id 
_struct_conf.end_label_asym_id 
_struct_conf.end_label_seq_id 
_struct_conf.pdbx_end_PDB_ins_code 
_struct_conf.beg_auth_comp_id 
_struct_conf.beg_auth_asym_id 
_struct_conf.beg_auth_seq_id 
_struct_conf.end_auth_comp_id 
_struct_conf.end_auth_asym_id 
_struct_conf.end_auth_seq_id 
_struct_conf.pdbx_PDB_helix_class 
_struct_conf.details 
_struct_conf.pdbx_PDB_helix_length 
HELX_P HELX_P1 H1 PHE A 16 ? VAL A 23 ? PHE A 16 VAL A 23 1 ? 8 
HELX_P HELX_P2 H2 PHE A 27 ? MET A 35 ? PHE A 27 MET A 35 1 ? 9 
# 
_struct_conf_type.id          HELX_P 
_struct_conf_type.criteria    ? 
_struct_conf_type.reference   ? 
# 
loop_
_struct_conn.id 
_struct_conn.conn_type_id 
_struct_conn.pdbx_leaving_atom_flag 
_struct_conn.pdbx_PDB_id 
_struct_conn.ptnr1_label_asym_id 
_struct_conn.ptnr1_label_comp_id 
_struct_conn.ptnr1_label_seq_id 
_struct_conn.ptnr1_label_atom_id 
_struct_conn.pdbx_ptnr1_label_alt_id 
_struct_conn.pdbx_ptnr1_PDB_ins_code 
_struct_conn.pdbx_ptnr1_standard_comp_id 
_struct_conn.ptnr1_symmetry 
_struct_conn.ptnr2_label_asym_id 
_struct_conn.ptnr2_label_comp_id 
_struct_conn.ptnr2_label_seq_id 
_struct_conn.ptnr2_label_atom_id 
_struct_conn.pdbx_ptnr2_label_alt_id 
_struct_conn.pdbx_ptnr2_PDB_ins_code 
_struct_conn.ptnr1_auth_asym_id 
_struct_conn.ptnr1_auth_comp_id 
_struct_conn.ptnr1_auth_seq_id 
_struct_conn.ptnr2_auth_asym_id 
_struct_conn.ptnr2_auth_comp_id 
_struct_conn.ptnr2_auth_seq_id 
_struct_conn.ptnr2_symmetry 
_struct_conn.pdbx_ptnr3_label_atom_id 
_struct_conn.pdbx_ptnr3_label_seq_id 
_struct_conn.pdbx_ptnr3_label_comp_id 
_struct_conn.pdbx_ptnr3_label_asym_id 
_struct_conn.pdbx_ptnr3_label_alt_id 
_struct_conn.pdbx_ptnr3_PDB_ins_code 
_struct_conn.details 
_struct_conn.pdbx_dist_value 
_struct_conn.pdbx_value_order 
_struct_conn.pdbx_role 
covale1 covale both ? A ASN 39  C ? ? ? 1_555 A MHO 40  N ? ? A ASN 39  A MHO 40  1_555 ? ? ? ? ? ? ? 1.327 ? ? 
covale2 covale both ? A MHO 40  C ? ? ? 1_555 A ILE 41  N ? ? A MHO 40  A ILE 41  1_555 ? ? ? ? ? ? ? 1.326 ? ? 
covale3 covale both ? A GLU 116 C ? ? ? 1_555 A CSD 117 N ? ? A GLU 116 A CSD 117 1_555 ? ? ? ? ? ? ? 1.327 ? ? 
covale4 covale both ? A CSD 117 C ? ? ? 1_555 A VAL 118 N ? ? A CSD 117 A VAL 118 1_555 ? ? ? ? ? ? ? 1.325 ? ? 
# 
_struct_conn_type.id          covale 
_struct_conn_type.criteria    ? 
_struct_conn_type.reference   ? 
# 
loop_
_pdbx_modification_feature.ordinal 
_pdbx_modification_feature.label_comp_id 
_pdbx_modification_feature.label_asym_id 
_pdbx_modification_feature.label_seq_id 
_pdbx_modification_feature.label_alt_id 
_pdbx_modification_feature.modified_residue_label_comp_id 
_pdbx_modification_feature.modified_residue_label_asym_id 
_pdbx_modification_feature.modified_residue_label_seq_id 
_pdbx_modification_feature.modified_residue_label_alt_id 
_pdbx_modification_feature.auth_comp_id 
_pdbx_modification_feature.auth_asym_id 
_pdbx_modification_feature.auth_seq_id 
_pdbx_modification_feature.PDB_ins_code 
_pdbx_modification_feature.symmetry 
_pdbx_modification_feature.modified_residue_auth_comp_id 
_pdbx_modification_feature.modified_residue_auth_asym_id 
_pdbx_modification_feature.modified_residue_auth_seq_id 
_pdbx_modification_feature.modified_residue_PDB_ins_code 
_pdbx_modification_feature.modified_residue_symmetry 
_pdbx_modification_feature.comp_id_linking_atom 
_pdbx_modification_feature.modified_residue_id_linking_atom 
_pdbx_modification_feature.modified_residue_id 
_pdbx_modification_feature.ref_pcm_id 
_pdbx_modification_feature.ref_comp_id 
_pdbx_modification_feature.type 
_pdbx_modification_feature.category 
1 MHO A 40  ? . . . . MHO A 40  ? 1_555 . . . . . . . MET 1 MHO Oxidation     'Named protein modification' 
2 CSD A 117 ? . . . . CSD A 117 ? 1_555 . . . . . . . CYS 1 CSD Oxidation     'Named protein modification' 
3 CSD A 117 ? . . . . CSD A 117 ? 1_555 . . . . . . . CYS 2 CSD Hydroxylation 'Named protein modification' 
# 
_struct_sheet.id               S1 
_struct_sheet.type             ? 
_struct_sheet.number_strands   11 
_struct_sheet.details          ? 
# 
loop_
_struct_sheet_order.sheet_id 
_struct_sheet_order.range_id_1 
_struct_sheet_order.range_id_2 
_struct_sheet_order.offset 
_struct_sheet_order.sense 
S1 1  2  ? anti-parallel 
S1 2  3  ? anti-parallel 
S1 3  4  ? anti-parallel 
S1 4  5  ? anti-parallel 
S1 5  6  ? anti-parallel 
S1 6  7  ? anti-parallel 
S1 7  8  ? anti-parallel 
S1 8  9  ? anti-parallel 
S1 9  10 ? anti-parallel 
S1 10 11 ? anti-parallel 
# 
loop_
_struct_sheet_range.sheet_id 
_struct_sheet_range.id 
_struct_sheet_range.beg_label_comp_id 
_struct_sheet_range.beg_label_asym_id 
_struct_sheet_range.beg_label_seq_id 
_struct_sheet_range.pdbx_beg_PDB_ins_code 
_struct_sheet_range.end_label_comp_id 
_struct_sheet_range.end_label_asym_id 
_struct_sheet_range.end_label_seq_id 
_struct_sheet_range.pdbx_end_PDB_ins_code 
_struct_sheet_range.beg_auth_comp_id 
_struct_sheet_range.beg_auth_asym_id 
_struct_sheet_range.beg_auth_seq_id 
_struct_sheet_range.end_auth_comp_id 
_struct_sheet_range.end_auth_asym_id 
_struct_sheet_range.end_auth_seq_id 
S1 1  GLY A 6   ? GLU A 14  ? GLY A 6   GLU A 14  
S1 2  ASN A 39  ? ASN A 45  ? ASN A 39  ASN A 45  
S1 3  LEU A 48  ? GLU A 54  ? LEU A 48  GLU A 54  
S1 4  ASN A 59  ? PHE A 64  ? ASN A 59  PHE A 64  
S1 5  PHE A 70  ? ILE A 73  ? PHE A 70  ILE A 73  
S1 6  LYS A 79  ? ASP A 87  ? LYS A 79  ASP A 87  
S1 7  ALA A 90  ? TRP A 97  ? ALA A 90  TRP A 97  
S1 8  LYS A 100 ? ASP A 109 ? LYS A 100 ASP A 109 
S1 9  LYS A 112 ? MET A 119 ? LYS A 112 MET A 119 
S1 10 VAL A 122 ? ARG A 130 ? VAL A 122 ARG A 130 
S1 11 GLY A 6   ? GLU A 14  ? GLY A 6   GLU A 14  
# 
loop_
_struct_site.id 
_struct_site.pdbx_evidence_code 
_struct_site.pdbx_auth_asym_id 
_struct_site.pdbx_auth_comp_id 
_struct_site.pdbx_auth_seq_id 
_struct_site.pdbx_auth_ins_code 
_struct_site.pdbx_num_residues 
_struct_site.details 
AC2 Software ? ?   ?   ? 1 'BINDING SITE FOR RESIDUE O A 133A'  
AC3 Software ? ?   ?   ? 2 'BINDING SITE FOR RESIDUE O A 134B'  
AC4 Software A ACD 135 ? 8 'BINDING SITE FOR RESIDUE ACD A 135' 
AC5 Software A PPI 136 ? 6 'BINDING SITE FOR RESIDUE PPI A 136' 
# 
loop_
_struct_site_gen.id 
_struct_site_gen.site_id 
_struct_site_gen.pdbx_num_res 
_struct_site_gen.label_comp_id 
_struct_site_gen.label_asym_id 
_struct_site_gen.label_seq_id 
_struct_site_gen.pdbx_auth_ins_code 
_struct_site_gen.auth_comp_id 
_struct_site_gen.auth_asym_id 
_struct_site_gen.auth_seq_id 
_struct_site_gen.label_atom_id 
_struct_site_gen.label_alt_id 
_struct_site_gen.symmetry 
_struct_site_gen.details 
1  AC2 1 CSD A 117 ? CSD A 117  . ? 1_555 ? 
2  AC3 2 CSD A 117 ? CSD A 117  . ? 1_555 ? 
3  AC3 2 ACD B .   ? ACD A 135  . ? 1_555 ? 
4  AC4 8 THR A 29  ? THR A 29   . ? 1_555 ? 
5  AC4 8 ALA A 33  ? ALA A 33   . ? 1_555 ? 
6  AC4 8 ALA A 75  ? ALA A 75   . ? 1_555 ? 
7  AC4 8 ASP A 76  ? ASP A 76   . ? 1_555 ? 
8  AC4 8 ARG A 126 ? ARG A 126  . ? 1_555 ? 
9  AC4 8 TYR A 128 ? TYR A 128  . ? 1_555 ? 
10 AC4 8 HOH D .   ? HOH A 1106 . ? 1_555 ? 
11 AC4 8 HOH D .   ? HOH A 2095 . ? 1_555 ? 
12 AC5 6 SER A 13  ? SER A 13   . ? 1_555 ? 
13 AC5 6 GLU A 14  ? GLU A 14   . ? 1_555 ? 
14 AC5 6 ASN A 15  ? ASN A 15   . ? 1_555 ? 
15 AC5 6 PHE A 16  ? PHE A 16   . ? 1_555 ? 
16 AC5 6 ASP A 17  ? ASP A 17   . ? 1_555 ? 
17 AC5 6 HOH D .   ? HOH A 1018 . ? 1_555 ? 
# 
_pdbx_entry_details.entry_id                   1ADL 
_pdbx_entry_details.compound_details           'CYS 117 IS PARTIALLY OXIDIZED.' 
_pdbx_entry_details.source_details             ? 
_pdbx_entry_details.nonpolymer_details         
;AN UNKNOWN COMPOUND MODELED AS PROPANOIC ACID (PPI) WAS
FOUND IN THE ELECTRON DENSITY MAP.
;
_pdbx_entry_details.sequence_details           ? 
_pdbx_entry_details.has_ligand_of_interest     ? 
_pdbx_entry_details.has_protein_modification   Y 
# 
_pdbx_validate_torsion.id              1 
_pdbx_validate_torsion.PDB_model_num   1 
_pdbx_validate_torsion.auth_comp_id    LYS 
_pdbx_validate_torsion.auth_asym_id    A 
_pdbx_validate_torsion.auth_seq_id     37 
_pdbx_validate_torsion.PDB_ins_code    ? 
_pdbx_validate_torsion.label_alt_id    ? 
_pdbx_validate_torsion.phi             -116.73 
_pdbx_validate_torsion.psi             78.55 
# 
loop_
_pdbx_struct_mod_residue.id 
_pdbx_struct_mod_residue.label_asym_id 
_pdbx_struct_mod_residue.label_comp_id 
_pdbx_struct_mod_residue.label_seq_id 
_pdbx_struct_mod_residue.auth_asym_id 
_pdbx_struct_mod_residue.auth_comp_id 
_pdbx_struct_mod_residue.auth_seq_id 
_pdbx_struct_mod_residue.PDB_ins_code 
_pdbx_struct_mod_residue.parent_comp_id 
_pdbx_struct_mod_residue.details 
1 A MHO 40  A MHO 40  ? MET 'modified residue' 
2 A CSD 117 A CSD 117 ? CYS 'modified residue' 
# 
loop_
_chem_comp_atom.comp_id 
_chem_comp_atom.atom_id 
_chem_comp_atom.type_symbol 
_chem_comp_atom.pdbx_aromatic_flag 
_chem_comp_atom.pdbx_stereo_config 
_chem_comp_atom.pdbx_ordinal 
ACD C1   C N N 1   
ACD C2   C N N 2   
ACD C3   C N N 3   
ACD C4   C N N 4   
ACD C5   C N N 5   
ACD C6   C N N 6   
ACD C7   C N N 7   
ACD C8   C N N 8   
ACD C9   C N N 9   
ACD C10  C N N 10  
ACD C11  C N N 11  
ACD C12  C N N 12  
ACD C13  C N N 13  
ACD C14  C N N 14  
ACD C15  C N N 15  
ACD C16  C N N 16  
ACD C17  C N N 17  
ACD C18  C N N 18  
ACD C19  C N N 19  
ACD C20  C N N 20  
ACD O1   O N N 21  
ACD O2   O N N 22  
ACD H21  H N N 23  
ACD H22  H N N 24  
ACD H31  H N N 25  
ACD H32  H N N 26  
ACD H41  H N N 27  
ACD H42  H N N 28  
ACD H5   H N N 29  
ACD H6   H N N 30  
ACD H71  H N N 31  
ACD H72  H N N 32  
ACD H8   H N N 33  
ACD H9   H N N 34  
ACD H101 H N N 35  
ACD H102 H N N 36  
ACD H11  H N N 37  
ACD H12  H N N 38  
ACD H131 H N N 39  
ACD H132 H N N 40  
ACD H14  H N N 41  
ACD H15  H N N 42  
ACD H161 H N N 43  
ACD H162 H N N 44  
ACD H171 H N N 45  
ACD H172 H N N 46  
ACD H181 H N N 47  
ACD H182 H N N 48  
ACD H191 H N N 49  
ACD H192 H N N 50  
ACD H201 H N N 51  
ACD H202 H N N 52  
ACD H203 H N N 53  
ACD HO2  H N N 54  
ALA N    N N N 55  
ALA CA   C N S 56  
ALA C    C N N 57  
ALA O    O N N 58  
ALA CB   C N N 59  
ALA OXT  O N N 60  
ALA H    H N N 61  
ALA H2   H N N 62  
ALA HA   H N N 63  
ALA HB1  H N N 64  
ALA HB2  H N N 65  
ALA HB3  H N N 66  
ALA HXT  H N N 67  
ARG N    N N N 68  
ARG CA   C N S 69  
ARG C    C N N 70  
ARG O    O N N 71  
ARG CB   C N N 72  
ARG CG   C N N 73  
ARG CD   C N N 74  
ARG NE   N N N 75  
ARG CZ   C N N 76  
ARG NH1  N N N 77  
ARG NH2  N N N 78  
ARG OXT  O N N 79  
ARG H    H N N 80  
ARG H2   H N N 81  
ARG HA   H N N 82  
ARG HB2  H N N 83  
ARG HB3  H N N 84  
ARG HG2  H N N 85  
ARG HG3  H N N 86  
ARG HD2  H N N 87  
ARG HD3  H N N 88  
ARG HE   H N N 89  
ARG HH11 H N N 90  
ARG HH12 H N N 91  
ARG HH21 H N N 92  
ARG HH22 H N N 93  
ARG HXT  H N N 94  
ASN N    N N N 95  
ASN CA   C N S 96  
ASN C    C N N 97  
ASN O    O N N 98  
ASN CB   C N N 99  
ASN CG   C N N 100 
ASN OD1  O N N 101 
ASN ND2  N N N 102 
ASN OXT  O N N 103 
ASN H    H N N 104 
ASN H2   H N N 105 
ASN HA   H N N 106 
ASN HB2  H N N 107 
ASN HB3  H N N 108 
ASN HD21 H N N 109 
ASN HD22 H N N 110 
ASN HXT  H N N 111 
ASP N    N N N 112 
ASP CA   C N S 113 
ASP C    C N N 114 
ASP O    O N N 115 
ASP CB   C N N 116 
ASP CG   C N N 117 
ASP OD1  O N N 118 
ASP OD2  O N N 119 
ASP OXT  O N N 120 
ASP H    H N N 121 
ASP H2   H N N 122 
ASP HA   H N N 123 
ASP HB2  H N N 124 
ASP HB3  H N N 125 
ASP HD2  H N N 126 
ASP HXT  H N N 127 
CSD N    N N N 128 
CSD CA   C N R 129 
CSD CB   C N N 130 
CSD SG   S N N 131 
CSD C    C N N 132 
CSD O    O N N 133 
CSD OXT  O N N 134 
CSD OD1  O N N 135 
CSD OD2  O N N 136 
CSD H    H N N 137 
CSD H2   H N N 138 
CSD HA   H N N 139 
CSD HB2  H N N 140 
CSD HB3  H N N 141 
CSD HXT  H N N 142 
CSD HD2  H N N 143 
CYS N    N N N 144 
CYS CA   C N R 145 
CYS C    C N N 146 
CYS O    O N N 147 
CYS CB   C N N 148 
CYS SG   S N N 149 
CYS OXT  O N N 150 
CYS H    H N N 151 
CYS H2   H N N 152 
CYS HA   H N N 153 
CYS HB2  H N N 154 
CYS HB3  H N N 155 
CYS HG   H N N 156 
CYS HXT  H N N 157 
GLN N    N N N 158 
GLN CA   C N S 159 
GLN C    C N N 160 
GLN O    O N N 161 
GLN CB   C N N 162 
GLN CG   C N N 163 
GLN CD   C N N 164 
GLN OE1  O N N 165 
GLN NE2  N N N 166 
GLN OXT  O N N 167 
GLN H    H N N 168 
GLN H2   H N N 169 
GLN HA   H N N 170 
GLN HB2  H N N 171 
GLN HB3  H N N 172 
GLN HG2  H N N 173 
GLN HG3  H N N 174 
GLN HE21 H N N 175 
GLN HE22 H N N 176 
GLN HXT  H N N 177 
GLU N    N N N 178 
GLU CA   C N S 179 
GLU C    C N N 180 
GLU O    O N N 181 
GLU CB   C N N 182 
GLU CG   C N N 183 
GLU CD   C N N 184 
GLU OE1  O N N 185 
GLU OE2  O N N 186 
GLU OXT  O N N 187 
GLU H    H N N 188 
GLU H2   H N N 189 
GLU HA   H N N 190 
GLU HB2  H N N 191 
GLU HB3  H N N 192 
GLU HG2  H N N 193 
GLU HG3  H N N 194 
GLU HE2  H N N 195 
GLU HXT  H N N 196 
GLY N    N N N 197 
GLY CA   C N N 198 
GLY C    C N N 199 
GLY O    O N N 200 
GLY OXT  O N N 201 
GLY H    H N N 202 
GLY H2   H N N 203 
GLY HA2  H N N 204 
GLY HA3  H N N 205 
GLY HXT  H N N 206 
HOH O    O N N 207 
HOH H1   H N N 208 
HOH H2   H N N 209 
ILE N    N N N 210 
ILE CA   C N S 211 
ILE C    C N N 212 
ILE O    O N N 213 
ILE CB   C N S 214 
ILE CG1  C N N 215 
ILE CG2  C N N 216 
ILE CD1  C N N 217 
ILE OXT  O N N 218 
ILE H    H N N 219 
ILE H2   H N N 220 
ILE HA   H N N 221 
ILE HB   H N N 222 
ILE HG12 H N N 223 
ILE HG13 H N N 224 
ILE HG21 H N N 225 
ILE HG22 H N N 226 
ILE HG23 H N N 227 
ILE HD11 H N N 228 
ILE HD12 H N N 229 
ILE HD13 H N N 230 
ILE HXT  H N N 231 
LEU N    N N N 232 
LEU CA   C N S 233 
LEU C    C N N 234 
LEU O    O N N 235 
LEU CB   C N N 236 
LEU CG   C N N 237 
LEU CD1  C N N 238 
LEU CD2  C N N 239 
LEU OXT  O N N 240 
LEU H    H N N 241 
LEU H2   H N N 242 
LEU HA   H N N 243 
LEU HB2  H N N 244 
LEU HB3  H N N 245 
LEU HG   H N N 246 
LEU HD11 H N N 247 
LEU HD12 H N N 248 
LEU HD13 H N N 249 
LEU HD21 H N N 250 
LEU HD22 H N N 251 
LEU HD23 H N N 252 
LEU HXT  H N N 253 
LYS N    N N N 254 
LYS CA   C N S 255 
LYS C    C N N 256 
LYS O    O N N 257 
LYS CB   C N N 258 
LYS CG   C N N 259 
LYS CD   C N N 260 
LYS CE   C N N 261 
LYS NZ   N N N 262 
LYS OXT  O N N 263 
LYS H    H N N 264 
LYS H2   H N N 265 
LYS HA   H N N 266 
LYS HB2  H N N 267 
LYS HB3  H N N 268 
LYS HG2  H N N 269 
LYS HG3  H N N 270 
LYS HD2  H N N 271 
LYS HD3  H N N 272 
LYS HE2  H N N 273 
LYS HE3  H N N 274 
LYS HZ1  H N N 275 
LYS HZ2  H N N 276 
LYS HZ3  H N N 277 
LYS HXT  H N N 278 
MET N    N N N 279 
MET CA   C N S 280 
MET C    C N N 281 
MET O    O N N 282 
MET CB   C N N 283 
MET CG   C N N 284 
MET SD   S N N 285 
MET CE   C N N 286 
MET OXT  O N N 287 
MET H    H N N 288 
MET H2   H N N 289 
MET HA   H N N 290 
MET HB2  H N N 291 
MET HB3  H N N 292 
MET HG2  H N N 293 
MET HG3  H N N 294 
MET HE1  H N N 295 
MET HE2  H N N 296 
MET HE3  H N N 297 
MET HXT  H N N 298 
MHO N    N N N 299 
MHO CA   C N S 300 
MHO CB   C N N 301 
MHO CG   C N N 302 
MHO SD   S N S 303 
MHO CE   C N N 304 
MHO C    C N N 305 
MHO O    O N N 306 
MHO OXT  O N N 307 
MHO OD1  O N N 308 
MHO H    H N N 309 
MHO H2   H N N 310 
MHO HA   H N N 311 
MHO HB2  H N N 312 
MHO HB3  H N N 313 
MHO HG2  H N N 314 
MHO HG3  H N N 315 
MHO HE1  H N N 316 
MHO HE2  H N N 317 
MHO HE3  H N N 318 
MHO HXT  H N N 319 
PHE N    N N N 320 
PHE CA   C N S 321 
PHE C    C N N 322 
PHE O    O N N 323 
PHE CB   C N N 324 
PHE CG   C Y N 325 
PHE CD1  C Y N 326 
PHE CD2  C Y N 327 
PHE CE1  C Y N 328 
PHE CE2  C Y N 329 
PHE CZ   C Y N 330 
PHE OXT  O N N 331 
PHE H    H N N 332 
PHE H2   H N N 333 
PHE HA   H N N 334 
PHE HB2  H N N 335 
PHE HB3  H N N 336 
PHE HD1  H N N 337 
PHE HD2  H N N 338 
PHE HE1  H N N 339 
PHE HE2  H N N 340 
PHE HZ   H N N 341 
PHE HXT  H N N 342 
PPI C1   C N N 343 
PPI C2   C N N 344 
PPI C3   C N N 345 
PPI O1   O N N 346 
PPI O2   O N N 347 
PPI H21  H N N 348 
PPI H22  H N N 349 
PPI H31  H N N 350 
PPI H32  H N N 351 
PPI H33  H N N 352 
PPI HO2  H N N 353 
PRO N    N N N 354 
PRO CA   C N S 355 
PRO C    C N N 356 
PRO O    O N N 357 
PRO CB   C N N 358 
PRO CG   C N N 359 
PRO CD   C N N 360 
PRO OXT  O N N 361 
PRO H    H N N 362 
PRO HA   H N N 363 
PRO HB2  H N N 364 
PRO HB3  H N N 365 
PRO HG2  H N N 366 
PRO HG3  H N N 367 
PRO HD2  H N N 368 
PRO HD3  H N N 369 
PRO HXT  H N N 370 
SER N    N N N 371 
SER CA   C N S 372 
SER C    C N N 373 
SER O    O N N 374 
SER CB   C N N 375 
SER OG   O N N 376 
SER OXT  O N N 377 
SER H    H N N 378 
SER H2   H N N 379 
SER HA   H N N 380 
SER HB2  H N N 381 
SER HB3  H N N 382 
SER HG   H N N 383 
SER HXT  H N N 384 
THR N    N N N 385 
THR CA   C N S 386 
THR C    C N N 387 
THR O    O N N 388 
THR CB   C N R 389 
THR OG1  O N N 390 
THR CG2  C N N 391 
THR OXT  O N N 392 
THR H    H N N 393 
THR H2   H N N 394 
THR HA   H N N 395 
THR HB   H N N 396 
THR HG1  H N N 397 
THR HG21 H N N 398 
THR HG22 H N N 399 
THR HG23 H N N 400 
THR HXT  H N N 401 
TRP N    N N N 402 
TRP CA   C N S 403 
TRP C    C N N 404 
TRP O    O N N 405 
TRP CB   C N N 406 
TRP CG   C Y N 407 
TRP CD1  C Y N 408 
TRP CD2  C Y N 409 
TRP NE1  N Y N 410 
TRP CE2  C Y N 411 
TRP CE3  C Y N 412 
TRP CZ2  C Y N 413 
TRP CZ3  C Y N 414 
TRP CH2  C Y N 415 
TRP OXT  O N N 416 
TRP H    H N N 417 
TRP H2   H N N 418 
TRP HA   H N N 419 
TRP HB2  H N N 420 
TRP HB3  H N N 421 
TRP HD1  H N N 422 
TRP HE1  H N N 423 
TRP HE3  H N N 424 
TRP HZ2  H N N 425 
TRP HZ3  H N N 426 
TRP HH2  H N N 427 
TRP HXT  H N N 428 
TYR N    N N N 429 
TYR CA   C N S 430 
TYR C    C N N 431 
TYR O    O N N 432 
TYR CB   C N N 433 
TYR CG   C Y N 434 
TYR CD1  C Y N 435 
TYR CD2  C Y N 436 
TYR CE1  C Y N 437 
TYR CE2  C Y N 438 
TYR CZ   C Y N 439 
TYR OH   O N N 440 
TYR OXT  O N N 441 
TYR H    H N N 442 
TYR H2   H N N 443 
TYR HA   H N N 444 
TYR HB2  H N N 445 
TYR HB3  H N N 446 
TYR HD1  H N N 447 
TYR HD2  H N N 448 
TYR HE1  H N N 449 
TYR HE2  H N N 450 
TYR HH   H N N 451 
TYR HXT  H N N 452 
VAL N    N N N 453 
VAL CA   C N S 454 
VAL C    C N N 455 
VAL O    O N N 456 
VAL CB   C N N 457 
VAL CG1  C N N 458 
VAL CG2  C N N 459 
VAL OXT  O N N 460 
VAL H    H N N 461 
VAL H2   H N N 462 
VAL HA   H N N 463 
VAL HB   H N N 464 
VAL HG11 H N N 465 
VAL HG12 H N N 466 
VAL HG13 H N N 467 
VAL HG21 H N N 468 
VAL HG22 H N N 469 
VAL HG23 H N N 470 
VAL HXT  H N N 471 
# 
loop_
_chem_comp_bond.comp_id 
_chem_comp_bond.atom_id_1 
_chem_comp_bond.atom_id_2 
_chem_comp_bond.value_order 
_chem_comp_bond.pdbx_aromatic_flag 
_chem_comp_bond.pdbx_stereo_config 
_chem_comp_bond.pdbx_ordinal 
ACD C1  C2   sing N N 1   
ACD C1  O1   doub N N 2   
ACD C1  O2   sing N N 3   
ACD C2  C3   sing N N 4   
ACD C2  H21  sing N N 5   
ACD C2  H22  sing N N 6   
ACD C3  C4   sing N N 7   
ACD C3  H31  sing N N 8   
ACD C3  H32  sing N N 9   
ACD C4  C5   sing N N 10  
ACD C4  H41  sing N N 11  
ACD C4  H42  sing N N 12  
ACD C5  C6   doub N Z 13  
ACD C5  H5   sing N N 14  
ACD C6  C7   sing N N 15  
ACD C6  H6   sing N N 16  
ACD C7  C8   sing N N 17  
ACD C7  H71  sing N N 18  
ACD C7  H72  sing N N 19  
ACD C8  C9   doub N Z 20  
ACD C8  H8   sing N N 21  
ACD C9  C10  sing N N 22  
ACD C9  H9   sing N N 23  
ACD C10 C11  sing N N 24  
ACD C10 H101 sing N N 25  
ACD C10 H102 sing N N 26  
ACD C11 C12  doub N Z 27  
ACD C11 H11  sing N N 28  
ACD C12 C13  sing N N 29  
ACD C12 H12  sing N N 30  
ACD C13 C14  sing N N 31  
ACD C13 H131 sing N N 32  
ACD C13 H132 sing N N 33  
ACD C14 C15  doub N Z 34  
ACD C14 H14  sing N N 35  
ACD C15 C16  sing N N 36  
ACD C15 H15  sing N N 37  
ACD C16 C17  sing N N 38  
ACD C16 H161 sing N N 39  
ACD C16 H162 sing N N 40  
ACD C17 C18  sing N N 41  
ACD C17 H171 sing N N 42  
ACD C17 H172 sing N N 43  
ACD C18 C19  sing N N 44  
ACD C18 H181 sing N N 45  
ACD C18 H182 sing N N 46  
ACD C19 C20  sing N N 47  
ACD C19 H191 sing N N 48  
ACD C19 H192 sing N N 49  
ACD C20 H201 sing N N 50  
ACD C20 H202 sing N N 51  
ACD C20 H203 sing N N 52  
ACD O2  HO2  sing N N 53  
ALA N   CA   sing N N 54  
ALA N   H    sing N N 55  
ALA N   H2   sing N N 56  
ALA CA  C    sing N N 57  
ALA CA  CB   sing N N 58  
ALA CA  HA   sing N N 59  
ALA C   O    doub N N 60  
ALA C   OXT  sing N N 61  
ALA CB  HB1  sing N N 62  
ALA CB  HB2  sing N N 63  
ALA CB  HB3  sing N N 64  
ALA OXT HXT  sing N N 65  
ARG N   CA   sing N N 66  
ARG N   H    sing N N 67  
ARG N   H2   sing N N 68  
ARG CA  C    sing N N 69  
ARG CA  CB   sing N N 70  
ARG CA  HA   sing N N 71  
ARG C   O    doub N N 72  
ARG C   OXT  sing N N 73  
ARG CB  CG   sing N N 74  
ARG CB  HB2  sing N N 75  
ARG CB  HB3  sing N N 76  
ARG CG  CD   sing N N 77  
ARG CG  HG2  sing N N 78  
ARG CG  HG3  sing N N 79  
ARG CD  NE   sing N N 80  
ARG CD  HD2  sing N N 81  
ARG CD  HD3  sing N N 82  
ARG NE  CZ   sing N N 83  
ARG NE  HE   sing N N 84  
ARG CZ  NH1  sing N N 85  
ARG CZ  NH2  doub N N 86  
ARG NH1 HH11 sing N N 87  
ARG NH1 HH12 sing N N 88  
ARG NH2 HH21 sing N N 89  
ARG NH2 HH22 sing N N 90  
ARG OXT HXT  sing N N 91  
ASN N   CA   sing N N 92  
ASN N   H    sing N N 93  
ASN N   H2   sing N N 94  
ASN CA  C    sing N N 95  
ASN CA  CB   sing N N 96  
ASN CA  HA   sing N N 97  
ASN C   O    doub N N 98  
ASN C   OXT  sing N N 99  
ASN CB  CG   sing N N 100 
ASN CB  HB2  sing N N 101 
ASN CB  HB3  sing N N 102 
ASN CG  OD1  doub N N 103 
ASN CG  ND2  sing N N 104 
ASN ND2 HD21 sing N N 105 
ASN ND2 HD22 sing N N 106 
ASN OXT HXT  sing N N 107 
ASP N   CA   sing N N 108 
ASP N   H    sing N N 109 
ASP N   H2   sing N N 110 
ASP CA  C    sing N N 111 
ASP CA  CB   sing N N 112 
ASP CA  HA   sing N N 113 
ASP C   O    doub N N 114 
ASP C   OXT  sing N N 115 
ASP CB  CG   sing N N 116 
ASP CB  HB2  sing N N 117 
ASP CB  HB3  sing N N 118 
ASP CG  OD1  doub N N 119 
ASP CG  OD2  sing N N 120 
ASP OD2 HD2  sing N N 121 
ASP OXT HXT  sing N N 122 
CSD N   CA   sing N N 123 
CSD N   H    sing N N 124 
CSD N   H2   sing N N 125 
CSD CA  CB   sing N N 126 
CSD CA  C    sing N N 127 
CSD CA  HA   sing N N 128 
CSD CB  SG   sing N N 129 
CSD CB  HB2  sing N N 130 
CSD CB  HB3  sing N N 131 
CSD SG  OD1  doub N N 132 
CSD SG  OD2  sing N N 133 
CSD C   O    doub N N 134 
CSD C   OXT  sing N N 135 
CSD OXT HXT  sing N N 136 
CSD OD2 HD2  sing N N 137 
CYS N   CA   sing N N 138 
CYS N   H    sing N N 139 
CYS N   H2   sing N N 140 
CYS CA  C    sing N N 141 
CYS CA  CB   sing N N 142 
CYS CA  HA   sing N N 143 
CYS C   O    doub N N 144 
CYS C   OXT  sing N N 145 
CYS CB  SG   sing N N 146 
CYS CB  HB2  sing N N 147 
CYS CB  HB3  sing N N 148 
CYS SG  HG   sing N N 149 
CYS OXT HXT  sing N N 150 
GLN N   CA   sing N N 151 
GLN N   H    sing N N 152 
GLN N   H2   sing N N 153 
GLN CA  C    sing N N 154 
GLN CA  CB   sing N N 155 
GLN CA  HA   sing N N 156 
GLN C   O    doub N N 157 
GLN C   OXT  sing N N 158 
GLN CB  CG   sing N N 159 
GLN CB  HB2  sing N N 160 
GLN CB  HB3  sing N N 161 
GLN CG  CD   sing N N 162 
GLN CG  HG2  sing N N 163 
GLN CG  HG3  sing N N 164 
GLN CD  OE1  doub N N 165 
GLN CD  NE2  sing N N 166 
GLN NE2 HE21 sing N N 167 
GLN NE2 HE22 sing N N 168 
GLN OXT HXT  sing N N 169 
GLU N   CA   sing N N 170 
GLU N   H    sing N N 171 
GLU N   H2   sing N N 172 
GLU CA  C    sing N N 173 
GLU CA  CB   sing N N 174 
GLU CA  HA   sing N N 175 
GLU C   O    doub N N 176 
GLU C   OXT  sing N N 177 
GLU CB  CG   sing N N 178 
GLU CB  HB2  sing N N 179 
GLU CB  HB3  sing N N 180 
GLU CG  CD   sing N N 181 
GLU CG  HG2  sing N N 182 
GLU CG  HG3  sing N N 183 
GLU CD  OE1  doub N N 184 
GLU CD  OE2  sing N N 185 
GLU OE2 HE2  sing N N 186 
GLU OXT HXT  sing N N 187 
GLY N   CA   sing N N 188 
GLY N   H    sing N N 189 
GLY N   H2   sing N N 190 
GLY CA  C    sing N N 191 
GLY CA  HA2  sing N N 192 
GLY CA  HA3  sing N N 193 
GLY C   O    doub N N 194 
GLY C   OXT  sing N N 195 
GLY OXT HXT  sing N N 196 
HOH O   H1   sing N N 197 
HOH O   H2   sing N N 198 
ILE N   CA   sing N N 199 
ILE N   H    sing N N 200 
ILE N   H2   sing N N 201 
ILE CA  C    sing N N 202 
ILE CA  CB   sing N N 203 
ILE CA  HA   sing N N 204 
ILE C   O    doub N N 205 
ILE C   OXT  sing N N 206 
ILE CB  CG1  sing N N 207 
ILE CB  CG2  sing N N 208 
ILE CB  HB   sing N N 209 
ILE CG1 CD1  sing N N 210 
ILE CG1 HG12 sing N N 211 
ILE CG1 HG13 sing N N 212 
ILE CG2 HG21 sing N N 213 
ILE CG2 HG22 sing N N 214 
ILE CG2 HG23 sing N N 215 
ILE CD1 HD11 sing N N 216 
ILE CD1 HD12 sing N N 217 
ILE CD1 HD13 sing N N 218 
ILE OXT HXT  sing N N 219 
LEU N   CA   sing N N 220 
LEU N   H    sing N N 221 
LEU N   H2   sing N N 222 
LEU CA  C    sing N N 223 
LEU CA  CB   sing N N 224 
LEU CA  HA   sing N N 225 
LEU C   O    doub N N 226 
LEU C   OXT  sing N N 227 
LEU CB  CG   sing N N 228 
LEU CB  HB2  sing N N 229 
LEU CB  HB3  sing N N 230 
LEU CG  CD1  sing N N 231 
LEU CG  CD2  sing N N 232 
LEU CG  HG   sing N N 233 
LEU CD1 HD11 sing N N 234 
LEU CD1 HD12 sing N N 235 
LEU CD1 HD13 sing N N 236 
LEU CD2 HD21 sing N N 237 
LEU CD2 HD22 sing N N 238 
LEU CD2 HD23 sing N N 239 
LEU OXT HXT  sing N N 240 
LYS N   CA   sing N N 241 
LYS N   H    sing N N 242 
LYS N   H2   sing N N 243 
LYS CA  C    sing N N 244 
LYS CA  CB   sing N N 245 
LYS CA  HA   sing N N 246 
LYS C   O    doub N N 247 
LYS C   OXT  sing N N 248 
LYS CB  CG   sing N N 249 
LYS CB  HB2  sing N N 250 
LYS CB  HB3  sing N N 251 
LYS CG  CD   sing N N 252 
LYS CG  HG2  sing N N 253 
LYS CG  HG3  sing N N 254 
LYS CD  CE   sing N N 255 
LYS CD  HD2  sing N N 256 
LYS CD  HD3  sing N N 257 
LYS CE  NZ   sing N N 258 
LYS CE  HE2  sing N N 259 
LYS CE  HE3  sing N N 260 
LYS NZ  HZ1  sing N N 261 
LYS NZ  HZ2  sing N N 262 
LYS NZ  HZ3  sing N N 263 
LYS OXT HXT  sing N N 264 
MET N   CA   sing N N 265 
MET N   H    sing N N 266 
MET N   H2   sing N N 267 
MET CA  C    sing N N 268 
MET CA  CB   sing N N 269 
MET CA  HA   sing N N 270 
MET C   O    doub N N 271 
MET C   OXT  sing N N 272 
MET CB  CG   sing N N 273 
MET CB  HB2  sing N N 274 
MET CB  HB3  sing N N 275 
MET CG  SD   sing N N 276 
MET CG  HG2  sing N N 277 
MET CG  HG3  sing N N 278 
MET SD  CE   sing N N 279 
MET CE  HE1  sing N N 280 
MET CE  HE2  sing N N 281 
MET CE  HE3  sing N N 282 
MET OXT HXT  sing N N 283 
MHO N   CA   sing N N 284 
MHO N   H    sing N N 285 
MHO N   H2   sing N N 286 
MHO CA  CB   sing N N 287 
MHO CA  C    sing N N 288 
MHO CA  HA   sing N N 289 
MHO CB  CG   sing N N 290 
MHO CB  HB2  sing N N 291 
MHO CB  HB3  sing N N 292 
MHO CG  SD   sing N N 293 
MHO CG  HG2  sing N N 294 
MHO CG  HG3  sing N N 295 
MHO SD  CE   sing N N 296 
MHO SD  OD1  doub N N 297 
MHO CE  HE1  sing N N 298 
MHO CE  HE2  sing N N 299 
MHO CE  HE3  sing N N 300 
MHO C   O    doub N N 301 
MHO C   OXT  sing N N 302 
MHO OXT HXT  sing N N 303 
PHE N   CA   sing N N 304 
PHE N   H    sing N N 305 
PHE N   H2   sing N N 306 
PHE CA  C    sing N N 307 
PHE CA  CB   sing N N 308 
PHE CA  HA   sing N N 309 
PHE C   O    doub N N 310 
PHE C   OXT  sing N N 311 
PHE CB  CG   sing N N 312 
PHE CB  HB2  sing N N 313 
PHE CB  HB3  sing N N 314 
PHE CG  CD1  doub Y N 315 
PHE CG  CD2  sing Y N 316 
PHE CD1 CE1  sing Y N 317 
PHE CD1 HD1  sing N N 318 
PHE CD2 CE2  doub Y N 319 
PHE CD2 HD2  sing N N 320 
PHE CE1 CZ   doub Y N 321 
PHE CE1 HE1  sing N N 322 
PHE CE2 CZ   sing Y N 323 
PHE CE2 HE2  sing N N 324 
PHE CZ  HZ   sing N N 325 
PHE OXT HXT  sing N N 326 
PPI C1  C2   sing N N 327 
PPI C1  O1   doub N N 328 
PPI C1  O2   sing N N 329 
PPI C2  C3   sing N N 330 
PPI C2  H21  sing N N 331 
PPI C2  H22  sing N N 332 
PPI C3  H31  sing N N 333 
PPI C3  H32  sing N N 334 
PPI C3  H33  sing N N 335 
PPI O2  HO2  sing N N 336 
PRO N   CA   sing N N 337 
PRO N   CD   sing N N 338 
PRO N   H    sing N N 339 
PRO CA  C    sing N N 340 
PRO CA  CB   sing N N 341 
PRO CA  HA   sing N N 342 
PRO C   O    doub N N 343 
PRO C   OXT  sing N N 344 
PRO CB  CG   sing N N 345 
PRO CB  HB2  sing N N 346 
PRO CB  HB3  sing N N 347 
PRO CG  CD   sing N N 348 
PRO CG  HG2  sing N N 349 
PRO CG  HG3  sing N N 350 
PRO CD  HD2  sing N N 351 
PRO CD  HD3  sing N N 352 
PRO OXT HXT  sing N N 353 
SER N   CA   sing N N 354 
SER N   H    sing N N 355 
SER N   H2   sing N N 356 
SER CA  C    sing N N 357 
SER CA  CB   sing N N 358 
SER CA  HA   sing N N 359 
SER C   O    doub N N 360 
SER C   OXT  sing N N 361 
SER CB  OG   sing N N 362 
SER CB  HB2  sing N N 363 
SER CB  HB3  sing N N 364 
SER OG  HG   sing N N 365 
SER OXT HXT  sing N N 366 
THR N   CA   sing N N 367 
THR N   H    sing N N 368 
THR N   H2   sing N N 369 
THR CA  C    sing N N 370 
THR CA  CB   sing N N 371 
THR CA  HA   sing N N 372 
THR C   O    doub N N 373 
THR C   OXT  sing N N 374 
THR CB  OG1  sing N N 375 
THR CB  CG2  sing N N 376 
THR CB  HB   sing N N 377 
THR OG1 HG1  sing N N 378 
THR CG2 HG21 sing N N 379 
THR CG2 HG22 sing N N 380 
THR CG2 HG23 sing N N 381 
THR OXT HXT  sing N N 382 
TRP N   CA   sing N N 383 
TRP N   H    sing N N 384 
TRP N   H2   sing N N 385 
TRP CA  C    sing N N 386 
TRP CA  CB   sing N N 387 
TRP CA  HA   sing N N 388 
TRP C   O    doub N N 389 
TRP C   OXT  sing N N 390 
TRP CB  CG   sing N N 391 
TRP CB  HB2  sing N N 392 
TRP CB  HB3  sing N N 393 
TRP CG  CD1  doub Y N 394 
TRP CG  CD2  sing Y N 395 
TRP CD1 NE1  sing Y N 396 
TRP CD1 HD1  sing N N 397 
TRP CD2 CE2  doub Y N 398 
TRP CD2 CE3  sing Y N 399 
TRP NE1 CE2  sing Y N 400 
TRP NE1 HE1  sing N N 401 
TRP CE2 CZ2  sing Y N 402 
TRP CE3 CZ3  doub Y N 403 
TRP CE3 HE3  sing N N 404 
TRP CZ2 CH2  doub Y N 405 
TRP CZ2 HZ2  sing N N 406 
TRP CZ3 CH2  sing Y N 407 
TRP CZ3 HZ3  sing N N 408 
TRP CH2 HH2  sing N N 409 
TRP OXT HXT  sing N N 410 
TYR N   CA   sing N N 411 
TYR N   H    sing N N 412 
TYR N   H2   sing N N 413 
TYR CA  C    sing N N 414 
TYR CA  CB   sing N N 415 
TYR CA  HA   sing N N 416 
TYR C   O    doub N N 417 
TYR C   OXT  sing N N 418 
TYR CB  CG   sing N N 419 
TYR CB  HB2  sing N N 420 
TYR CB  HB3  sing N N 421 
TYR CG  CD1  doub Y N 422 
TYR CG  CD2  sing Y N 423 
TYR CD1 CE1  sing Y N 424 
TYR CD1 HD1  sing N N 425 
TYR CD2 CE2  doub Y N 426 
TYR CD2 HD2  sing N N 427 
TYR CE1 CZ   doub Y N 428 
TYR CE1 HE1  sing N N 429 
TYR CE2 CZ   sing Y N 430 
TYR CE2 HE2  sing N N 431 
TYR CZ  OH   sing N N 432 
TYR OH  HH   sing N N 433 
TYR OXT HXT  sing N N 434 
VAL N   CA   sing N N 435 
VAL N   H    sing N N 436 
VAL N   H2   sing N N 437 
VAL CA  C    sing N N 438 
VAL CA  CB   sing N N 439 
VAL CA  HA   sing N N 440 
VAL C   O    doub N N 441 
VAL C   OXT  sing N N 442 
VAL CB  CG1  sing N N 443 
VAL CB  CG2  sing N N 444 
VAL CB  HB   sing N N 445 
VAL CG1 HG11 sing N N 446 
VAL CG1 HG12 sing N N 447 
VAL CG1 HG13 sing N N 448 
VAL CG2 HG21 sing N N 449 
VAL CG2 HG22 sing N N 450 
VAL CG2 HG23 sing N N 451 
VAL OXT HXT  sing N N 452 
# 
_atom_sites.entry_id                    1ADL 
_atom_sites.fract_transf_matrix[1][1]   -0.00167944 
_atom_sites.fract_transf_matrix[1][2]   0.00359430 
_atom_sites.fract_transf_matrix[1][3]   0.00729376 
_atom_sites.fract_transf_matrix[2][1]   -0.01134144 
_atom_sites.fract_transf_matrix[2][2]   0.02036996 
_atom_sites.fract_transf_matrix[2][3]   -0.01264959 
_atom_sites.fract_transf_matrix[3][1]   -0.03112795 
_atom_sites.fract_transf_matrix[3][2]   -0.01590409 
_atom_sites.fract_transf_matrix[3][3]   0.00229812 
_atom_sites.fract_transf_vector[1]      -0.353094 
_atom_sites.fract_transf_vector[2]      1.850019 
_atom_sites.fract_transf_vector[3]      -0.212039 
# 
loop_
_atom_type.symbol 
C 
N 
O 
S 
# 
loop_
_atom_site.group_PDB 
_atom_site.id 
_atom_site.type_symbol 
_atom_site.label_atom_id 
_atom_site.label_alt_id 
_atom_site.label_comp_id 
_atom_site.label_asym_id 
_atom_site.label_entity_id 
_atom_site.label_seq_id 
_atom_site.pdbx_PDB_ins_code 
_atom_site.Cartn_x 
_atom_site.Cartn_y 
_atom_site.Cartn_z 
_atom_site.occupancy 
_atom_site.B_iso_or_equiv 
_atom_site.pdbx_formal_charge 
_atom_site.auth_seq_id 
_atom_site.auth_comp_id 
_atom_site.auth_asym_id 
_atom_site.auth_atom_id 
_atom_site.pdbx_PDB_model_num 
ATOM   1    N N   . CYS A 1 1   ? -1.301  3.879   15.910  1.00 28.61 ? 1    CYS A N   1 
ATOM   2    C CA  . CYS A 1 1   ? -1.205  2.597   15.157  1.00 27.84 ? 1    CYS A CA  1 
ATOM   3    C C   . CYS A 1 1   ? 0.060   1.805   15.524  1.00 24.70 ? 1    CYS A C   1 
ATOM   4    O O   . CYS A 1 1   ? 0.803   1.357   14.649  1.00 23.00 ? 1    CYS A O   1 
ATOM   5    C CB  . CYS A 1 1   ? -1.238  2.895   13.656  1.00 30.05 ? 1    CYS A CB  1 
ATOM   6    S SG  . CYS A 1 1   ? -0.908  4.632   13.265  1.00 34.21 ? 1    CYS A SG  1 
ATOM   7    N N   . ASP A 1 2   ? 0.265   1.589   16.821  1.00 22.99 ? 2    ASP A N   1 
ATOM   8    C CA  . ASP A 1 2   ? 1.429   0.851   17.317  1.00 22.50 ? 2    ASP A CA  1 
ATOM   9    C C   . ASP A 1 2   ? 1.518   -0.593  16.833  1.00 20.20 ? 2    ASP A C   1 
ATOM   10   O O   . ASP A 1 2   ? 2.611   -1.150  16.746  1.00 18.79 ? 2    ASP A O   1 
ATOM   11   C CB  . ASP A 1 2   ? 1.462   0.876   18.845  1.00 28.64 ? 2    ASP A CB  1 
ATOM   12   C CG  . ASP A 1 2   ? 1.770   2.253   19.395  1.00 33.53 ? 2    ASP A CG  1 
ATOM   13   O OD1 . ASP A 1 2   ? 2.972   2.578   19.533  1.00 35.53 ? 2    ASP A OD1 1 
ATOM   14   O OD2 . ASP A 1 2   ? 0.814   3.008   19.679  1.00 37.92 ? 2    ASP A OD2 1 
ATOM   15   N N   . ALA A 1 3   ? 0.368   -1.193  16.532  1.00 16.69 ? 3    ALA A N   1 
ATOM   16   C CA  . ALA A 1 3   ? 0.324   -2.572  16.057  1.00 15.23 ? 3    ALA A CA  1 
ATOM   17   C C   . ALA A 1 3   ? 0.945   -2.722  14.665  1.00 13.50 ? 3    ALA A C   1 
ATOM   18   O O   . ALA A 1 3   ? 1.275   -3.824  14.246  1.00 13.11 ? 3    ALA A O   1 
ATOM   19   C CB  . ALA A 1 3   ? -1.121  -3.065  16.042  1.00 15.53 ? 3    ALA A CB  1 
ATOM   20   N N   . PHE A 1 4   ? 1.103   -1.609  13.959  1.00 10.74 ? 4    PHE A N   1 
ATOM   21   C CA  . PHE A 1 4   ? 1.664   -1.624  12.612  1.00 8.76  ? 4    PHE A CA  1 
ATOM   22   C C   . PHE A 1 4   ? 3.155   -1.320  12.541  1.00 9.60  ? 4    PHE A C   1 
ATOM   23   O O   . PHE A 1 4   ? 3.816   -1.649  11.550  1.00 9.90  ? 4    PHE A O   1 
ATOM   24   C CB  . PHE A 1 4   ? 0.906   -0.626  11.732  1.00 7.41  ? 4    PHE A CB  1 
ATOM   25   C CG  . PHE A 1 4   ? -0.514  -1.013  11.478  1.00 10.61 ? 4    PHE A CG  1 
ATOM   26   C CD1 . PHE A 1 4   ? -0.829  -1.920  10.466  1.00 12.09 ? 4    PHE A CD1 1 
ATOM   27   C CD2 . PHE A 1 4   ? -1.541  -0.499  12.262  1.00 11.39 ? 4    PHE A CD2 1 
ATOM   28   C CE1 . PHE A 1 4   ? -2.148  -2.310  10.245  1.00 12.55 ? 4    PHE A CE1 1 
ATOM   29   C CE2 . PHE A 1 4   ? -2.863  -0.881  12.050  1.00 11.39 ? 4    PHE A CE2 1 
ATOM   30   C CZ  . PHE A 1 4   ? -3.170  -1.789  11.040  1.00 12.72 ? 4    PHE A CZ  1 
ATOM   31   N N   . VAL A 1 5   ? 3.680   -0.700  13.591  1.00 9.04  ? 5    VAL A N   1 
ATOM   32   C CA  . VAL A 1 5   ? 5.081   -0.318  13.627  1.00 9.69  ? 5    VAL A CA  1 
ATOM   33   C C   . VAL A 1 5   ? 6.057   -1.491  13.470  1.00 9.37  ? 5    VAL A C   1 
ATOM   34   O O   . VAL A 1 5   ? 5.912   -2.532  14.114  1.00 11.15 ? 5    VAL A O   1 
ATOM   35   C CB  . VAL A 1 5   ? 5.378   0.498   14.914  1.00 10.31 ? 5    VAL A CB  1 
ATOM   36   C CG1 . VAL A 1 5   ? 6.865   0.819   15.020  1.00 12.92 ? 5    VAL A CG1 1 
ATOM   37   C CG2 . VAL A 1 5   ? 4.561   1.785   14.899  1.00 9.10  ? 5    VAL A CG2 1 
ATOM   38   N N   . GLY A 1 6   ? 7.026   -1.325  12.572  1.00 9.58  ? 6    GLY A N   1 
ATOM   39   C CA  . GLY A 1 6   ? 8.013   -2.360  12.345  1.00 9.73  ? 6    GLY A CA  1 
ATOM   40   C C   . GLY A 1 6   ? 8.372   -2.535  10.887  1.00 10.23 ? 6    GLY A C   1 
ATOM   41   O O   . GLY A 1 6   ? 7.974   -1.730  10.033  1.00 10.22 ? 6    GLY A O   1 
ATOM   42   N N   . THR A 1 7   ? 9.168   -3.563  10.613  1.00 10.29 ? 7    THR A N   1 
ATOM   43   C CA  . THR A 1 7   ? 9.584   -3.889  9.257   1.00 10.67 ? 7    THR A CA  1 
ATOM   44   C C   . THR A 1 7   ? 8.935   -5.219  8.914   1.00 10.95 ? 7    THR A C   1 
ATOM   45   O O   . THR A 1 7   ? 9.020   -6.176  9.687   1.00 11.60 ? 7    THR A O   1 
ATOM   46   C CB  . THR A 1 7   ? 11.103  -3.999  9.152   1.00 11.34 ? 7    THR A CB  1 
ATOM   47   O OG1 . THR A 1 7   ? 11.679  -2.713  9.407   1.00 12.99 ? 7    THR A OG1 1 
ATOM   48   C CG2 . THR A 1 7   ? 11.517  -4.468  7.761   1.00 12.32 ? 7    THR A CG2 1 
ATOM   49   N N   . TRP A 1 8   ? 8.281   -5.261  7.759   1.00 8.69  ? 8    TRP A N   1 
ATOM   50   C CA  . TRP A 1 8   ? 7.559   -6.437  7.302   1.00 8.52  ? 8    TRP A CA  1 
ATOM   51   C C   . TRP A 1 8   ? 8.057   -6.892  5.933   1.00 10.35 ? 8    TRP A C   1 
ATOM   52   O O   . TRP A 1 8   ? 8.433   -6.070  5.095   1.00 12.32 ? 8    TRP A O   1 
ATOM   53   C CB  . TRP A 1 8   ? 6.074   -6.093  7.196   1.00 8.25  ? 8    TRP A CB  1 
ATOM   54   C CG  . TRP A 1 8   ? 5.494   -5.493  8.442   1.00 10.37 ? 8    TRP A CG  1 
ATOM   55   C CD1 . TRP A 1 8   ? 5.580   -4.189  8.850   1.00 9.69  ? 8    TRP A CD1 1 
ATOM   56   C CD2 . TRP A 1 8   ? 4.730   -6.180  9.442   1.00 9.80  ? 8    TRP A CD2 1 
ATOM   57   N NE1 . TRP A 1 8   ? 4.916   -4.022  10.044  1.00 11.22 ? 8    TRP A NE1 1 
ATOM   58   C CE2 . TRP A 1 8   ? 4.383   -5.226  10.430  1.00 11.10 ? 8    TRP A CE2 1 
ATOM   59   C CE3 . TRP A 1 8   ? 4.304   -7.506  9.599   1.00 8.97  ? 8    TRP A CE3 1 
ATOM   60   C CZ2 . TRP A 1 8   ? 3.623   -5.560  11.563  1.00 10.46 ? 8    TRP A CZ2 1 
ATOM   61   C CZ3 . TRP A 1 8   ? 3.551   -7.838  10.723  1.00 11.40 ? 8    TRP A CZ3 1 
ATOM   62   C CH2 . TRP A 1 8   ? 3.217   -6.864  11.691  1.00 10.84 ? 8    TRP A CH2 1 
ATOM   63   N N   . LYS A 1 9   ? 8.051   -8.198  5.702   1.00 9.22  ? 9    LYS A N   1 
ATOM   64   C CA  . LYS A 1 9   ? 8.494   -8.746  4.427   1.00 10.09 ? 9    LYS A CA  1 
ATOM   65   C C   . LYS A 1 9   ? 7.350   -9.507  3.776   1.00 8.44  ? 9    LYS A C   1 
ATOM   66   O O   . LYS A 1 9   ? 6.580   -10.192 4.450   1.00 8.27  ? 9    LYS A O   1 
ATOM   67   C CB  . LYS A 1 9   ? 9.712   -9.657  4.614   1.00 12.69 ? 9    LYS A CB  1 
ATOM   68   C CG  . LYS A 1 9   ? 9.512   -10.798 5.596   1.00 16.66 ? 9    LYS A CG  1 
ATOM   69   C CD  . LYS A 1 9   ? 10.774  -11.639 5.733   1.00 20.35 ? 9    LYS A CD  1 
ATOM   70   C CE  . LYS A 1 9   ? 10.614  -12.801 6.716   0.00 0.00  ? 9    LYS A CE  1 
ATOM   71   N NZ  . LYS A 1 9   ? 11.832  -13.613 6.848   0.00 0.00  ? 9    LYS A NZ  1 
ATOM   72   N N   . LEU A 1 10  ? 7.215   -9.346  2.469   1.00 9.08  ? 10   LEU A N   1 
ATOM   73   C CA  . LEU A 1 10  ? 6.155   -10.008 1.728   1.00 10.39 ? 10   LEU A CA  1 
ATOM   74   C C   . LEU A 1 10  ? 6.310   -11.522 1.757   1.00 11.21 ? 10   LEU A C   1 
ATOM   75   O O   . LEU A 1 10  ? 7.409   -12.039 1.551   1.00 13.53 ? 10   LEU A O   1 
ATOM   76   C CB  . LEU A 1 10  ? 6.156   -9.528  0.277   1.00 10.92 ? 10   LEU A CB  1 
ATOM   77   C CG  . LEU A 1 10  ? 5.042   -10.094 -0.601  1.00 9.98  ? 10   LEU A CG  1 
ATOM   78   C CD1 . LEU A 1 10  ? 3.708   -9.518  -0.169  1.00 9.50  ? 10   LEU A CD1 1 
ATOM   79   C CD2 . LEU A 1 10  ? 5.323   -9.765  -2.052  1.00 13.14 ? 10   LEU A CD2 1 
ATOM   80   N N   . VAL A 1 11  ? 5.222   -12.226 2.046   1.00 9.90  ? 11   VAL A N   1 
ATOM   81   C CA  . VAL A 1 11  ? 5.267   -13.682 2.057   1.00 12.61 ? 11   VAL A CA  1 
ATOM   82   C C   . VAL A 1 11  ? 4.390   -14.291 0.971   1.00 13.67 ? 11   VAL A C   1 
ATOM   83   O O   . VAL A 1 11  ? 4.748   -15.321 0.402   1.00 17.20 ? 11   VAL A O   1 
ATOM   84   C CB  . VAL A 1 11  ? 4.933   -14.289 3.433   1.00 15.31 ? 11   VAL A CB  1 
ATOM   85   C CG1 . VAL A 1 11  ? 5.928   -13.800 4.457   1.00 16.92 ? 11   VAL A CG1 1 
ATOM   86   C CG2 . VAL A 1 11  ? 3.521   -13.963 3.849   1.00 18.32 ? 11   VAL A CG2 1 
ATOM   87   N N   . SER A 1 12  ? 3.259   -13.661 0.664   1.00 11.57 ? 12   SER A N   1 
ATOM   88   C CA  . SER A 1 12  ? 2.380   -14.180 -0.382  1.00 12.59 ? 12   SER A CA  1 
ATOM   89   C C   . SER A 1 12  ? 1.617   -13.059 -1.069  1.00 11.22 ? 12   SER A C   1 
ATOM   90   O O   . SER A 1 12  ? 1.402   -11.995 -0.486  1.00 10.96 ? 12   SER A O   1 
ATOM   91   C CB  . SER A 1 12  ? 1.412   -15.234 0.169   1.00 12.10 ? 12   SER A CB  1 
ATOM   92   O OG  . SER A 1 12  ? 0.452   -14.659 1.027   1.00 17.53 ? 12   SER A OG  1 
ATOM   93   N N   . SER A 1 13  ? 1.216   -13.300 -2.311  1.00 9.76  ? 13   SER A N   1 
ATOM   94   C CA  . SER A 1 13  ? 0.487   -12.311 -3.087  1.00 10.35 ? 13   SER A CA  1 
ATOM   95   C C   . SER A 1 13  ? -0.600  -13.037 -3.861  1.00 12.77 ? 13   SER A C   1 
ATOM   96   O O   . SER A 1 13  ? -0.392  -14.156 -4.337  1.00 15.93 ? 13   SER A O   1 
ATOM   97   C CB  . SER A 1 13  ? 1.448   -11.605 -4.049  1.00 11.49 ? 13   SER A CB  1 
ATOM   98   O OG  . SER A 1 13  ? 0.814   -10.544 -4.743  1.00 13.05 ? 13   SER A OG  1 
ATOM   99   N N   . GLU A 1 14  ? -1.757  -12.407 -3.987  1.00 11.00 ? 14   GLU A N   1 
ATOM   100  C CA  . GLU A 1 14  ? -2.874  -13.006 -4.694  1.00 12.47 ? 14   GLU A CA  1 
ATOM   101  C C   . GLU A 1 14  ? -3.575  -11.959 -5.561  1.00 12.45 ? 14   GLU A C   1 
ATOM   102  O O   . GLU A 1 14  ? -3.969  -10.900 -5.065  1.00 11.91 ? 14   GLU A O   1 
ATOM   103  C CB  . GLU A 1 14  ? -3.844  -13.581 -3.669  1.00 17.18 ? 14   GLU A CB  1 
ATOM   104  C CG  . GLU A 1 14  ? -5.050  -14.285 -4.229  1.00 25.21 ? 14   GLU A CG  1 
ATOM   105  C CD  . GLU A 1 14  ? -5.938  -14.828 -3.127  1.00 31.88 ? 14   GLU A CD  1 
ATOM   106  O OE1 . GLU A 1 14  ? -5.476  -15.723 -2.384  1.00 33.45 ? 14   GLU A OE1 1 
ATOM   107  O OE2 . GLU A 1 14  ? -7.086  -14.348 -2.992  1.00 35.38 ? 14   GLU A OE2 1 
ATOM   108  N N   . ASN A 1 15  ? -3.679  -12.241 -6.859  1.00 10.24 ? 15   ASN A N   1 
ATOM   109  C CA  . ASN A 1 15  ? -4.341  -11.362 -7.831  1.00 9.62  ? 15   ASN A CA  1 
ATOM   110  C C   . ASN A 1 15  ? -3.710  -9.980  -8.014  1.00 8.17  ? 15   ASN A C   1 
ATOM   111  O O   . ASN A 1 15  ? -4.366  -9.065  -8.518  1.00 8.85  ? 15   ASN A O   1 
ATOM   112  C CB  . ASN A 1 15  ? -5.826  -11.176 -7.482  1.00 11.94 ? 15   ASN A CB  1 
ATOM   113  C CG  . ASN A 1 15  ? -6.580  -12.478 -7.397  1.00 13.75 ? 15   ASN A CG  1 
ATOM   114  O OD1 . ASN A 1 15  ? -6.273  -13.442 -8.091  1.00 16.04 ? 15   ASN A OD1 1 
ATOM   115  N ND2 . ASN A 1 15  ? -7.577  -12.512 -6.537  1.00 15.29 ? 15   ASN A ND2 1 
ATOM   116  N N   . PHE A 1 16  ? -2.440  -9.829  -7.653  1.00 9.47  ? 16   PHE A N   1 
ATOM   117  C CA  . PHE A 1 16  ? -1.773  -8.535  -7.768  1.00 9.83  ? 16   PHE A CA  1 
ATOM   118  C C   . PHE A 1 16  ? -1.643  -8.038  -9.212  1.00 9.36  ? 16   PHE A C   1 
ATOM   119  O O   . PHE A 1 16  ? -1.888  -6.862  -9.489  1.00 8.76  ? 16   PHE A O   1 
ATOM   120  C CB  . PHE A 1 16  ? -0.410  -8.568  -7.067  1.00 12.11 ? 16   PHE A CB  1 
ATOM   121  C CG  . PHE A 1 16  ? 0.206   -7.212  -6.881  1.00 11.99 ? 16   PHE A CG  1 
ATOM   122  C CD1 . PHE A 1 16  ? -0.546  -6.161  -6.377  1.00 12.68 ? 16   PHE A CD1 1 
ATOM   123  C CD2 . PHE A 1 16  ? 1.529   -6.984  -7.239  1.00 14.64 ? 16   PHE A CD2 1 
ATOM   124  C CE1 . PHE A 1 16  ? 0.013   -4.893  -6.231  1.00 16.51 ? 16   PHE A CE1 1 
ATOM   125  C CE2 . PHE A 1 16  ? 2.098   -5.724  -7.097  1.00 16.12 ? 16   PHE A CE2 1 
ATOM   126  C CZ  . PHE A 1 16  ? 1.337   -4.676  -6.594  1.00 15.94 ? 16   PHE A CZ  1 
ATOM   127  N N   . ASP A 1 17  ? -1.281  -8.925  -10.137 1.00 10.37 ? 17   ASP A N   1 
ATOM   128  C CA  . ASP A 1 17  ? -1.160  -8.516  -11.534 1.00 10.93 ? 17   ASP A CA  1 
ATOM   129  C C   . ASP A 1 17  ? -2.515  -8.047  -12.077 1.00 10.70 ? 17   ASP A C   1 
ATOM   130  O O   . ASP A 1 17  ? -2.584  -7.063  -12.812 1.00 11.38 ? 17   ASP A O   1 
ATOM   131  C CB  . ASP A 1 17  ? -0.593  -9.643  -12.406 1.00 15.24 ? 17   ASP A CB  1 
ATOM   132  C CG  . ASP A 1 17  ? -0.189  -9.157  -13.794 1.00 16.35 ? 17   ASP A CG  1 
ATOM   133  O OD1 . ASP A 1 17  ? -1.040  -9.178  -14.711 1.00 22.25 ? 17   ASP A OD1 1 
ATOM   134  O OD2 . ASP A 1 17  ? 0.971   -8.741  -13.967 1.00 19.98 ? 17   ASP A OD2 1 
ATOM   135  N N   . ASP A 1 18  ? -3.592  -8.722  -11.675 1.00 9.91  ? 18   ASP A N   1 
ATOM   136  C CA  . ASP A 1 18  ? -4.935  -8.353  -12.119 1.00 10.87 ? 18   ASP A CA  1 
ATOM   137  C C   . ASP A 1 18  ? -5.318  -6.982  -11.581 1.00 10.15 ? 18   ASP A C   1 
ATOM   138  O O   . ASP A 1 18  ? -5.973  -6.202  -12.271 1.00 9.75  ? 18   ASP A O   1 
ATOM   139  C CB  . ASP A 1 18  ? -5.960  -9.399  -11.674 1.00 13.22 ? 18   ASP A CB  1 
ATOM   140  C CG  . ASP A 1 18  ? -5.821  -10.709 -12.429 1.00 17.63 ? 18   ASP A CG  1 
ATOM   141  O OD1 . ASP A 1 18  ? -5.576  -10.678 -13.654 1.00 17.65 ? 18   ASP A OD1 1 
ATOM   142  O OD2 . ASP A 1 18  ? -5.956  -11.773 -11.794 1.00 22.23 ? 18   ASP A OD2 1 
ATOM   143  N N   . TYR A 1 19  ? -4.938  -6.710  -10.334 1.00 9.48  ? 19   TYR A N   1 
ATOM   144  C CA  . TYR A 1 19  ? -5.213  -5.418  -9.724  1.00 10.47 ? 19   TYR A CA  1 
ATOM   145  C C   . TYR A 1 19  ? -4.461  -4.335  -10.507 1.00 10.23 ? 19   TYR A C   1 
ATOM   146  O O   . TYR A 1 19  ? -5.042  -3.309  -10.869 1.00 11.73 ? 19   TYR A O   1 
ATOM   147  C CB  . TYR A 1 19  ? -4.777  -5.410  -8.251  1.00 9.42  ? 19   TYR A CB  1 
ATOM   148  C CG  . TYR A 1 19  ? -4.801  -4.040  -7.607  1.00 9.59  ? 19   TYR A CG  1 
ATOM   149  C CD1 . TYR A 1 19  ? -6.002  -3.454  -7.204  1.00 8.32  ? 19   TYR A CD1 1 
ATOM   150  C CD2 . TYR A 1 19  ? -3.619  -3.312  -7.440  1.00 9.92  ? 19   TYR A CD2 1 
ATOM   151  C CE1 . TYR A 1 19  ? -6.025  -2.167  -6.657  1.00 10.55 ? 19   TYR A CE1 1 
ATOM   152  C CE2 . TYR A 1 19  ? -3.633  -2.028  -6.893  1.00 9.34  ? 19   TYR A CE2 1 
ATOM   153  C CZ  . TYR A 1 19  ? -4.834  -1.463  -6.507  1.00 10.65 ? 19   TYR A CZ  1 
ATOM   154  O OH  . TYR A 1 19  ? -4.850  -0.183  -5.995  1.00 12.19 ? 19   TYR A OH  1 
ATOM   155  N N   . MET A 1 20  ? -3.178  -4.566  -10.779 1.00 10.31 ? 20   MET A N   1 
ATOM   156  C CA  . MET A 1 20  ? -2.372  -3.594  -11.517 1.00 10.12 ? 20   MET A CA  1 
ATOM   157  C C   . MET A 1 20  ? -2.933  -3.377  -12.924 1.00 10.94 ? 20   MET A C   1 
ATOM   158  O O   . MET A 1 20  ? -2.943  -2.247  -13.433 1.00 11.26 ? 20   MET A O   1 
ATOM   159  C CB  . MET A 1 20  ? -0.905  -4.017  -11.573 1.00 10.77 ? 20   MET A CB  1 
ATOM   160  C CG  . MET A 1 20  ? -0.164  -3.844  -10.251 1.00 11.35 ? 20   MET A CG  1 
ATOM   161  S SD  . MET A 1 20  ? 1.558   -4.271  -10.383 1.00 13.21 ? 20   MET A SD  1 
ATOM   162  C CE  . MET A 1 20  ? 1.712   -5.988  -10.821 1.00 14.34 ? 20   MET A CE  1 
ATOM   163  N N   . LYS A 1 21  ? -3.401  -4.456  -13.537 1.00 12.23 ? 21   LYS A N   1 
ATOM   164  C CA  . LYS A 1 21  ? -4.006  -4.360  -14.883 1.00 14.30 ? 21   LYS A CA  1 
ATOM   165  C C   . LYS A 1 21  ? -5.198  -3.378  -14.811 1.00 14.89 ? 21   LYS A C   1 
ATOM   166  O O   . LYS A 1 21  ? -5.330  -2.469  -15.641 1.00 16.22 ? 21   LYS A O   1 
ATOM   167  C CB  . LYS A 1 21  ? -4.482  -5.752  -15.412 1.00 14.58 ? 21   LYS A CB  1 
ATOM   168  C CG  A LYS A 1 21  ? -3.316  -6.645  -15.863 0.50 13.41 ? 21   LYS A CG  1 
ATOM   169  C CG  B LYS A 1 21  ? -5.253  -5.632  -16.727 0.50 16.72 ? 21   LYS A CG  1 
ATOM   170  C CD  A LYS A 1 21  ? -3.755  -8.057  -16.288 0.50 13.00 ? 21   LYS A CD  1 
ATOM   171  C CD  B LYS A 1 21  ? -4.500  -4.810  -17.779 0.50 18.31 ? 21   LYS A CD  1 
ATOM   172  C CE  A LYS A 1 21  ? -2.654  -8.825  -17.030 0.50 12.95 ? 21   LYS A CE  1 
ATOM   173  C CE  B LYS A 1 21  ? -5.215  -4.748  -19.147 0.50 19.59 ? 21   LYS A CE  1 
ATOM   174  N NZ  A LYS A 1 21  ? -2.227  -10.056 -16.339 0.50 11.65 ? 21   LYS A NZ  1 
ATOM   175  N NZ  B LYS A 1 21  ? -4.497  -3.934  -20.157 0.50 20.70 ? 21   LYS A NZ  1 
ATOM   176  N N   . GLU A 1 22  ? -6.043  -3.565  -13.788 1.00 13.79 ? 22   GLU A N   1 
ATOM   177  C CA  . GLU A 1 22  ? -7.270  -2.738  -13.584 1.00 15.09 ? 22   GLU A CA  1 
ATOM   178  C C   . GLU A 1 22  ? -6.920  -1.272  -13.321 1.00 15.72 ? 22   GLU A C   1 
ATOM   179  O O   . GLU A 1 22  ? -7.596  -0.363  -13.803 1.00 16.86 ? 22   GLU A O   1 
ATOM   180  C CB  . GLU A 1 22  ? -8.091  -3.263  -12.406 1.00 18.22 ? 22   GLU A CB  1 
ATOM   181  C CG  . GLU A 1 22  ? -9.599  -3.094  -12.620 1.00 26.26 ? 22   GLU A CG  1 
ATOM   182  C CD  . GLU A 1 22  ? -10.077 -3.673  -13.951 1.00 31.46 ? 22   GLU A CD  1 
ATOM   183  O OE1 . GLU A 1 22  ? -9.921  -4.929  -14.194 1.00 33.82 ? 22   GLU A OE1 1 
ATOM   184  O OE2 . GLU A 1 22  ? -10.634 -2.907  -14.824 1.00 36.70 ? 22   GLU A OE2 1 
ATOM   185  N N   . VAL A 1 23  ? -5.853  -1.048  -12.562 1.00 15.86 ? 23   VAL A N   1 
ATOM   186  C CA  . VAL A 1 23  ? -5.398  0.304   -12.250 1.00 17.39 ? 23   VAL A CA  1 
ATOM   187  C C   . VAL A 1 23  ? -4.815  0.963   -13.507 1.00 18.26 ? 23   VAL A C   1 
ATOM   188  O O   . VAL A 1 23  ? -4.812  2.188   -13.633 1.00 20.21 ? 23   VAL A O   1 
ATOM   189  C CB  . VAL A 1 23  ? -4.359  0.275   -11.104 1.00 16.76 ? 23   VAL A CB  1 
ATOM   190  C CG1 . VAL A 1 23  ? -3.685  1.638   -10.944 1.00 17.85 ? 23   VAL A CG1 1 
ATOM   191  C CG2 . VAL A 1 23  ? -5.048  -0.143  -9.810  1.00 14.42 ? 23   VAL A CG2 1 
ATOM   192  N N   . GLY A 1 24  ? -4.328  0.137   -14.430 1.00 18.18 ? 24   GLY A N   1 
ATOM   193  C CA  . GLY A 1 24  ? -3.779  0.645   -15.675 1.00 17.51 ? 24   GLY A CA  1 
ATOM   194  C C   . GLY A 1 24  ? -2.269  0.621   -15.787 1.00 17.07 ? 24   GLY A C   1 
ATOM   195  O O   . GLY A 1 24  ? -1.698  1.351   -16.594 1.00 18.70 ? 24   GLY A O   1 
ATOM   196  N N   . VAL A 1 25  ? -1.617  -0.228  -15.005 1.00 15.30 ? 25   VAL A N   1 
ATOM   197  C CA  . VAL A 1 25  ? -0.162  -0.324  -15.035 1.00 15.52 ? 25   VAL A CA  1 
ATOM   198  C C   . VAL A 1 25  ? 0.318   -1.044  -16.305 1.00 17.18 ? 25   VAL A C   1 
ATOM   199  O O   . VAL A 1 25  ? -0.265  -2.052  -16.721 1.00 16.88 ? 25   VAL A O   1 
ATOM   200  C CB  . VAL A 1 25  ? 0.369   -1.043  -13.774 1.00 13.30 ? 25   VAL A CB  1 
ATOM   201  C CG1 . VAL A 1 25  ? 1.891   -1.056  -13.766 1.00 12.11 ? 25   VAL A CG1 1 
ATOM   202  C CG2 . VAL A 1 25  ? -0.163  -0.361  -12.514 1.00 13.36 ? 25   VAL A CG2 1 
ATOM   203  N N   . GLY A 1 26  ? 1.371   -0.502  -16.920 1.00 19.10 ? 26   GLY A N   1 
ATOM   204  C CA  . GLY A 1 26  ? 1.924   -1.079  -18.136 1.00 18.56 ? 26   GLY A CA  1 
ATOM   205  C C   . GLY A 1 26  ? 2.577   -2.432  -17.925 1.00 18.85 ? 26   GLY A C   1 
ATOM   206  O O   . GLY A 1 26  ? 3.024   -2.744  -16.824 1.00 19.19 ? 26   GLY A O   1 
ATOM   207  N N   . PHE A 1 27  ? 2.696   -3.199  -19.005 1.00 18.72 ? 27   PHE A N   1 
ATOM   208  C CA  . PHE A 1 27  ? 3.282   -4.540  -18.976 1.00 18.20 ? 27   PHE A CA  1 
ATOM   209  C C   . PHE A 1 27  ? 4.644   -4.626  -18.283 1.00 17.36 ? 27   PHE A C   1 
ATOM   210  O O   . PHE A 1 27  ? 4.828   -5.419  -17.360 1.00 17.48 ? 27   PHE A O   1 
ATOM   211  C CB  . PHE A 1 27  ? 3.374   -5.097  -20.411 1.00 20.12 ? 27   PHE A CB  1 
ATOM   212  C CG  . PHE A 1 27  ? 3.848   -6.527  -20.494 1.00 20.12 ? 27   PHE A CG  1 
ATOM   213  C CD1 . PHE A 1 27  ? 3.001   -7.576  -20.163 1.00 21.42 ? 27   PHE A CD1 1 
ATOM   214  C CD2 . PHE A 1 27  ? 5.145   -6.822  -20.904 1.00 21.77 ? 27   PHE A CD2 1 
ATOM   215  C CE1 . PHE A 1 27  ? 3.436   -8.898  -20.235 1.00 22.17 ? 27   PHE A CE1 1 
ATOM   216  C CE2 . PHE A 1 27  ? 5.592   -8.145  -20.979 1.00 22.34 ? 27   PHE A CE2 1 
ATOM   217  C CZ  . PHE A 1 27  ? 4.730   -9.183  -20.641 1.00 22.43 ? 27   PHE A CZ  1 
ATOM   218  N N   . ALA A 1 28  ? 5.593   -3.803  -18.714 1.00 17.57 ? 28   ALA A N   1 
ATOM   219  C CA  . ALA A 1 28  ? 6.933   -3.822  -18.128 1.00 17.91 ? 28   ALA A CA  1 
ATOM   220  C C   . ALA A 1 28  ? 6.932   -3.549  -16.633 1.00 17.87 ? 28   ALA A C   1 
ATOM   221  O O   . ALA A 1 28  ? 7.598   -4.242  -15.866 1.00 17.82 ? 28   ALA A O   1 
ATOM   222  C CB  . ALA A 1 28  ? 7.835   -2.822  -18.837 1.00 20.94 ? 28   ALA A CB  1 
ATOM   223  N N   . THR A 1 29  ? 6.203   -2.520  -16.225 1.00 17.17 ? 29   THR A N   1 
ATOM   224  C CA  . THR A 1 29  ? 6.123   -2.156  -14.824 1.00 17.94 ? 29   THR A CA  1 
ATOM   225  C C   . THR A 1 29  ? 5.443   -3.268  -14.030 1.00 16.80 ? 29   THR A C   1 
ATOM   226  O O   . THR A 1 29  ? 5.869   -3.587  -12.917 1.00 16.92 ? 29   THR A O   1 
ATOM   227  C CB  . THR A 1 29  ? 5.393   -0.812  -14.656 1.00 18.35 ? 29   THR A CB  1 
ATOM   228  O OG1 . THR A 1 29  ? 6.055   0.174   -15.457 1.00 21.63 ? 29   THR A OG1 1 
ATOM   229  C CG2 . THR A 1 29  ? 5.410   -0.355  -13.201 1.00 16.61 ? 29   THR A CG2 1 
ATOM   230  N N   . ARG A 1 30  ? 4.424   -3.896  -14.616 1.00 16.60 ? 30   ARG A N   1 
ATOM   231  C CA  . ARG A 1 30  ? 3.729   -4.994  -13.942 1.00 15.42 ? 30   ARG A CA  1 
ATOM   232  C C   . ARG A 1 30  ? 4.690   -6.153  -13.713 1.00 14.66 ? 30   ARG A C   1 
ATOM   233  O O   . ARG A 1 30  ? 4.683   -6.776  -12.654 1.00 14.49 ? 30   ARG A O   1 
ATOM   234  C CB  . ARG A 1 30  ? 2.530   -5.499  -14.757 1.00 14.56 ? 30   ARG A CB  1 
ATOM   235  C CG  . ARG A 1 30  ? 1.374   -4.527  -14.886 1.00 16.33 ? 30   ARG A CG  1 
ATOM   236  C CD  . ARG A 1 30  ? 0.040   -5.260  -15.025 1.00 17.88 ? 30   ARG A CD  1 
ATOM   237  N NE  . ARG A 1 30  ? 0.074   -6.321  -16.030 1.00 22.55 ? 30   ARG A NE  1 
ATOM   238  C CZ  . ARG A 1 30  ? -0.165  -6.145  -17.326 1.00 24.19 ? 30   ARG A CZ  1 
ATOM   239  N NH1 . ARG A 1 30  ? -0.462  -4.942  -17.804 1.00 25.50 ? 30   ARG A NH1 1 
ATOM   240  N NH2 . ARG A 1 30  ? -0.106  -7.178  -18.153 1.00 25.16 ? 30   ARG A NH2 1 
ATOM   241  N N   . LYS A 1 31  ? 5.531   -6.434  -14.702 1.00 14.85 ? 31   LYS A N   1 
ATOM   242  C CA  . LYS A 1 31  ? 6.482   -7.530  -14.580 1.00 16.77 ? 31   LYS A CA  1 
ATOM   243  C C   . LYS A 1 31  ? 7.544   -7.260  -13.515 1.00 16.41 ? 31   LYS A C   1 
ATOM   244  O O   . LYS A 1 31  ? 7.885   -8.156  -12.747 1.00 16.78 ? 31   LYS A O   1 
ATOM   245  C CB  . LYS A 1 31  ? 7.114   -7.867  -15.935 1.00 17.34 ? 31   LYS A CB  1 
ATOM   246  C CG  . LYS A 1 31  ? 6.114   -8.372  -16.983 1.00 18.35 ? 31   LYS A CG  1 
ATOM   247  C CD  . LYS A 1 31  ? 5.188   -9.462  -16.436 1.00 20.96 ? 31   LYS A CD  1 
ATOM   248  C CE  . LYS A 1 31  ? 3.729   -9.001  -16.449 1.00 22.01 ? 31   LYS A CE  1 
ATOM   249  N NZ  . LYS A 1 31  ? 2.786   -10.006 -15.866 1.00 22.17 ? 31   LYS A NZ  1 
ATOM   250  N N   . VAL A 1 32  ? 8.034   -6.023  -13.443 1.00 14.92 ? 32   VAL A N   1 
ATOM   251  C CA  . VAL A 1 32  ? 9.037   -5.665  -12.437 1.00 16.34 ? 32   VAL A CA  1 
ATOM   252  C C   . VAL A 1 32  ? 8.405   -5.747  -11.044 1.00 18.11 ? 32   VAL A C   1 
ATOM   253  O O   . VAL A 1 32  ? 8.986   -6.318  -10.117 1.00 17.79 ? 32   VAL A O   1 
ATOM   254  C CB  . VAL A 1 32  ? 9.590   -4.238  -12.648 0.50 14.25 ? 32   VAL A CB  1 
ATOM   255  C CG1 . VAL A 1 32  ? 10.626  -3.904  -11.578 0.50 14.89 ? 32   VAL A CG1 1 
ATOM   256  C CG2 . VAL A 1 32  ? 10.195  -4.112  -14.021 0.50 14.58 ? 32   VAL A CG2 1 
ATOM   257  N N   . ALA A 1 33  ? 7.200   -5.199  -10.916 1.00 17.56 ? 33   ALA A N   1 
ATOM   258  C CA  . ALA A 1 33  ? 6.473   -5.197  -9.653  1.00 18.94 ? 33   ALA A CA  1 
ATOM   259  C C   . ALA A 1 33  ? 6.237   -6.611  -9.150  1.00 20.93 ? 33   ALA A C   1 
ATOM   260  O O   . ALA A 1 33  ? 6.407   -6.893  -7.967  1.00 22.03 ? 33   ALA A O   1 
ATOM   261  C CB  . ALA A 1 33  ? 5.141   -4.477  -9.819  1.00 19.60 ? 33   ALA A CB  1 
ATOM   262  N N   . GLY A 1 34  ? 5.844   -7.499  -10.055 1.00 22.21 ? 34   GLY A N   1 
ATOM   263  C CA  . GLY A 1 34  ? 5.585   -8.877  -9.689  1.00 25.18 ? 34   GLY A CA  1 
ATOM   264  C C   . GLY A 1 34  ? 6.813   -9.659  -9.269  1.00 27.27 ? 34   GLY A C   1 
ATOM   265  O O   . GLY A 1 34  ? 6.691   -10.698 -8.625  1.00 29.83 ? 34   GLY A O   1 
ATOM   266  N N   . MET A 1 35  ? 7.993   -9.192  -9.659  1.00 28.21 ? 35   MET A N   1 
ATOM   267  C CA  . MET A 1 35  ? 9.231   -9.868  -9.294  1.00 31.65 ? 35   MET A CA  1 
ATOM   268  C C   . MET A 1 35  ? 9.741   -9.408  -7.936  1.00 31.01 ? 35   MET A C   1 
ATOM   269  O O   . MET A 1 35  ? 10.405  -10.161 -7.218  1.00 32.33 ? 35   MET A O   1 
ATOM   270  C CB  . MET A 1 35  ? 10.315  -9.607  -10.333 1.00 35.54 ? 35   MET A CB  1 
ATOM   271  C CG  . MET A 1 35  ? 10.047  -10.222 -11.678 1.00 42.53 ? 35   MET A CG  1 
ATOM   272  S SD  . MET A 1 35  ? 11.586  -10.328 -12.575 1.00 50.64 ? 35   MET A SD  1 
ATOM   273  C CE  . MET A 1 35  ? 12.150  -11.967 -12.039 1.00 49.50 ? 35   MET A CE  1 
ATOM   274  N N   . ALA A 1 36  ? 9.460   -8.151  -7.608  1.00 28.95 ? 36   ALA A N   1 
ATOM   275  C CA  . ALA A 1 36  ? 9.899   -7.578  -6.348  1.00 28.03 ? 36   ALA A CA  1 
ATOM   276  C C   . ALA A 1 36  ? 9.209   -8.183  -5.123  1.00 27.60 ? 36   ALA A C   1 
ATOM   277  O O   . ALA A 1 36  ? 8.010   -8.458  -5.135  1.00 27.30 ? 36   ALA A O   1 
ATOM   278  C CB  . ALA A 1 36  ? 9.710   -6.063  -6.367  1.00 25.86 ? 36   ALA A CB  1 
ATOM   279  N N   . LYS A 1 37  ? 9.999   -8.436  -4.085  1.00 27.39 ? 37   LYS A N   1 
ATOM   280  C CA  . LYS A 1 37  ? 9.500   -8.951  -2.813  1.00 25.81 ? 37   LYS A CA  1 
ATOM   281  C C   . LYS A 1 37  ? 9.858   -7.794  -1.878  1.00 23.36 ? 37   LYS A C   1 
ATOM   282  O O   . LYS A 1 37  ? 10.877  -7.823  -1.189  1.00 22.67 ? 37   LYS A O   1 
ATOM   283  C CB  . LYS A 1 37  ? 10.248  -10.223 -2.419  1.00 27.48 ? 37   LYS A CB  1 
ATOM   284  C CG  . LYS A 1 37  ? 9.768   -10.811 -1.091  0.00 0.00  ? 37   LYS A CG  1 
ATOM   285  C CD  . LYS A 1 37  ? 10.518  -12.085 -0.696  0.00 0.00  ? 37   LYS A CD  1 
ATOM   286  C CE  . LYS A 1 37  ? 10.038  -12.674 0.632   0.00 0.00  ? 37   LYS A CE  1 
ATOM   287  N NZ  . LYS A 1 37  ? 10.758  -13.897 1.013   0.00 0.00  ? 37   LYS A NZ  1 
ATOM   288  N N   . PRO A 1 38  ? 9.054   -6.725  -1.898  1.00 21.61 ? 38   PRO A N   1 
ATOM   289  C CA  . PRO A 1 38  ? 9.313   -5.555  -1.059  1.00 20.51 ? 38   PRO A CA  1 
ATOM   290  C C   . PRO A 1 38  ? 9.204   -5.744  0.448   1.00 19.21 ? 38   PRO A C   1 
ATOM   291  O O   . PRO A 1 38  ? 8.614   -6.713  0.939   1.00 18.26 ? 38   PRO A O   1 
ATOM   292  C CB  . PRO A 1 38  ? 8.295   -4.542  -1.574  1.00 20.02 ? 38   PRO A CB  1 
ATOM   293  C CG  . PRO A 1 38  ? 7.128   -5.411  -1.920  1.00 23.37 ? 38   PRO A CG  1 
ATOM   294  C CD  . PRO A 1 38  ? 7.783   -6.568  -2.637  1.00 22.72 ? 38   PRO A CD  1 
ATOM   295  N N   . ASN A 1 39  ? 9.874   -4.852  1.160   1.00 16.77 ? 39   ASN A N   1 
ATOM   296  C CA  . ASN A 1 39  ? 9.850   -4.821  2.612   1.00 17.52 ? 39   ASN A CA  1 
ATOM   297  C C   . ASN A 1 39  ? 9.091   -3.545  2.921   1.00 17.17 ? 39   ASN A C   1 
ATOM   298  O O   . ASN A 1 39  ? 9.326   -2.518  2.275   1.00 17.31 ? 39   ASN A O   1 
ATOM   299  C CB  . ASN A 1 39  ? 11.263  -4.714  3.180   1.00 19.92 ? 39   ASN A CB  1 
ATOM   300  C CG  . ASN A 1 39  ? 11.871  -6.064  3.497   1.00 24.23 ? 39   ASN A CG  1 
ATOM   301  O OD1 . ASN A 1 39  ? 12.584  -6.209  4.486   1.00 29.89 ? 39   ASN A OD1 1 
ATOM   302  N ND2 . ASN A 1 39  ? 11.592  -7.059  2.667   1.00 26.34 ? 39   ASN A ND2 1 
HETATM 303  N N   . MHO A 1 40  ? 8.133   -3.622  3.837   1.00 14.34 ? 40   MHO A N   1 
HETATM 304  C CA  . MHO A 1 40  ? 7.361   -2.453  4.217   1.00 13.39 ? 40   MHO A CA  1 
HETATM 305  C CB  . MHO A 1 40  ? 5.867   -2.759  4.199   1.00 14.77 ? 40   MHO A CB  1 
HETATM 306  C CG  . MHO A 1 40  ? 5.006   -1.527  4.427   1.00 19.36 ? 40   MHO A CG  1 
HETATM 307  S SD  . MHO A 1 40  ? 3.247   -1.968  4.403   1.00 22.18 ? 40   MHO A SD  1 
HETATM 308  C CE  . MHO A 1 40  ? 3.179   -3.047  5.760   1.00 28.65 ? 40   MHO A CE  1 
HETATM 309  C C   . MHO A 1 40  ? 7.795   -2.042  5.616   1.00 12.68 ? 40   MHO A C   1 
HETATM 310  O O   . MHO A 1 40  ? 7.884   -2.877  6.516   1.00 11.98 ? 40   MHO A O   1 
HETATM 311  O OD1 . MHO A 1 40  ? 3.031   -2.693  3.190   1.00 29.57 ? 40   MHO A OD1 1 
ATOM   312  N N   . ILE A 1 41  ? 8.105   -0.763  5.782   1.00 10.69 ? 41   ILE A N   1 
ATOM   313  C CA  . ILE A 1 41  ? 8.554   -0.235  7.063   1.00 12.02 ? 41   ILE A CA  1 
ATOM   314  C C   . ILE A 1 41  ? 7.573   0.839   7.506   1.00 11.56 ? 41   ILE A C   1 
ATOM   315  O O   . ILE A 1 41  ? 7.356   1.817   6.785   1.00 11.71 ? 41   ILE A O   1 
ATOM   316  C CB  . ILE A 1 41  ? 9.961   0.379   6.922   1.00 14.31 ? 41   ILE A CB  1 
ATOM   317  C CG1 . ILE A 1 41  ? 10.902  -0.641  6.264   1.00 15.04 ? 41   ILE A CG1 1 
ATOM   318  C CG2 . ILE A 1 41  ? 10.485  0.815   8.297   1.00 15.20 ? 41   ILE A CG2 1 
ATOM   319  C CD1 . ILE A 1 41  ? 12.167  -0.052  5.716   1.00 18.80 ? 41   ILE A CD1 1 
ATOM   320  N N   . ILE A 1 42  ? 6.972   0.656   8.676   1.00 8.71  ? 42   ILE A N   1 
ATOM   321  C CA  . ILE A 1 42  ? 6.009   1.616   9.193   1.00 8.97  ? 42   ILE A CA  1 
ATOM   322  C C   . ILE A 1 42  ? 6.523   2.208   10.501  1.00 9.98  ? 42   ILE A C   1 
ATOM   323  O O   . ILE A 1 42  ? 7.028   1.488   11.367  1.00 9.01  ? 42   ILE A O   1 
ATOM   324  C CB  . ILE A 1 42  ? 4.625   0.954   9.399   1.00 9.56  ? 42   ILE A CB  1 
ATOM   325  C CG1 . ILE A 1 42  ? 4.110   0.420   8.058   1.00 10.68 ? 42   ILE A CG1 1 
ATOM   326  C CG2 . ILE A 1 42  ? 3.627   1.945   9.979   1.00 7.73  ? 42   ILE A CG2 1 
ATOM   327  C CD1 . ILE A 1 42  ? 2.801   -0.327  8.154   1.00 11.99 ? 42   ILE A CD1 1 
ATOM   328  N N   . SER A 1 43  ? 6.437   3.528   10.621  1.00 9.54  ? 43   SER A N   1 
ATOM   329  C CA  . SER A 1 43  ? 6.897   4.213   11.821  1.00 11.03 ? 43   SER A CA  1 
ATOM   330  C C   . SER A 1 43  ? 5.983   5.395   12.127  1.00 10.36 ? 43   SER A C   1 
ATOM   331  O O   . SER A 1 43  ? 5.282   5.889   11.249  1.00 10.08 ? 43   SER A O   1 
ATOM   332  C CB  . SER A 1 43  ? 8.345   4.681   11.639  1.00 11.15 ? 43   SER A CB  1 
ATOM   333  O OG  . SER A 1 43  ? 8.478   5.503   10.495  1.00 12.61 ? 43   SER A OG  1 
ATOM   334  N N   . VAL A 1 44  ? 5.956   5.814   13.384  1.00 10.48 ? 44   VAL A N   1 
ATOM   335  C CA  . VAL A 1 44  ? 5.121   6.932   13.797  1.00 10.45 ? 44   VAL A CA  1 
ATOM   336  C C   . VAL A 1 44  ? 5.984   7.895   14.601  1.00 9.78  ? 44   VAL A C   1 
ATOM   337  O O   . VAL A 1 44  ? 6.814   7.471   15.416  1.00 10.15 ? 44   VAL A O   1 
ATOM   338  C CB  . VAL A 1 44  ? 3.939   6.462   14.687  1.00 12.55 ? 44   VAL A CB  1 
ATOM   339  C CG1 . VAL A 1 44  ? 3.017   7.647   15.007  1.00 14.80 ? 44   VAL A CG1 1 
ATOM   340  C CG2 . VAL A 1 44  ? 3.158   5.328   14.004  1.00 13.83 ? 44   VAL A CG2 1 
ATOM   341  N N   . ASN A 1 45  ? 5.817   9.187   14.334  1.00 9.55  ? 45   ASN A N   1 
ATOM   342  C CA  . ASN A 1 45  ? 6.556   10.237  15.034  1.00 9.23  ? 45   ASN A CA  1 
ATOM   343  C C   . ASN A 1 45  ? 5.553   11.359  15.273  1.00 8.88  ? 45   ASN A C   1 
ATOM   344  O O   . ASN A 1 45  ? 5.241   12.136  14.368  1.00 8.88  ? 45   ASN A O   1 
ATOM   345  C CB  . ASN A 1 45  ? 7.728   10.735  14.170  1.00 11.20 ? 45   ASN A CB  1 
ATOM   346  C CG  . ASN A 1 45  ? 8.702   11.629  14.939  1.00 14.03 ? 45   ASN A CG  1 
ATOM   347  O OD1 . ASN A 1 45  ? 9.905   11.586  14.704  1.00 17.63 ? 45   ASN A OD1 1 
ATOM   348  N ND2 . ASN A 1 45  ? 8.187   12.456  15.831  1.00 14.72 ? 45   ASN A ND2 1 
ATOM   349  N N   . GLY A 1 46  ? 5.044   11.440  16.496  1.00 9.87  ? 46   GLY A N   1 
ATOM   350  C CA  . GLY A 1 46  ? 4.060   12.454  16.806  1.00 11.56 ? 46   GLY A CA  1 
ATOM   351  C C   . GLY A 1 46  ? 2.800   12.044  16.075  1.00 11.30 ? 46   GLY A C   1 
ATOM   352  O O   . GLY A 1 46  ? 2.389   10.890  16.159  1.00 12.88 ? 46   GLY A O   1 
ATOM   353  N N   . ASP A 1 47  ? 2.195   12.959  15.332  1.00 12.76 ? 47   ASP A N   1 
ATOM   354  C CA  . ASP A 1 47  ? 0.991   12.604  14.597  1.00 14.67 ? 47   ASP A CA  1 
ATOM   355  C C   . ASP A 1 47  ? 1.286   12.250  13.138  1.00 14.41 ? 47   ASP A C   1 
ATOM   356  O O   . ASP A 1 47  ? 0.367   12.154  12.325  1.00 15.73 ? 47   ASP A O   1 
ATOM   357  C CB  A ASP A 1 47  ? -0.087  13.689  14.710  0.50 14.95 ? 47   ASP A CB  1 
ATOM   358  C CB  B ASP A 1 47  ? -0.017  13.760  14.636  0.50 18.39 ? 47   ASP A CB  1 
ATOM   359  C CG  A ASP A 1 47  ? 0.366   15.044  14.204  0.50 14.24 ? 47   ASP A CG  1 
ATOM   360  C CG  B ASP A 1 47  ? -0.522  14.067  16.041  0.50 21.80 ? 47   ASP A CG  1 
ATOM   361  O OD1 A ASP A 1 47  ? 1.479   15.172  13.647  0.50 14.83 ? 47   ASP A OD1 1 
ATOM   362  O OD1 B ASP A 1 47  ? -0.653  13.136  16.869  0.50 24.86 ? 47   ASP A OD1 1 
ATOM   363  O OD2 A ASP A 1 47  ? -0.425  15.997  14.364  0.50 15.97 ? 47   ASP A OD2 1 
ATOM   364  O OD2 B ASP A 1 47  ? -0.808  15.252  16.311  0.50 23.82 ? 47   ASP A OD2 1 
ATOM   365  N N   . LEU A 1 48  ? 2.567   12.099  12.803  1.00 11.58 ? 48   LEU A N   1 
ATOM   366  C CA  . LEU A 1 48  ? 2.954   11.741  11.442  1.00 12.17 ? 48   LEU A CA  1 
ATOM   367  C C   . LEU A 1 48  ? 3.291   10.264  11.355  1.00 11.42 ? 48   LEU A C   1 
ATOM   368  O O   . LEU A 1 48  ? 4.102   9.748   12.131  1.00 11.80 ? 48   LEU A O   1 
ATOM   369  C CB  . LEU A 1 48  ? 4.154   12.558  10.956  1.00 14.00 ? 48   LEU A CB  1 
ATOM   370  C CG  . LEU A 1 48  ? 3.876   14.001  10.541  1.00 18.55 ? 48   LEU A CG  1 
ATOM   371  C CD1 . LEU A 1 48  ? 5.140   14.579  9.936   1.00 20.27 ? 48   LEU A CD1 1 
ATOM   372  C CD2 . LEU A 1 48  ? 2.738   14.059  9.529   1.00 17.48 ? 48   LEU A CD2 1 
ATOM   373  N N   . VAL A 1 49  ? 2.630   9.579   10.434  1.00 10.24 ? 49   VAL A N   1 
ATOM   374  C CA  . VAL A 1 49  ? 2.859   8.164   10.226  1.00 8.55  ? 49   VAL A CA  1 
ATOM   375  C C   . VAL A 1 49  ? 3.602   8.058   8.905   1.00 8.91  ? 49   VAL A C   1 
ATOM   376  O O   . VAL A 1 49  ? 3.282   8.778   7.958   1.00 9.12  ? 49   VAL A O   1 
ATOM   377  C CB  . VAL A 1 49  ? 1.526   7.404   10.121  1.00 10.48 ? 49   VAL A CB  1 
ATOM   378  C CG1 . VAL A 1 49  ? 1.777   5.918   9.969   1.00 10.56 ? 49   VAL A CG1 1 
ATOM   379  C CG2 . VAL A 1 49  ? 0.682   7.661   11.344  1.00 10.54 ? 49   VAL A CG2 1 
ATOM   380  N N   . THR A 1 50  ? 4.608   7.195   8.850   1.00 7.79  ? 50   THR A N   1 
ATOM   381  C CA  . THR A 1 50  ? 5.377   7.007   7.631   1.00 7.74  ? 50   THR A CA  1 
ATOM   382  C C   . THR A 1 50  ? 5.312   5.558   7.193   1.00 8.06  ? 50   THR A C   1 
ATOM   383  O O   . THR A 1 50  ? 5.477   4.646   8.007   1.00 8.98  ? 50   THR A O   1 
ATOM   384  C CB  . THR A 1 50  ? 6.856   7.391   7.839   1.00 8.90  ? 50   THR A CB  1 
ATOM   385  O OG1 . THR A 1 50  ? 6.938   8.781   8.179   1.00 10.11 ? 50   THR A OG1 1 
ATOM   386  C CG2 . THR A 1 50  ? 7.661   7.141   6.567   1.00 10.12 ? 50   THR A CG2 1 
ATOM   387  N N   . ILE A 1 51  ? 4.990   5.356   5.921   1.00 6.93  ? 51   ILE A N   1 
ATOM   388  C CA  . ILE A 1 51  ? 4.946   4.017   5.341   1.00 8.03  ? 51   ILE A CA  1 
ATOM   389  C C   . ILE A 1 51  ? 5.958   4.021   4.196   1.00 7.91  ? 51   ILE A C   1 
ATOM   390  O O   . ILE A 1 51  ? 5.848   4.793   3.243   1.00 7.73  ? 51   ILE A O   1 
ATOM   391  C CB  . ILE A 1 51  ? 3.550   3.630   4.813   1.00 7.28  ? 51   ILE A CB  1 
ATOM   392  C CG1 . ILE A 1 51  ? 2.522   3.683   5.943   1.00 7.86  ? 51   ILE A CG1 1 
ATOM   393  C CG2 . ILE A 1 51  ? 3.589   2.216   4.252   1.00 9.19  ? 51   ILE A CG2 1 
ATOM   394  C CD1 . ILE A 1 51  ? 1.104   3.333   5.516   1.00 10.68 ? 51   ILE A CD1 1 
ATOM   395  N N   . ARG A 1 52  ? 6.959   3.169   4.317   1.00 8.17  ? 52   ARG A N   1 
ATOM   396  C CA  . ARG A 1 52  ? 8.014   3.085   3.328   1.00 9.79  ? 52   ARG A CA  1 
ATOM   397  C C   . ARG A 1 52  ? 8.070   1.685   2.724   1.00 11.22 ? 52   ARG A C   1 
ATOM   398  O O   . ARG A 1 52  ? 7.998   0.693   3.442   1.00 12.60 ? 52   ARG A O   1 
ATOM   399  C CB  . ARG A 1 52  ? 9.326   3.426   4.017   1.00 12.75 ? 52   ARG A CB  1 
ATOM   400  C CG  . ARG A 1 52  ? 10.525  3.343   3.158   1.00 16.13 ? 52   ARG A CG  1 
ATOM   401  C CD  . ARG A 1 52  ? 11.718  3.838   3.934   1.00 18.28 ? 52   ARG A CD  1 
ATOM   402  N NE  . ARG A 1 52  ? 12.934  3.565   3.194   1.00 19.72 ? 52   ARG A NE  1 
ATOM   403  C CZ  . ARG A 1 52  ? 13.396  4.329   2.214   1.00 17.56 ? 52   ARG A CZ  1 
ATOM   404  N NH1 . ARG A 1 52  ? 12.781  5.463   1.899   1.00 20.50 ? 52   ARG A NH1 1 
ATOM   405  N NH2 . ARG A 1 52  ? 14.506  3.979   1.583   1.00 22.33 ? 52   ARG A NH2 1 
ATOM   406  N N   . SER A 1 53  ? 8.167   1.612   1.402   1.00 10.54 ? 53   SER A N   1 
ATOM   407  C CA  . SER A 1 53  ? 8.244   0.338   0.703   1.00 11.13 ? 53   SER A CA  1 
ATOM   408  C C   . SER A 1 53  ? 9.606   0.305   0.034   1.00 11.43 ? 53   SER A C   1 
ATOM   409  O O   . SER A 1 53  ? 9.958   1.235   -0.688  1.00 11.81 ? 53   SER A O   1 
ATOM   410  C CB  A SER A 1 53  ? 7.139   0.243   -0.351  0.50 12.04 ? 53   SER A CB  1 
ATOM   411  C CB  B SER A 1 53  ? 7.140   0.244   -0.347  0.50 11.30 ? 53   SER A CB  1 
ATOM   412  O OG  A SER A 1 53  ? 7.181   -0.996  -1.034  0.50 13.06 ? 53   SER A OG  1 
ATOM   413  O OG  B SER A 1 53  ? 5.852   0.345   0.236   0.50 16.31 ? 53   SER A OG  1 
ATOM   414  N N   . GLU A 1 54  ? 10.378  -0.745  0.290   1.00 10.96 ? 54   GLU A N   1 
ATOM   415  C CA  . GLU A 1 54  ? 11.713  -0.868  -0.279  1.00 12.34 ? 54   GLU A CA  1 
ATOM   416  C C   . GLU A 1 54  ? 11.855  -2.101  -1.157  1.00 12.97 ? 54   GLU A C   1 
ATOM   417  O O   . GLU A 1 54  ? 11.480  -3.205  -0.754  1.00 12.55 ? 54   GLU A O   1 
ATOM   418  C CB  . GLU A 1 54  ? 12.766  -0.954  0.824   1.00 14.34 ? 54   GLU A CB  1 
ATOM   419  C CG  . GLU A 1 54  ? 12.844  0.242   1.752   1.00 17.53 ? 54   GLU A CG  1 
ATOM   420  C CD  . GLU A 1 54  ? 14.004  0.146   2.738   1.00 20.20 ? 54   GLU A CD  1 
ATOM   421  O OE1 . GLU A 1 54  ? 14.467  -0.978  3.041   1.00 21.65 ? 54   GLU A OE1 1 
ATOM   422  O OE2 . GLU A 1 54  ? 14.462  1.203   3.215   1.00 22.95 ? 54   GLU A OE2 1 
ATOM   423  N N   . SER A 1 55  ? 12.403  -1.905  -2.350  1.00 13.20 ? 55   SER A N   1 
ATOM   424  C CA  . SER A 1 55  ? 12.640  -2.998  -3.274  1.00 15.36 ? 55   SER A CA  1 
ATOM   425  C C   . SER A 1 55  ? 13.878  -2.608  -4.078  1.00 17.77 ? 55   SER A C   1 
ATOM   426  O O   . SER A 1 55  ? 14.199  -1.426  -4.207  1.00 17.03 ? 55   SER A O   1 
ATOM   427  C CB  . SER A 1 55  ? 11.434  -3.249  -4.185  1.00 14.57 ? 55   SER A CB  1 
ATOM   428  O OG  . SER A 1 55  ? 11.425  -2.376  -5.297  1.00 18.55 ? 55   SER A OG  1 
ATOM   429  N N   . THR A 1 56  ? 14.572  -3.605  -4.613  1.00 21.73 ? 56   THR A N   1 
ATOM   430  C CA  . THR A 1 56  ? 15.792  -3.372  -5.378  1.00 25.68 ? 56   THR A CA  1 
ATOM   431  C C   . THR A 1 56  ? 15.635  -2.346  -6.493  1.00 26.42 ? 56   THR A C   1 
ATOM   432  O O   . THR A 1 56  ? 16.537  -1.550  -6.729  1.00 28.10 ? 56   THR A O   1 
ATOM   433  C CB  . THR A 1 56  ? 16.329  -4.679  -5.993  1.00 27.58 ? 56   THR A CB  1 
ATOM   434  O OG1 . THR A 1 56  ? 15.278  -5.340  -6.707  1.00 31.34 ? 56   THR A OG1 1 
ATOM   435  C CG2 . THR A 1 56  ? 16.871  -5.605  -4.904  1.00 30.77 ? 56   THR A CG2 1 
ATOM   436  N N   . PHE A 1 57  ? 14.484  -2.344  -7.158  1.00 26.51 ? 57   PHE A N   1 
ATOM   437  C CA  . PHE A 1 57  ? 14.282  -1.412  -8.257  1.00 28.04 ? 57   PHE A CA  1 
ATOM   438  C C   . PHE A 1 57  ? 13.548  -0.104  -7.937  1.00 26.46 ? 57   PHE A C   1 
ATOM   439  O O   . PHE A 1 57  ? 13.629  0.849   -8.707  1.00 24.90 ? 57   PHE A O   1 
ATOM   440  C CB  . PHE A 1 57  ? 13.677  -2.129  -9.465  1.00 32.74 ? 57   PHE A CB  1 
ATOM   441  C CG  . PHE A 1 57  ? 14.612  -3.137  -10.076 1.00 36.46 ? 57   PHE A CG  1 
ATOM   442  C CD1 . PHE A 1 57  ? 15.920  -2.772  -10.379 1.00 37.41 ? 57   PHE A CD1 1 
ATOM   443  C CD2 . PHE A 1 57  ? 14.192  -4.438  -10.349 1.00 36.78 ? 57   PHE A CD2 1 
ATOM   444  C CE1 . PHE A 1 57  ? 16.799  -3.674  -10.946 1.00 38.83 ? 57   PHE A CE1 1 
ATOM   445  C CE2 . PHE A 1 57  ? 15.071  -5.358  -10.923 1.00 38.18 ? 57   PHE A CE2 1 
ATOM   446  C CZ  . PHE A 1 57  ? 16.375  -4.970  -11.225 1.00 38.21 ? 57   PHE A CZ  1 
ATOM   447  N N   . LYS A 1 58  ? 12.840  -0.038  -6.807  1.00 24.19 ? 58   LYS A N   1 
ATOM   448  C CA  . LYS A 1 58  ? 12.128  1.201   -6.444  1.00 22.21 ? 58   LYS A CA  1 
ATOM   449  C C   . LYS A 1 58  ? 11.696  1.260   -4.983  1.00 19.06 ? 58   LYS A C   1 
ATOM   450  O O   . LYS A 1 58  ? 11.128  0.304   -4.447  1.00 18.33 ? 58   LYS A O   1 
ATOM   451  C CB  . LYS A 1 58  ? 10.901  1.393   -7.332  1.00 25.93 ? 58   LYS A CB  1 
ATOM   452  C CG  . LYS A 1 58  ? 10.405  2.831   -7.410  1.00 29.65 ? 58   LYS A CG  1 
ATOM   453  C CD  . LYS A 1 58  ? 9.500   3.005   -8.602  1.00 31.89 ? 58   LYS A CD  1 
ATOM   454  C CE  . LYS A 1 58  ? 9.540   4.432   -9.103  1.00 33.49 ? 58   LYS A CE  1 
ATOM   455  N NZ  . LYS A 1 58  ? 9.355   4.471   -10.572 1.00 35.40 ? 58   LYS A NZ  1 
ATOM   456  N N   . ASN A 1 59  ? 11.964  2.398   -4.353  1.00 16.58 ? 59   ASN A N   1 
ATOM   457  C CA  . ASN A 1 59  ? 11.599  2.628   -2.957  1.00 14.73 ? 59   ASN A CA  1 
ATOM   458  C C   . ASN A 1 59  ? 10.552  3.737   -2.957  1.00 15.11 ? 59   ASN A C   1 
ATOM   459  O O   . ASN A 1 59  ? 10.661  4.687   -3.733  1.00 15.70 ? 59   ASN A O   1 
ATOM   460  C CB  . ASN A 1 59  ? 12.810  3.118   -2.144  1.00 15.64 ? 59   ASN A CB  1 
ATOM   461  C CG  . ASN A 1 59  ? 13.925  2.090   -2.048  1.00 17.18 ? 59   ASN A CG  1 
ATOM   462  O OD1 . ASN A 1 59  ? 13.697  0.881   -2.094  1.00 15.67 ? 59   ASN A OD1 1 
ATOM   463  N ND2 . ASN A 1 59  ? 15.139  2.574   -1.854  1.00 20.23 ? 59   ASN A ND2 1 
ATOM   464  N N   . THR A 1 60  ? 9.523   3.600   -2.131  1.00 12.25 ? 60   THR A N   1 
ATOM   465  C CA  . THR A 1 60  ? 8.505   4.636   -2.038  1.00 13.71 ? 60   THR A CA  1 
ATOM   466  C C   . THR A 1 60  ? 8.352   5.016   -0.573  1.00 11.53 ? 60   THR A C   1 
ATOM   467  O O   . THR A 1 60  ? 8.674   4.227   0.320   1.00 10.98 ? 60   THR A O   1 
ATOM   468  C CB  . THR A 1 60  ? 7.114   4.204   -2.590  1.00 14.24 ? 60   THR A CB  1 
ATOM   469  O OG1 . THR A 1 60  ? 6.653   3.045   -1.885  1.00 16.79 ? 60   THR A OG1 1 
ATOM   470  C CG2 . THR A 1 60  ? 7.187   3.913   -4.092  1.00 16.08 ? 60   THR A CG2 1 
ATOM   471  N N   . GLU A 1 61  ? 7.851   6.215   -0.327  1.00 12.44 ? 61   GLU A N   1 
ATOM   472  C CA  . GLU A 1 61  ? 7.666   6.675   1.035   1.00 12.95 ? 61   GLU A CA  1 
ATOM   473  C C   . GLU A 1 61  ? 6.590   7.733   1.091   1.00 12.68 ? 61   GLU A C   1 
ATOM   474  O O   . GLU A 1 61  ? 6.492   8.587   0.212   1.00 14.21 ? 61   GLU A O   1 
ATOM   475  C CB  . GLU A 1 61  ? 8.981   7.241   1.562   1.00 14.77 ? 61   GLU A CB  1 
ATOM   476  C CG  . GLU A 1 61  ? 8.946   7.608   3.024   1.00 22.37 ? 61   GLU A CG  1 
ATOM   477  C CD  . GLU A 1 61  ? 10.276  8.132   3.521   1.00 25.48 ? 61   GLU A CD  1 
ATOM   478  O OE1 . GLU A 1 61  ? 11.284  7.397   3.434   1.00 29.69 ? 61   GLU A OE1 1 
ATOM   479  O OE2 . GLU A 1 61  ? 10.309  9.279   4.006   1.00 29.18 ? 61   GLU A OE2 1 
ATOM   480  N N   . ILE A 1 62  ? 5.725   7.612   2.086   1.00 10.51 ? 62   ILE A N   1 
ATOM   481  C CA  . ILE A 1 62  ? 4.666   8.579   2.304   1.00 10.73 ? 62   ILE A CA  1 
ATOM   482  C C   . ILE A 1 62  ? 4.594   8.843   3.804   1.00 9.41  ? 62   ILE A C   1 
ATOM   483  O O   . ILE A 1 62  ? 4.747   7.923   4.611   1.00 10.44 ? 62   ILE A O   1 
ATOM   484  C CB  . ILE A 1 62  ? 3.267   8.107   1.779   1.00 11.61 ? 62   ILE A CB  1 
ATOM   485  C CG1 . ILE A 1 62  ? 2.911   6.720   2.317   1.00 10.56 ? 62   ILE A CG1 1 
ATOM   486  C CG2 . ILE A 1 62  ? 3.222   8.141   0.248   1.00 13.38 ? 62   ILE A CG2 1 
ATOM   487  C CD1 . ILE A 1 62  ? 1.456   6.312   2.057   1.00 14.02 ? 62   ILE A CD1 1 
ATOM   488  N N   . SER A 1 63  ? 4.488   10.116  4.163   1.00 8.97  ? 63   SER A N   1 
ATOM   489  C CA  . SER A 1 63  ? 4.363   10.547  5.548   1.00 9.25  ? 63   SER A CA  1 
ATOM   490  C C   . SER A 1 63  ? 3.076   11.347  5.538   1.00 10.08 ? 63   SER A C   1 
ATOM   491  O O   . SER A 1 63  ? 2.872   12.209  4.674   1.00 10.80 ? 63   SER A O   1 
ATOM   492  C CB  . SER A 1 63  ? 5.532   11.424  5.977   1.00 9.53  ? 63   SER A CB  1 
ATOM   493  O OG  . SER A 1 63  ? 6.720   10.656  6.037   1.00 17.73 ? 63   SER A OG  1 
ATOM   494  N N   . PHE A 1 64  ? 2.207   11.060  6.495   1.00 9.21  ? 64   PHE A N   1 
ATOM   495  C CA  . PHE A 1 64  ? 0.904   11.696  6.535   1.00 8.94  ? 64   PHE A CA  1 
ATOM   496  C C   . PHE A 1 64  ? 0.312   11.750  7.932   1.00 8.23  ? 64   PHE A C   1 
ATOM   497  O O   . PHE A 1 64  ? 0.766   11.070  8.855   1.00 8.89  ? 64   PHE A O   1 
ATOM   498  C CB  . PHE A 1 64  ? -0.054  10.875  5.655   1.00 8.69  ? 64   PHE A CB  1 
ATOM   499  C CG  . PHE A 1 64  ? -0.081  9.404   6.008   1.00 8.65  ? 64   PHE A CG  1 
ATOM   500  C CD1 . PHE A 1 64  ? 0.862   8.527   5.469   1.00 10.88 ? 64   PHE A CD1 1 
ATOM   501  C CD2 . PHE A 1 64  ? -1.001  8.906   6.934   1.00 8.84  ? 64   PHE A CD2 1 
ATOM   502  C CE1 . PHE A 1 64  ? 0.895   7.187   5.848   1.00 9.23  ? 64   PHE A CE1 1 
ATOM   503  C CE2 . PHE A 1 64  ? -0.973  7.565   7.315   1.00 9.33  ? 64   PHE A CE2 1 
ATOM   504  C CZ  . PHE A 1 64  ? -0.022  6.705   6.774   1.00 9.71  ? 64   PHE A CZ  1 
ATOM   505  N N   . LYS A 1 65  ? -0.709  12.575  8.064   1.00 8.85  ? 65   LYS A N   1 
ATOM   506  C CA  . LYS A 1 65  ? -1.451  12.702  9.300   1.00 9.39  ? 65   LYS A CA  1 
ATOM   507  C C   . LYS A 1 65  ? -2.768  12.022  8.971   1.00 10.67 ? 65   LYS A C   1 
ATOM   508  O O   . LYS A 1 65  ? -3.333  12.245  7.894   1.00 10.53 ? 65   LYS A O   1 
ATOM   509  C CB  . LYS A 1 65  ? -1.691  14.176  9.636   1.00 12.91 ? 65   LYS A CB  1 
ATOM   510  C CG  . LYS A 1 65  ? -2.519  14.405  10.891  1.00 17.99 ? 65   LYS A CG  1 
ATOM   511  C CD  . LYS A 1 65  ? -2.578  15.882  11.241  1.00 24.08 ? 65   LYS A CD  1 
ATOM   512  C CE  . LYS A 1 65  ? -3.598  16.158  12.341  1.00 27.05 ? 65   LYS A CE  1 
ATOM   513  N NZ  . LYS A 1 65  ? -3.259  15.469  13.615  1.00 29.62 ? 65   LYS A NZ  1 
ATOM   514  N N   . LEU A 1 66  ? -3.218  11.145  9.859   1.00 9.40  ? 66   LEU A N   1 
ATOM   515  C CA  . LEU A 1 66  ? -4.465  10.431  9.662   1.00 9.11  ? 66   LEU A CA  1 
ATOM   516  C C   . LEU A 1 66  ? -5.638  11.405  9.558   1.00 10.49 ? 66   LEU A C   1 
ATOM   517  O O   . LEU A 1 66  ? -5.875  12.203  10.468  1.00 11.19 ? 66   LEU A O   1 
ATOM   518  C CB  . LEU A 1 66  ? -4.690  9.441   10.807  1.00 10.25 ? 66   LEU A CB  1 
ATOM   519  C CG  . LEU A 1 66  ? -3.704  8.273   10.914  1.00 11.11 ? 66   LEU A CG  1 
ATOM   520  C CD1 . LEU A 1 66  ? -3.748  7.647   12.299  1.00 11.98 ? 66   LEU A CD1 1 
ATOM   521  C CD2 . LEU A 1 66  ? -4.035  7.236   9.854   1.00 12.08 ? 66   LEU A CD2 1 
ATOM   522  N N   . GLY A 1 67  ? -6.333  11.357  8.426   1.00 8.57  ? 67   GLY A N   1 
ATOM   523  C CA  . GLY A 1 67  ? -7.477  12.221  8.205   1.00 8.38  ? 67   GLY A CA  1 
ATOM   524  C C   . GLY A 1 67  ? -7.238  13.440  7.335   1.00 9.96  ? 67   GLY A C   1 
ATOM   525  O O   . GLY A 1 67  ? -8.195  14.127  6.973   1.00 11.65 ? 67   GLY A O   1 
ATOM   526  N N   . VAL A 1 68  ? -5.981  13.703  6.981   1.00 9.02  ? 68   VAL A N   1 
ATOM   527  C CA  . VAL A 1 68  ? -5.631  14.858  6.154   1.00 9.73  ? 68   VAL A CA  1 
ATOM   528  C C   . VAL A 1 68  ? -5.213  14.405  4.760   1.00 8.81  ? 68   VAL A C   1 
ATOM   529  O O   . VAL A 1 68  ? -4.291  13.603  4.619   1.00 11.24 ? 68   VAL A O   1 
ATOM   530  C CB  . VAL A 1 68  ? -4.485  15.679  6.800   1.00 10.92 ? 68   VAL A CB  1 
ATOM   531  C CG1 . VAL A 1 68  ? -4.068  16.837  5.905   1.00 12.46 ? 68   VAL A CG1 1 
ATOM   532  C CG2 . VAL A 1 68  ? -4.930  16.200  8.163   1.00 12.66 ? 68   VAL A CG2 1 
ATOM   533  N N   . GLU A 1 69  ? -5.917  14.892  3.742   1.00 9.71  ? 69   GLU A N   1 
ATOM   534  C CA  . GLU A 1 69  ? -5.626  14.540  2.352   1.00 9.71  ? 69   GLU A CA  1 
ATOM   535  C C   . GLU A 1 69  ? -4.259  15.071  1.944   1.00 9.77  ? 69   GLU A C   1 
ATOM   536  O O   . GLU A 1 69  ? -3.900  16.200  2.276   1.00 10.71 ? 69   GLU A O   1 
ATOM   537  C CB  . GLU A 1 69  ? -6.695  15.113  1.425   1.00 9.68  ? 69   GLU A CB  1 
ATOM   538  C CG  . GLU A 1 69  ? -6.498  14.766  -0.040  1.00 10.56 ? 69   GLU A CG  1 
ATOM   539  C CD  . GLU A 1 69  ? -7.578  15.354  -0.912  1.00 12.53 ? 69   GLU A CD  1 
ATOM   540  O OE1 . GLU A 1 69  ? -7.510  16.560  -1.220  1.00 15.46 ? 69   GLU A OE1 1 
ATOM   541  O OE2 . GLU A 1 69  ? -8.504  14.612  -1.294  1.00 16.78 ? 69   GLU A OE2 1 
ATOM   542  N N   . PHE A 1 70  ? -3.505  14.264  1.206   1.00 9.21  ? 70   PHE A N   1 
ATOM   543  C CA  . PHE A 1 70  ? -2.171  14.662  0.773   1.00 8.34  ? 70   PHE A CA  1 
ATOM   544  C C   . PHE A 1 70  ? -1.853  14.160  -0.634  1.00 9.26  ? 70   PHE A C   1 
ATOM   545  O O   . PHE A 1 70  ? -2.570  13.326  -1.182  1.00 8.59  ? 70   PHE A O   1 
ATOM   546  C CB  . PHE A 1 70  ? -1.112  14.147  1.767   1.00 7.76  ? 70   PHE A CB  1 
ATOM   547  C CG  . PHE A 1 70  ? -1.053  12.641  1.882   1.00 8.77  ? 70   PHE A CG  1 
ATOM   548  C CD1 . PHE A 1 70  ? -1.992  11.947  2.639   1.00 8.61  ? 70   PHE A CD1 1 
ATOM   549  C CD2 . PHE A 1 70  ? -0.054  11.918  1.224   1.00 10.20 ? 70   PHE A CD2 1 
ATOM   550  C CE1 . PHE A 1 70  ? -1.942  10.554  2.744   1.00 11.27 ? 70   PHE A CE1 1 
ATOM   551  C CE2 . PHE A 1 70  ? 0.006   10.526  1.323   1.00 9.01  ? 70   PHE A CE2 1 
ATOM   552  C CZ  . PHE A 1 70  ? -0.938  9.845   2.082   1.00 9.76  ? 70   PHE A CZ  1 
ATOM   553  N N   . ASP A 1 71  ? -0.790  14.705  -1.212  1.00 9.00  ? 71   ASP A N   1 
ATOM   554  C CA  . ASP A 1 71  ? -0.325  14.321  -2.546  1.00 9.70  ? 71   ASP A CA  1 
ATOM   555  C C   . ASP A 1 71  ? 0.625   13.135  -2.458  1.00 9.16  ? 71   ASP A C   1 
ATOM   556  O O   . ASP A 1 71  ? 1.537   13.120  -1.624  1.00 9.30  ? 71   ASP A O   1 
ATOM   557  C CB  . ASP A 1 71  ? 0.425   15.477  -3.199  1.00 9.68  ? 71   ASP A CB  1 
ATOM   558  C CG  . ASP A 1 71  ? -0.444  16.678  -3.403  1.00 12.80 ? 71   ASP A CG  1 
ATOM   559  O OD1 . ASP A 1 71  ? -1.337  16.615  -4.271  1.00 13.53 ? 71   ASP A OD1 1 
ATOM   560  O OD2 . ASP A 1 71  ? -0.236  17.676  -2.684  1.00 13.66 ? 71   ASP A OD2 1 
ATOM   561  N N   . GLU A 1 72  ? 0.431   12.161  -3.336  1.00 10.21 ? 72   GLU A N   1 
ATOM   562  C CA  . GLU A 1 72  ? 1.275   10.978  -3.366  1.00 10.51 ? 72   GLU A CA  1 
ATOM   563  C C   . GLU A 1 72  ? 1.633   10.625  -4.806  1.00 11.07 ? 72   GLU A C   1 
ATOM   564  O O   . GLU A 1 72  ? 0.816   10.790  -5.708  1.00 11.48 ? 72   GLU A O   1 
ATOM   565  C CB  . GLU A 1 72  ? 0.554   9.792   -2.717  1.00 9.08  ? 72   GLU A CB  1 
ATOM   566  C CG  . GLU A 1 72  ? 1.295   8.463   -2.883  1.00 10.34 ? 72   GLU A CG  1 
ATOM   567  C CD  . GLU A 1 72  ? 0.525   7.258   -2.364  1.00 12.39 ? 72   GLU A CD  1 
ATOM   568  O OE1 . GLU A 1 72  ? -0.674  7.379   -2.036  1.00 13.59 ? 72   GLU A OE1 1 
ATOM   569  O OE2 . GLU A 1 72  ? 1.124   6.169   -2.299  1.00 15.08 ? 72   GLU A OE2 1 
ATOM   570  N N   . ILE A 1 73  ? 2.884   10.224  -5.018  1.00 12.42 ? 73   ILE A N   1 
ATOM   571  C CA  . ILE A 1 73  ? 3.353   9.793   -6.331  1.00 13.42 ? 73   ILE A CA  1 
ATOM   572  C C   . ILE A 1 73  ? 3.544   8.306   -6.120  1.00 12.69 ? 73   ILE A C   1 
ATOM   573  O O   . ILE A 1 73  ? 4.379   7.894   -5.319  1.00 14.61 ? 73   ILE A O   1 
ATOM   574  C CB  . ILE A 1 73  ? 4.718   10.405  -6.715  1.00 16.71 ? 73   ILE A CB  1 
ATOM   575  C CG1 . ILE A 1 73  ? 4.632   11.933  -6.781  1.00 19.18 ? 73   ILE A CG1 1 
ATOM   576  C CG2 . ILE A 1 73  ? 5.166   9.863   -8.068  1.00 18.15 ? 73   ILE A CG2 1 
ATOM   577  C CD1 . ILE A 1 73  ? 3.701   12.462  -7.849  1.00 23.42 ? 73   ILE A CD1 1 
ATOM   578  N N   . THR A 1 74  ? 2.726   7.503   -6.787  1.00 12.81 ? 74   THR A N   1 
ATOM   579  C CA  . THR A 1 74  ? 2.803   6.060   -6.638  1.00 12.72 ? 74   THR A CA  1 
ATOM   580  C C   . THR A 1 74  ? 4.000   5.454   -7.362  1.00 12.49 ? 74   THR A C   1 
ATOM   581  O O   . THR A 1 74  ? 4.604   6.082   -8.234  1.00 12.99 ? 74   THR A O   1 
ATOM   582  C CB  . THR A 1 74  ? 1.506   5.384   -7.124  1.00 12.15 ? 74   THR A CB  1 
ATOM   583  O OG1 . THR A 1 74  ? 1.380   5.559   -8.539  1.00 12.29 ? 74   THR A OG1 1 
ATOM   584  C CG2 . THR A 1 74  ? 0.297   6.017   -6.454  1.00 11.14 ? 74   THR A CG2 1 
ATOM   585  N N   . ALA A 1 75  ? 4.306   4.210   -7.009  1.00 13.80 ? 75   ALA A N   1 
ATOM   586  C CA  . ALA A 1 75  ? 5.415   3.457   -7.583  1.00 16.55 ? 75   ALA A CA  1 
ATOM   587  C C   . ALA A 1 75  ? 5.325   3.390   -9.108  1.00 17.99 ? 75   ALA A C   1 
ATOM   588  O O   . ALA A 1 75  ? 6.335   3.435   -9.809  1.00 19.41 ? 75   ALA A O   1 
ATOM   589  C CB  . ALA A 1 75  ? 5.431   2.059   -6.997  1.00 14.52 ? 75   ALA A CB  1 
ATOM   590  N N   . ASP A 1 76  ? 4.100   3.272   -9.610  1.00 18.10 ? 76   ASP A N   1 
ATOM   591  C CA  . ASP A 1 76  ? 3.855   3.206   -11.047 1.00 17.92 ? 76   ASP A CA  1 
ATOM   592  C C   . ASP A 1 76  ? 3.706   4.602   -11.663 1.00 19.58 ? 76   ASP A C   1 
ATOM   593  O O   . ASP A 1 76  ? 3.190   4.757   -12.775 1.00 20.58 ? 76   ASP A O   1 
ATOM   594  C CB  . ASP A 1 76  ? 2.626   2.338   -11.339 1.00 16.47 ? 76   ASP A CB  1 
ATOM   595  C CG  . ASP A 1 76  ? 1.373   2.853   -10.672 1.00 14.87 ? 76   ASP A CG  1 
ATOM   596  O OD1 . ASP A 1 76  ? 1.354   2.996   -9.430  1.00 14.06 ? 76   ASP A OD1 1 
ATOM   597  O OD2 . ASP A 1 76  ? 0.397   3.114   -11.399 1.00 16.28 ? 76   ASP A OD2 1 
ATOM   598  N N   . ASP A 1 77  ? 4.133   5.612   -10.906 1.00 19.56 ? 77   ASP A N   1 
ATOM   599  C CA  . ASP A 1 77  ? 4.116   7.008   -11.339 1.00 20.82 ? 77   ASP A CA  1 
ATOM   600  C C   . ASP A 1 77  ? 2.810   7.752   -11.519 1.00 19.70 ? 77   ASP A C   1 
ATOM   601  O O   . ASP A 1 77  ? 2.717   8.643   -12.361 1.00 22.53 ? 77   ASP A O   1 
ATOM   602  C CB  . ASP A 1 77  ? 4.988   7.197   -12.580 1.00 27.13 ? 77   ASP A CB  1 
ATOM   603  C CG  . ASP A 1 77  ? 6.454   6.976   -12.291 1.00 32.90 ? 77   ASP A CG  1 
ATOM   604  O OD1 . ASP A 1 77  ? 7.018   7.750   -11.483 1.00 39.46 ? 77   ASP A OD1 1 
ATOM   605  O OD2 . ASP A 1 77  ? 7.030   6.020   -12.862 1.00 36.39 ? 77   ASP A OD2 1 
ATOM   606  N N   . ARG A 1 78  ? 1.801   7.404   -10.736 1.00 16.68 ? 78   ARG A N   1 
ATOM   607  C CA  . ARG A 1 78  ? 0.539   8.126   -10.808 1.00 15.03 ? 78   ARG A CA  1 
ATOM   608  C C   . ARG A 1 78  ? 0.643   9.231   -9.755  1.00 14.76 ? 78   ARG A C   1 
ATOM   609  O O   . ARG A 1 78  ? 1.291   9.046   -8.725  1.00 13.63 ? 78   ARG A O   1 
ATOM   610  C CB  . ARG A 1 78  ? -0.640  7.219   -10.446 1.00 14.59 ? 78   ARG A CB  1 
ATOM   611  C CG  . ARG A 1 78  ? -1.169  6.324   -11.553 1.00 13.35 ? 78   ARG A CG  1 
ATOM   612  C CD  . ARG A 1 78  ? -2.237  5.375   -10.986 1.00 13.53 ? 78   ARG A CD  1 
ATOM   613  N NE  . ARG A 1 78  ? -1.647  4.420   -10.051 1.00 13.28 ? 78   ARG A NE  1 
ATOM   614  C CZ  . ARG A 1 78  ? -2.145  4.091   -8.861  1.00 12.97 ? 78   ARG A CZ  1 
ATOM   615  N NH1 . ARG A 1 78  ? -3.272  4.631   -8.402  1.00 11.10 ? 78   ARG A NH1 1 
ATOM   616  N NH2 . ARG A 1 78  ? -1.489  3.207   -8.122  1.00 12.88 ? 78   ARG A NH2 1 
ATOM   617  N N   . LYS A 1 79  ? 0.063   10.391  -10.051 1.00 14.06 ? 79   LYS A N   1 
ATOM   618  C CA  . LYS A 1 79  ? 0.037   11.514  -9.117  1.00 14.49 ? 79   LYS A CA  1 
ATOM   619  C C   . LYS A 1 79  ? -1.389  11.457  -8.580  1.00 12.55 ? 79   LYS A C   1 
ATOM   620  O O   . LYS A 1 79  ? -2.346  11.731  -9.306  1.00 13.48 ? 79   LYS A O   1 
ATOM   621  C CB  . LYS A 1 79  ? 0.280   12.828  -9.847  1.00 15.70 ? 79   LYS A CB  1 
ATOM   622  C CG  . LYS A 1 79  ? 0.262   14.042  -8.915  0.00 0.00  ? 79   LYS A CG  1 
ATOM   623  C CD  . LYS A 1 79  ? 0.507   15.363  -9.648  0.00 0.00  ? 79   LYS A CD  1 
ATOM   624  C CE  . LYS A 1 79  ? 0.490   16.575  -8.715  0.00 0.00  ? 79   LYS A CE  1 
ATOM   625  N NZ  . LYS A 1 79  ? 0.725   17.845  -9.420  0.00 0.00  ? 79   LYS A NZ  1 
ATOM   626  N N   . VAL A 1 80  ? -1.531  11.054  -7.325  1.00 10.47 ? 80   VAL A N   1 
ATOM   627  C CA  . VAL A 1 80  ? -2.844  10.904  -6.731  1.00 9.71  ? 80   VAL A CA  1 
ATOM   628  C C   . VAL A 1 80  ? -3.037  11.728  -5.466  1.00 9.10  ? 80   VAL A C   1 
ATOM   629  O O   . VAL A 1 80  ? -2.084  12.260  -4.891  1.00 10.52 ? 80   VAL A O   1 
ATOM   630  C CB  . VAL A 1 80  ? -3.121  9.405   -6.377  1.00 9.90  ? 80   VAL A CB  1 
ATOM   631  C CG1 . VAL A 1 80  ? -2.924  8.506   -7.598  1.00 12.44 ? 80   VAL A CG1 1 
ATOM   632  C CG2 . VAL A 1 80  ? -2.204  8.949   -5.256  1.00 9.10  ? 80   VAL A CG2 1 
ATOM   633  N N   . LYS A 1 81  ? -4.295  11.814  -5.053  1.00 8.90  ? 81   LYS A N   1 
ATOM   634  C CA  . LYS A 1 81  ? -4.706  12.505  -3.843  1.00 9.51  ? 81   LYS A CA  1 
ATOM   635  C C   . LYS A 1 81  ? -5.060  11.347  -2.901  1.00 9.59  ? 81   LYS A C   1 
ATOM   636  O O   . LYS A 1 81  ? -5.924  10.525  -3.224  1.00 9.99  ? 81   LYS A O   1 
ATOM   637  C CB  . LYS A 1 81  ? -5.961  13.328  -4.136  1.00 12.39 ? 81   LYS A CB  1 
ATOM   638  C CG  . LYS A 1 81  ? -5.859  14.828  -3.910  1.00 16.57 ? 81   LYS A CG  1 
ATOM   639  C CD  . LYS A 1 81  ? -4.659  15.471  -4.566  1.00 13.37 ? 81   LYS A CD  1 
ATOM   640  C CE  . LYS A 1 81  ? -4.923  16.949  -4.781  1.00 14.34 ? 81   LYS A CE  1 
ATOM   641  N NZ  . LYS A 1 81  ? -3.697  17.793  -4.723  1.00 11.30 ? 81   LYS A NZ  1 
ATOM   642  N N   . SER A 1 82  ? -4.370  11.248  -1.771  1.00 8.70  ? 82   SER A N   1 
ATOM   643  C CA  . SER A 1 82  ? -4.638  10.170  -0.823  1.00 8.14  ? 82   SER A CA  1 
ATOM   644  C C   . SER A 1 82  ? -5.112  10.644  0.542   1.00 8.77  ? 82   SER A C   1 
ATOM   645  O O   . SER A 1 82  ? -4.762  11.736  0.989   1.00 7.68  ? 82   SER A O   1 
ATOM   646  C CB  . SER A 1 82  ? -3.386  9.313   -0.618  1.00 10.73 ? 82   SER A CB  1 
ATOM   647  O OG  . SER A 1 82  ? -3.038  8.615   -1.799  1.00 11.56 ? 82   SER A OG  1 
ATOM   648  N N   . ILE A 1 83  ? -5.929  9.817   1.188   1.00 8.07  ? 83   ILE A N   1 
ATOM   649  C CA  . ILE A 1 83  ? -6.412  10.099  2.534   1.00 8.14  ? 83   ILE A CA  1 
ATOM   650  C C   . ILE A 1 83  ? -6.375  8.753   3.256   1.00 8.49  ? 83   ILE A C   1 
ATOM   651  O O   . ILE A 1 83  ? -6.741  7.729   2.672   1.00 9.99  ? 83   ILE A O   1 
ATOM   652  C CB  A ILE A 1 83  ? -7.881  10.588  2.529   0.50 9.00  ? 83   ILE A CB  1 
ATOM   653  C CB  B ILE A 1 83  ? -7.822  10.740  2.549   0.50 8.92  ? 83   ILE A CB  1 
ATOM   654  C CG1 A ILE A 1 83  ? -8.044  11.799  1.608   0.50 8.21  ? 83   ILE A CG1 1 
ATOM   655  C CG1 B ILE A 1 83  ? -8.141  11.222  3.968   0.50 10.77 ? 83   ILE A CG1 1 
ATOM   656  C CG2 A ILE A 1 83  ? -8.312  10.954  3.945   0.50 10.94 ? 83   ILE A CG2 1 
ATOM   657  C CG2 B ILE A 1 83  ? -8.881  9.765   2.037   0.50 7.66  ? 83   ILE A CG2 1 
ATOM   658  C CD1 A ILE A 1 83  ? -9.487  12.189  1.350   0.50 10.84 ? 83   ILE A CD1 1 
ATOM   659  C CD1 B ILE A 1 83  ? -9.345  12.122  4.060   0.50 10.73 ? 83   ILE A CD1 1 
ATOM   660  N N   . ILE A 1 84  ? -5.845  8.744   4.477   1.00 8.33  ? 84   ILE A N   1 
ATOM   661  C CA  . ILE A 1 84  ? -5.738  7.524   5.264   1.00 7.52  ? 84   ILE A CA  1 
ATOM   662  C C   . ILE A 1 84  ? -6.358  7.767   6.644   1.00 8.56  ? 84   ILE A C   1 
ATOM   663  O O   . ILE A 1 84  ? -6.029  8.751   7.315   1.00 8.62  ? 84   ILE A O   1 
ATOM   664  C CB  . ILE A 1 84  ? -4.258  7.091   5.413   1.00 6.86  ? 84   ILE A CB  1 
ATOM   665  C CG1 . ILE A 1 84  ? -3.611  6.977   4.029   1.00 8.97  ? 84   ILE A CG1 1 
ATOM   666  C CG2 . ILE A 1 84  ? -4.160  5.757   6.150   1.00 7.37  ? 84   ILE A CG2 1 
ATOM   667  C CD1 . ILE A 1 84  ? -2.186  6.463   4.029   1.00 11.54 ? 84   ILE A CD1 1 
ATOM   668  N N   . THR A 1 85  ? -7.289  6.901   7.033   1.00 8.09  ? 85   THR A N   1 
ATOM   669  C CA  . THR A 1 85  ? -7.969  6.998   8.325   1.00 8.61  ? 85   THR A CA  1 
ATOM   670  C C   . THR A 1 85  ? -7.790  5.691   9.099   1.00 9.72  ? 85   THR A C   1 
ATOM   671  O O   . THR A 1 85  ? -7.397  4.664   8.533   1.00 11.11 ? 85   THR A O   1 
ATOM   672  C CB  . THR A 1 85  ? -9.492  7.291   8.152   1.00 7.65  ? 85   THR A CB  1 
ATOM   673  O OG1 . THR A 1 85  ? -10.084 6.312   7.293   1.00 9.69  ? 85   THR A OG1 1 
ATOM   674  C CG2 . THR A 1 85  ? -9.724  8.666   7.542   1.00 7.95  ? 85   THR A CG2 1 
ATOM   675  N N   . LEU A 1 86  ? -8.027  5.749   10.403  1.00 9.59  ? 86   LEU A N   1 
ATOM   676  C CA  . LEU A 1 86  ? -7.906  4.578   11.257  1.00 9.66  ? 86   LEU A CA  1 
ATOM   677  C C   . LEU A 1 86  ? -9.333  4.163   11.592  1.00 11.49 ? 86   LEU A C   1 
ATOM   678  O O   . LEU A 1 86  ? -10.054 4.884   12.295  1.00 11.30 ? 86   LEU A O   1 
ATOM   679  C CB  . LEU A 1 86  ? -7.122  4.931   12.523  1.00 10.15 ? 86   LEU A CB  1 
ATOM   680  C CG  . LEU A 1 86  ? -6.862  3.813   13.528  1.00 13.36 ? 86   LEU A CG  1 
ATOM   681  C CD1 . LEU A 1 86  ? -6.182  2.638   12.843  1.00 16.06 ? 86   LEU A CD1 1 
ATOM   682  C CD2 . LEU A 1 86  ? -5.995  4.352   14.654  1.00 16.60 ? 86   LEU A CD2 1 
ATOM   683  N N   . ASP A 1 87  ? -9.749  3.025   11.043  1.00 10.69 ? 87   ASP A N   1 
ATOM   684  C CA  . ASP A 1 87  ? -11.096 2.502   11.235  1.00 13.18 ? 87   ASP A CA  1 
ATOM   685  C C   . ASP A 1 87  ? -11.098 1.018   11.584  1.00 13.06 ? 87   ASP A C   1 
ATOM   686  O O   . ASP A 1 87  ? -10.521 0.202   10.866  1.00 12.29 ? 87   ASP A O   1 
ATOM   687  C CB  . ASP A 1 87  ? -11.924 2.711   9.963   1.00 13.33 ? 87   ASP A CB  1 
ATOM   688  C CG  . ASP A 1 87  ? -12.059 4.166   9.588   1.00 14.38 ? 87   ASP A CG  1 
ATOM   689  O OD1 . ASP A 1 87  ? -12.577 4.945   10.408  1.00 18.29 ? 87   ASP A OD1 1 
ATOM   690  O OD2 . ASP A 1 87  ? -11.645 4.532   8.474   1.00 16.30 ? 87   ASP A OD2 1 
ATOM   691  N N   . GLY A 1 88  ? -11.752 0.684   12.694  1.00 14.68 ? 88   GLY A N   1 
ATOM   692  C CA  . GLY A 1 88  ? -11.836 -0.701  13.133  1.00 15.52 ? 88   GLY A CA  1 
ATOM   693  C C   . GLY A 1 88  ? -10.495 -1.364  13.382  1.00 14.03 ? 88   GLY A C   1 
ATOM   694  O O   . GLY A 1 88  ? -10.386 -2.590  13.344  1.00 16.89 ? 88   GLY A O   1 
ATOM   695  N N   . GLY A 1 89  ? -9.476  -0.556  13.647  1.00 14.17 ? 89   GLY A N   1 
ATOM   696  C CA  . GLY A 1 89  ? -8.152  -1.092  13.894  1.00 14.09 ? 89   GLY A CA  1 
ATOM   697  C C   . GLY A 1 89  ? -7.334  -1.263  12.628  1.00 13.88 ? 89   GLY A C   1 
ATOM   698  O O   . GLY A 1 89  ? -6.219  -1.788  12.673  1.00 13.29 ? 89   GLY A O   1 
ATOM   699  N N   . ALA A 1 90  ? -7.869  -0.787  11.507  1.00 12.73 ? 90   ALA A N   1 
ATOM   700  C CA  . ALA A 1 90  ? -7.181  -0.891  10.223  1.00 11.62 ? 90   ALA A CA  1 
ATOM   701  C C   . ALA A 1 90  ? -6.910  0.475   9.613   1.00 10.20 ? 90   ALA A C   1 
ATOM   702  O O   . ALA A 1 90  ? -7.629  1.440   9.872   1.00 10.19 ? 90   ALA A O   1 
ATOM   703  C CB  . ALA A 1 90  ? -7.997  -1.721  9.261   1.00 12.35 ? 90   ALA A CB  1 
ATOM   704  N N   . LEU A 1 91  ? -5.848  0.557   8.825   1.00 8.62  ? 91   LEU A N   1 
ATOM   705  C CA  . LEU A 1 91  ? -5.496  1.791   8.142   1.00 9.05  ? 91   LEU A CA  1 
ATOM   706  C C   . LEU A 1 91  ? -6.196  1.694   6.799   1.00 10.08 ? 91   LEU A C   1 
ATOM   707  O O   . LEU A 1 91  ? -5.925  0.774   6.022   1.00 10.99 ? 91   LEU A O   1 
ATOM   708  C CB  . LEU A 1 91  ? -3.979  1.889   7.945   1.00 9.69  ? 91   LEU A CB  1 
ATOM   709  C CG  . LEU A 1 91  ? -3.108  2.133   9.187   1.00 12.10 ? 91   LEU A CG  1 
ATOM   710  C CD1 . LEU A 1 91  ? -1.633  2.002   8.830   1.00 12.93 ? 91   LEU A CD1 1 
ATOM   711  C CD2 . LEU A 1 91  ? -3.384  3.523   9.752   1.00 14.75 ? 91   LEU A CD2 1 
ATOM   712  N N   . VAL A 1 92  ? -7.143  2.589   6.545   1.00 9.30  ? 92   VAL A N   1 
ATOM   713  C CA  . VAL A 1 92  ? -7.878  2.570   5.287   1.00 8.55  ? 92   VAL A CA  1 
ATOM   714  C C   . VAL A 1 92  ? -7.444  3.740   4.421   1.00 9.42  ? 92   VAL A C   1 
ATOM   715  O O   . VAL A 1 92  ? -7.643  4.900   4.787   1.00 8.63  ? 92   VAL A O   1 
ATOM   716  C CB  . VAL A 1 92  ? -9.406  2.643   5.527   1.00 10.28 ? 92   VAL A CB  1 
ATOM   717  C CG1 . VAL A 1 92  ? -10.150 2.558   4.198   1.00 11.65 ? 92   VAL A CG1 1 
ATOM   718  C CG2 . VAL A 1 92  ? -9.849  1.529   6.472   1.00 10.66 ? 92   VAL A CG2 1 
ATOM   719  N N   . GLN A 1 93  ? -6.840  3.429   3.280   1.00 9.08  ? 93   GLN A N   1 
ATOM   720  C CA  . GLN A 1 93  ? -6.361  4.443   2.347   1.00 8.20  ? 93   GLN A CA  1 
ATOM   721  C C   . GLN A 1 93  ? -7.179  4.499   1.058   1.00 8.97  ? 93   GLN A C   1 
ATOM   722  O O   . GLN A 1 93  ? -7.478  3.468   0.452   1.00 9.87  ? 93   GLN A O   1 
ATOM   723  C CB  . GLN A 1 93  ? -4.897  4.180   1.984   1.00 8.31  ? 93   GLN A CB  1 
ATOM   724  C CG  . GLN A 1 93  ? -4.364  5.111   0.892   1.00 9.25  ? 93   GLN A CG  1 
ATOM   725  C CD  . GLN A 1 93  ? -2.904  4.891   0.597   1.00 11.04 ? 93   GLN A CD  1 
ATOM   726  O OE1 . GLN A 1 93  ? -2.336  3.862   0.948   1.00 13.49 ? 93   GLN A OE1 1 
ATOM   727  N NE2 . GLN A 1 93  ? -2.286  5.852   -0.072  1.00 12.75 ? 93   GLN A NE2 1 
ATOM   728  N N   . VAL A 1 94  ? -7.536  5.704   0.640   1.00 7.89  ? 94   VAL A N   1 
ATOM   729  C CA  . VAL A 1 94  ? -8.269  5.885   -0.607  1.00 8.78  ? 94   VAL A CA  1 
ATOM   730  C C   . VAL A 1 94  ? -7.406  6.801   -1.472  1.00 8.03  ? 94   VAL A C   1 
ATOM   731  O O   . VAL A 1 94  ? -6.913  7.828   -0.986  1.00 7.55  ? 94   VAL A O   1 
ATOM   732  C CB  . VAL A 1 94  ? -9.653  6.539   -0.378  1.00 9.69  ? 94   VAL A CB  1 
ATOM   733  C CG1 . VAL A 1 94  ? -10.358 6.753   -1.703  1.00 10.97 ? 94   VAL A CG1 1 
ATOM   734  C CG2 . VAL A 1 94  ? -10.512 5.663   0.531   1.00 12.76 ? 94   VAL A CG2 1 
ATOM   735  N N   . GLN A 1 95  ? -7.134  6.373   -2.702  1.00 8.71  ? 95   GLN A N   1 
ATOM   736  C CA  . GLN A 1 95  ? -6.345  7.157   -3.644  1.00 8.75  ? 95   GLN A CA  1 
ATOM   737  C C   . GLN A 1 95  ? -7.296  7.586   -4.742  1.00 9.39  ? 95   GLN A C   1 
ATOM   738  O O   . GLN A 1 95  ? -8.054  6.769   -5.249  1.00 11.05 ? 95   GLN A O   1 
ATOM   739  C CB  . GLN A 1 95  ? -5.255  6.312   -4.282  1.00 9.93  ? 95   GLN A CB  1 
ATOM   740  C CG  . GLN A 1 95  ? -4.184  5.794   -3.347  1.00 12.04 ? 95   GLN A CG  1 
ATOM   741  C CD  . GLN A 1 95  ? -3.106  5.049   -4.113  1.00 12.36 ? 95   GLN A CD  1 
ATOM   742  O OE1 . GLN A 1 95  ? -3.386  4.419   -5.126  1.00 13.72 ? 95   GLN A OE1 1 
ATOM   743  N NE2 . GLN A 1 95  ? -1.874  5.124   -3.641  1.00 8.92  ? 95   GLN A NE2 1 
ATOM   744  N N   . LYS A 1 96  ? -7.239  8.853   -5.124  1.00 9.59  ? 96   LYS A N   1 
ATOM   745  C CA  . LYS A 1 96  ? -8.104  9.386   -6.169  1.00 10.43 ? 96   LYS A CA  1 
ATOM   746  C C   . LYS A 1 96  ? -7.264  10.058  -7.243  1.00 10.78 ? 96   LYS A C   1 
ATOM   747  O O   . LYS A 1 96  ? -6.339  10.818  -6.927  1.00 10.87 ? 96   LYS A O   1 
ATOM   748  C CB  . LYS A 1 96  ? -9.049  10.435  -5.583  1.00 11.80 ? 96   LYS A CB  1 
ATOM   749  C CG  . LYS A 1 96  ? -10.192 9.891   -4.765  1.00 17.71 ? 96   LYS A CG  1 
ATOM   750  C CD  . LYS A 1 96  ? -10.999 11.040  -4.165  1.00 24.18 ? 96   LYS A CD  1 
ATOM   751  C CE  . LYS A 1 96  ? -12.410 10.610  -3.773  1.00 29.18 ? 96   LYS A CE  1 
ATOM   752  N NZ  . LYS A 1 96  ? -13.329 10.440  -4.951  1.00 32.15 ? 96   LYS A NZ  1 
ATOM   753  N N   . TRP A 1 97  ? -7.595  9.803   -8.507  1.00 11.17 ? 97   TRP A N   1 
ATOM   754  C CA  . TRP A 1 97  ? -6.877  10.414  -9.630  1.00 12.02 ? 97   TRP A CA  1 
ATOM   755  C C   . TRP A 1 97  ? -7.700  10.283  -10.911 1.00 13.11 ? 97   TRP A C   1 
ATOM   756  O O   . TRP A 1 97  ? -8.325  9.255   -11.140 1.00 12.33 ? 97   TRP A O   1 
ATOM   757  C CB  . TRP A 1 97  ? -5.491  9.779   -9.815  1.00 11.31 ? 97   TRP A CB  1 
ATOM   758  C CG  . TRP A 1 97  ? -5.489  8.461   -10.531 1.00 11.45 ? 97   TRP A CG  1 
ATOM   759  C CD1 . TRP A 1 97  ? -5.064  8.227   -11.810 1.00 11.97 ? 97   TRP A CD1 1 
ATOM   760  C CD2 . TRP A 1 97  ? -5.921  7.193   -10.013 1.00 11.18 ? 97   TRP A CD2 1 
ATOM   761  N NE1 . TRP A 1 97  ? -5.204  6.895   -12.118 1.00 12.20 ? 97   TRP A NE1 1 
ATOM   762  C CE2 . TRP A 1 97  ? -5.727  6.239   -11.035 1.00 11.60 ? 97   TRP A CE2 1 
ATOM   763  C CE3 . TRP A 1 97  ? -6.452  6.772   -8.788  1.00 11.58 ? 97   TRP A CE3 1 
ATOM   764  C CZ2 . TRP A 1 97  ? -6.047  4.886   -10.869 1.00 11.76 ? 97   TRP A CZ2 1 
ATOM   765  C CZ3 . TRP A 1 97  ? -6.770  5.424   -8.624  1.00 11.91 ? 97   TRP A CZ3 1 
ATOM   766  C CH2 . TRP A 1 97  ? -6.566  4.501   -9.662  1.00 9.90  ? 97   TRP A CH2 1 
ATOM   767  N N   . ASP A 1 98  ? -7.745  11.352  -11.702 1.00 15.69 ? 98   ASP A N   1 
ATOM   768  C CA  . ASP A 1 98  ? -8.489  11.358  -12.965 1.00 19.08 ? 98   ASP A CA  1 
ATOM   769  C C   . ASP A 1 98  ? -9.907  10.792  -12.889 1.00 17.91 ? 98   ASP A C   1 
ATOM   770  O O   . ASP A 1 98  ? -10.324 10.033  -13.765 1.00 17.02 ? 98   ASP A O   1 
ATOM   771  C CB  . ASP A 1 98  ? -7.711  10.592  -14.041 1.00 25.56 ? 98   ASP A CB  1 
ATOM   772  C CG  . ASP A 1 98  ? -6.357  11.202  -14.324 1.00 33.21 ? 98   ASP A CG  1 
ATOM   773  O OD1 . ASP A 1 98  ? -6.276  12.449  -14.437 1.00 36.64 ? 98   ASP A OD1 1 
ATOM   774  O OD2 . ASP A 1 98  ? -5.375  10.431  -14.433 1.00 38.12 ? 98   ASP A OD2 1 
ATOM   775  N N   . GLY A 1 99  ? -10.642 11.152  -11.841 1.00 15.78 ? 99   GLY A N   1 
ATOM   776  C CA  . GLY A 1 99  ? -12.003 10.670  -11.696 1.00 17.22 ? 99   GLY A CA  1 
ATOM   777  C C   . GLY A 1 99  ? -12.119 9.217   -11.262 1.00 17.90 ? 99   GLY A C   1 
ATOM   778  O O   . GLY A 1 99  ? -13.221 8.670   -11.203 1.00 19.32 ? 99   GLY A O   1 
ATOM   779  N N   . LYS A 1 100 ? -10.987 8.600   -10.944 1.00 16.08 ? 100  LYS A N   1 
ATOM   780  C CA  . LYS A 1 100 ? -10.952 7.207   -10.506 1.00 14.79 ? 100  LYS A CA  1 
ATOM   781  C C   . LYS A 1 100 ? -10.551 7.129   -9.036  1.00 13.43 ? 100  LYS A C   1 
ATOM   782  O O   . LYS A 1 100 ? -10.092 8.112   -8.460  1.00 12.95 ? 100  LYS A O   1 
ATOM   783  C CB  . LYS A 1 100 ? -9.945  6.418   -11.356 1.00 14.95 ? 100  LYS A CB  1 
ATOM   784  C CG  . LYS A 1 100 ? -10.347 6.294   -12.823 1.00 19.29 ? 100  LYS A CG  1 
ATOM   785  C CD  . LYS A 1 100 ? -9.295  5.578   -13.670 1.00 22.50 ? 100  LYS A CD  1 
ATOM   786  C CE  . LYS A 1 100 ? -8.116  6.467   -13.993 1.00 23.42 ? 100  LYS A CE  1 
ATOM   787  N NZ  . LYS A 1 100 ? -7.094  5.794   -14.807 0.00 0.00  ? 100  LYS A NZ  1 
ATOM   788  N N   . SER A 1 101 ? -10.737 5.964   -8.430  1.00 12.70 ? 101  SER A N   1 
ATOM   789  C CA  . SER A 1 101 ? -10.344 5.767   -7.042  1.00 12.36 ? 101  SER A CA  1 
ATOM   790  C C   . SER A 1 101 ? -10.122 4.286   -6.767  1.00 11.41 ? 101  SER A C   1 
ATOM   791  O O   . SER A 1 101 ? -10.659 3.429   -7.461  1.00 11.66 ? 101  SER A O   1 
ATOM   792  C CB  . SER A 1 101 ? -11.377 6.360   -6.069  1.00 13.56 ? 101  SER A CB  1 
ATOM   793  O OG  . SER A 1 101 ? -12.612 5.673   -6.105  1.00 18.71 ? 101  SER A OG  1 
ATOM   794  N N   . THR A 1 102 ? -9.254  4.004   -5.808  1.00 9.75  ? 102  THR A N   1 
ATOM   795  C CA  . THR A 1 102 ? -8.953  2.642   -5.413  1.00 9.19  ? 102  THR A CA  1 
ATOM   796  C C   . THR A 1 102 ? -8.754  2.688   -3.903  1.00 10.34 ? 102  THR A C   1 
ATOM   797  O O   . THR A 1 102 ? -8.366  3.729   -3.354  1.00 10.02 ? 102  THR A O   1 
ATOM   798  C CB  . THR A 1 102 ? -7.684  2.106   -6.124  1.00 10.60 ? 102  THR A CB  1 
ATOM   799  O OG1 . THR A 1 102 ? -7.440  0.749   -5.730  1.00 11.62 ? 102  THR A OG1 1 
ATOM   800  C CG2 . THR A 1 102 ? -6.465  2.968   -5.793  1.00 11.63 ? 102  THR A CG2 1 
ATOM   801  N N   . THR A 1 103 ? -9.070  1.589   -3.229  1.00 9.89  ? 103  THR A N   1 
ATOM   802  C CA  . THR A 1 103 ? -8.926  1.519   -1.783  1.00 10.26 ? 103  THR A CA  1 
ATOM   803  C C   . THR A 1 103 ? -7.859  0.499   -1.402  1.00 9.94  ? 103  THR A C   1 
ATOM   804  O O   . THR A 1 103 ? -7.761  -0.568  -2.009  1.00 10.65 ? 103  THR A O   1 
ATOM   805  C CB  . THR A 1 103 ? -10.267 1.157   -1.125  1.00 12.18 ? 103  THR A CB  1 
ATOM   806  O OG1 . THR A 1 103 ? -11.250 2.130   -1.500  1.00 15.25 ? 103  THR A OG1 1 
ATOM   807  C CG2 . THR A 1 103 ? -10.131 1.149   0.397   1.00 14.35 ? 103  THR A CG2 1 
ATOM   808  N N   . ILE A 1 104 ? -7.018  0.866   -0.443  1.00 8.97  ? 104  ILE A N   1 
ATOM   809  C CA  . ILE A 1 104 ? -5.942  0.006   0.035   1.00 9.10  ? 104  ILE A CA  1 
ATOM   810  C C   . ILE A 1 104 ? -6.110  -0.076  1.541   1.00 9.46  ? 104  ILE A C   1 
ATOM   811  O O   . ILE A 1 104 ? -6.043  0.945   2.225   1.00 9.44  ? 104  ILE A O   1 
ATOM   812  C CB  . ILE A 1 104 ? -4.551  0.611   -0.291  1.00 9.09  ? 104  ILE A CB  1 
ATOM   813  C CG1 . ILE A 1 104 ? -4.392  0.782   -1.804  1.00 12.42 ? 104  ILE A CG1 1 
ATOM   814  C CG2 . ILE A 1 104 ? -3.437  -0.274  0.264   1.00 8.14  ? 104  ILE A CG2 1 
ATOM   815  C CD1 . ILE A 1 104 ? -3.153  1.534   -2.213  1.00 16.09 ? 104  ILE A CD1 1 
ATOM   816  N N   . LYS A 1 105 ? -6.385  -1.275  2.045   1.00 7.55  ? 105  LYS A N   1 
ATOM   817  C CA  . LYS A 1 105 ? -6.559  -1.481  3.476   1.00 8.23  ? 105  LYS A CA  1 
ATOM   818  C C   . LYS A 1 105 ? -5.387  -2.265  4.031   1.00 9.59  ? 105  LYS A C   1 
ATOM   819  O O   . LYS A 1 105 ? -4.966  -3.259  3.441   1.00 10.08 ? 105  LYS A O   1 
ATOM   820  C CB  . LYS A 1 105 ? -7.851  -2.246  3.773   1.00 12.88 ? 105  LYS A CB  1 
ATOM   821  C CG  . LYS A 1 105 ? -9.118  -1.460  3.534   1.00 19.62 ? 105  LYS A CG  1 
ATOM   822  C CD  . LYS A 1 105 ? -10.342 -2.273  3.952   1.00 25.25 ? 105  LYS A CD  1 
ATOM   823  C CE  . LYS A 1 105 ? -10.265 -2.680  5.426   1.00 28.53 ? 105  LYS A CE  1 
ATOM   824  N NZ  . LYS A 1 105 ? -11.426 -3.466  5.867   0.00 0.00  ? 105  LYS A NZ  1 
ATOM   825  N N   . ARG A 1 106 ? -4.843  -1.794  5.145   1.00 7.20  ? 106  ARG A N   1 
ATOM   826  C CA  . ARG A 1 106 ? -3.731  -2.464  5.799   1.00 7.08  ? 106  ARG A CA  1 
ATOM   827  C C   . ARG A 1 106 ? -4.263  -2.825  7.170   1.00 8.53  ? 106  ARG A C   1 
ATOM   828  O O   . ARG A 1 106 ? -4.732  -1.960  7.919   1.00 8.29  ? 106  ARG A O   1 
ATOM   829  C CB  . ARG A 1 106 ? -2.527  -1.537  5.901   1.00 8.48  ? 106  ARG A CB  1 
ATOM   830  C CG  . ARG A 1 106 ? -1.973  -1.119  4.542   1.00 9.89  ? 106  ARG A CG  1 
ATOM   831  C CD  . ARG A 1 106 ? -0.823  -0.144  4.692   1.00 10.99 ? 106  ARG A CD  1 
ATOM   832  N NE  . ARG A 1 106 ? -0.216  0.219   3.416   1.00 13.29 ? 106  ARG A NE  1 
ATOM   833  C CZ  . ARG A 1 106 ? -0.616  1.232   2.652   1.00 13.24 ? 106  ARG A CZ  1 
ATOM   834  N NH1 . ARG A 1 106 ? -1.624  2.000   3.030   1.00 13.65 ? 106  ARG A NH1 1 
ATOM   835  N NH2 . ARG A 1 106 ? 0.004   1.489   1.510   1.00 16.71 ? 106  ARG A NH2 1 
ATOM   836  N N   . LYS A 1 107 ? -4.245  -4.111  7.477   1.00 7.79  ? 107  LYS A N   1 
ATOM   837  C CA  . LYS A 1 107 ? -4.771  -4.579  8.739   1.00 9.35  ? 107  LYS A CA  1 
ATOM   838  C C   . LYS A 1 107 ? -3.940  -5.702  9.309   1.00 9.65  ? 107  LYS A C   1 
ATOM   839  O O   . LYS A 1 107 ? -3.097  -6.284  8.632   1.00 10.42 ? 107  LYS A O   1 
ATOM   840  C CB  . LYS A 1 107 ? -6.217  -5.048  8.555   1.00 13.50 ? 107  LYS A CB  1 
ATOM   841  C CG  . LYS A 1 107 ? -6.395  -6.163  7.529   1.00 17.80 ? 107  LYS A CG  1 
ATOM   842  C CD  . LYS A 1 107 ? -7.866  -6.528  7.343   1.00 25.52 ? 107  LYS A CD  1 
ATOM   843  C CE  . LYS A 1 107 ? -8.049  -7.630  6.300   1.00 29.06 ? 107  LYS A CE  1 
ATOM   844  N NZ  . LYS A 1 107 ? -9.471  -8.081  6.192   1.00 28.92 ? 107  LYS A NZ  1 
ATOM   845  N N   . ARG A 1 108 ? -4.138  -5.951  10.591  1.00 8.65  ? 108  ARG A N   1 
ATOM   846  C CA  . ARG A 1 108 ? -3.434  -7.010  11.280  1.00 9.14  ? 108  ARG A CA  1 
ATOM   847  C C   . ARG A 1 108 ? -4.323  -8.243  11.278  1.00 10.90 ? 108  ARG A C   1 
ATOM   848  O O   . ARG A 1 108 ? -5.546  -8.135  11.384  1.00 11.59 ? 108  ARG A O   1 
ATOM   849  C CB  . ARG A 1 108 ? -3.125  -6.583  12.720  1.00 8.38  ? 108  ARG A CB  1 
ATOM   850  C CG  . ARG A 1 108 ? -2.013  -5.539  12.834  1.00 7.58  ? 108  ARG A CG  1 
ATOM   851  C CD  . ARG A 1 108 ? -0.709  -6.080  12.263  1.00 10.07 ? 108  ARG A CD  1 
ATOM   852  N NE  . ARG A 1 108 ? -0.377  -7.381  12.844  1.00 8.33  ? 108  ARG A NE  1 
ATOM   853  C CZ  . ARG A 1 108 ? 0.194   -7.544  14.032  1.00 9.86  ? 108  ARG A CZ  1 
ATOM   854  N NH1 . ARG A 1 108 ? 0.511   -6.484  14.765  1.00 9.45  ? 108  ARG A NH1 1 
ATOM   855  N NH2 . ARG A 1 108 ? 0.386   -8.764  14.517  1.00 10.14 ? 108  ARG A NH2 1 
ATOM   856  N N   . ASP A 1 109 ? -3.714  -9.404  11.087  1.00 10.52 ? 109  ASP A N   1 
ATOM   857  C CA  . ASP A 1 109 ? -4.440  -10.666 11.098  1.00 11.58 ? 109  ASP A CA  1 
ATOM   858  C C   . ASP A 1 109 ? -3.478  -11.608 11.791  1.00 10.08 ? 109  ASP A C   1 
ATOM   859  O O   . ASP A 1 109 ? -2.484  -12.027 11.209  1.00 9.41  ? 109  ASP A O   1 
ATOM   860  C CB  . ASP A 1 109 ? -4.731  -11.157 9.675   1.00 17.32 ? 109  ASP A CB  1 
ATOM   861  C CG  . ASP A 1 109 ? -5.650  -12.387 9.647   1.00 21.60 ? 109  ASP A CG  1 
ATOM   862  O OD1 . ASP A 1 109 ? -5.914  -12.992 10.714  1.00 21.89 ? 109  ASP A OD1 1 
ATOM   863  O OD2 . ASP A 1 109 ? -6.112  -12.752 8.545   1.00 25.62 ? 109  ASP A OD2 1 
ATOM   864  N N   . GLY A 1 110 ? -3.758  -11.916 13.049  1.00 10.33 ? 110  GLY A N   1 
ATOM   865  C CA  . GLY A 1 110 ? -2.863  -12.771 13.799  1.00 11.07 ? 110  GLY A CA  1 
ATOM   866  C C   . GLY A 1 110 ? -1.552  -12.027 13.982  1.00 12.24 ? 110  GLY A C   1 
ATOM   867  O O   . GLY A 1 110 ? -1.532  -10.895 14.477  1.00 11.29 ? 110  GLY A O   1 
ATOM   868  N N   . ASP A 1 111 ? -0.460  -12.660 13.570  1.00 11.83 ? 111  ASP A N   1 
ATOM   869  C CA  . ASP A 1 111 ? 0.867   -12.064 13.666  1.00 11.94 ? 111  ASP A CA  1 
ATOM   870  C C   . ASP A 1 111 ? 1.308   -11.484 12.319  1.00 12.37 ? 111  ASP A C   1 
ATOM   871  O O   . ASP A 1 111 ? 2.455   -11.067 12.157  1.00 12.67 ? 111  ASP A O   1 
ATOM   872  C CB  . ASP A 1 111 ? 1.893   -13.102 14.161  1.00 15.26 ? 111  ASP A CB  1 
ATOM   873  C CG  . ASP A 1 111 ? 1.980   -14.348 13.269  1.00 18.22 ? 111  ASP A CG  1 
ATOM   874  O OD1 . ASP A 1 111 ? 1.215   -14.480 12.293  1.00 20.01 ? 111  ASP A OD1 1 
ATOM   875  O OD2 . ASP A 1 111 ? 2.826   -15.223 13.560  1.00 20.69 ? 111  ASP A OD2 1 
ATOM   876  N N   . LYS A 1 112 ? 0.389   -11.485 11.357  1.00 11.77 ? 112  LYS A N   1 
ATOM   877  C CA  . LYS A 1 112 ? 0.649   -10.991 10.006  1.00 11.85 ? 112  LYS A CA  1 
ATOM   878  C C   . LYS A 1 112 ? 0.049   -9.603  9.772   1.00 10.09 ? 112  LYS A C   1 
ATOM   879  O O   . LYS A 1 112 ? -0.810  -9.135  10.528  1.00 9.46  ? 112  LYS A O   1 
ATOM   880  C CB  . LYS A 1 112 ? 0.008   -11.928 8.968   1.00 13.26 ? 112  LYS A CB  1 
ATOM   881  C CG  . LYS A 1 112 ? 0.348   -13.406 9.068   1.00 16.33 ? 112  LYS A CG  1 
ATOM   882  C CD  . LYS A 1 112 ? 1.792   -13.679 8.687   1.00 21.39 ? 112  LYS A CD  1 
ATOM   883  C CE  . LYS A 1 112 ? 2.041   -15.172 8.474   1.00 23.56 ? 112  LYS A CE  1 
ATOM   884  N NZ  . LYS A 1 112 ? 1.678   -16.006 9.659   1.00 24.58 ? 112  LYS A NZ  1 
ATOM   885  N N   . LEU A 1 113 ? 0.512   -8.957  8.709   1.00 7.71  ? 113  LEU A N   1 
ATOM   886  C CA  . LEU A 1 113 ? -0.017  -7.666  8.295   1.00 8.18  ? 113  LEU A CA  1 
ATOM   887  C C   . LEU A 1 113 ? -0.553  -7.973  6.900   1.00 9.09  ? 113  LEU A C   1 
ATOM   888  O O   . LEU A 1 113 ? 0.184   -8.467  6.045   1.00 10.48 ? 113  LEU A O   1 
ATOM   889  C CB  . LEU A 1 113 ? 1.080   -6.598  8.231   1.00 9.07  ? 113  LEU A CB  1 
ATOM   890  C CG  . LEU A 1 113 ? 0.569   -5.162  8.044   1.00 13.30 ? 113  LEU A CG  1 
ATOM   891  C CD1 . LEU A 1 113 ? 1.595   -4.167  8.535   1.00 17.61 ? 113  LEU A CD1 1 
ATOM   892  C CD2 . LEU A 1 113 ? 0.226   -4.891  6.606   1.00 15.68 ? 113  LEU A CD2 1 
ATOM   893  N N   . VAL A 1 114 ? -1.838  -7.732  6.690   1.00 8.45  ? 114  VAL A N   1 
ATOM   894  C CA  . VAL A 1 114 ? -2.471  -8.004  5.405   1.00 8.46  ? 114  VAL A CA  1 
ATOM   895  C C   . VAL A 1 114 ? -2.842  -6.711  4.680   1.00 9.29  ? 114  VAL A C   1 
ATOM   896  O O   . VAL A 1 114 ? -3.435  -5.806  5.271   1.00 9.96  ? 114  VAL A O   1 
ATOM   897  C CB  . VAL A 1 114 ? -3.744  -8.858  5.602   1.00 8.92  ? 114  VAL A CB  1 
ATOM   898  C CG1 . VAL A 1 114 ? -4.451  -9.073  4.271   1.00 11.58 ? 114  VAL A CG1 1 
ATOM   899  C CG2 . VAL A 1 114 ? -3.389  -10.192 6.251   1.00 9.44  ? 114  VAL A CG2 1 
ATOM   900  N N   . VAL A 1 115 ? -2.462  -6.614  3.410   1.00 8.65  ? 115  VAL A N   1 
ATOM   901  C CA  . VAL A 1 115 ? -2.786  -5.444  2.602   1.00 8.86  ? 115  VAL A CA  1 
ATOM   902  C C   . VAL A 1 115 ? -3.772  -5.898  1.530   1.00 10.13 ? 115  VAL A C   1 
ATOM   903  O O   . VAL A 1 115 ? -3.504  -6.853  0.796   1.00 10.63 ? 115  VAL A O   1 
ATOM   904  C CB  . VAL A 1 115 ? -1.535  -4.849  1.903   1.00 8.29  ? 115  VAL A CB  1 
ATOM   905  C CG1 . VAL A 1 115 ? -1.896  -3.551  1.190   1.00 9.97  ? 115  VAL A CG1 1 
ATOM   906  C CG2 . VAL A 1 115 ? -0.431  -4.602  2.905   1.00 9.14  ? 115  VAL A CG2 1 
ATOM   907  N N   . GLU A 1 116 ? -4.934  -5.263  1.487   1.00 9.66  ? 116  GLU A N   1 
ATOM   908  C CA  . GLU A 1 116 ? -5.943  -5.588  0.495   1.00 9.64  ? 116  GLU A CA  1 
ATOM   909  C C   . GLU A 1 116 ? -6.187  -4.376  -0.392  1.00 10.14 ? 116  GLU A C   1 
ATOM   910  O O   . GLU A 1 116 ? -6.505  -3.293  0.100   1.00 10.43 ? 116  GLU A O   1 
ATOM   911  C CB  . GLU A 1 116 ? -7.249  -5.997  1.162   1.00 12.67 ? 116  GLU A CB  1 
ATOM   912  C CG  . GLU A 1 116 ? -8.305  -6.412  0.156   1.00 21.71 ? 116  GLU A CG  1 
ATOM   913  C CD  . GLU A 1 116 ? -9.576  -6.918  0.795   1.00 27.49 ? 116  GLU A CD  1 
ATOM   914  O OE1 . GLU A 1 116 ? -9.845  -6.573  1.973   1.00 30.20 ? 116  GLU A OE1 1 
ATOM   915  O OE2 . GLU A 1 116 ? -10.312 -7.658  0.105   1.00 30.30 ? 116  GLU A OE2 1 
HETATM 916  N N   . CSD A 1 117 ? -6.045  -4.567  -1.698  1.00 10.35 ? 117  CSD A N   1 
HETATM 917  C CA  . CSD A 1 117 ? -6.249  -3.498  -2.668  1.00 11.14 ? 117  CSD A CA  1 
HETATM 918  C CB  . CSD A 1 117 ? -5.017  -3.358  -3.545  1.00 14.85 ? 117  CSD A CB  1 
HETATM 919  S SG  . CSD A 1 117 ? -3.455  -3.365  -2.616  1.00 20.03 ? 117  CSD A SG  1 
HETATM 920  C C   . CSD A 1 117 ? -7.460  -3.820  -3.538  1.00 11.11 ? 117  CSD A C   1 
HETATM 921  O O   . CSD A 1 117 ? -7.594  -4.939  -4.038  1.00 12.33 ? 117  CSD A O   1 
HETATM 922  O OD1 . CSD A 1 117 ? -2.995  -4.735  -2.661  1.00 25.38 ? 117  CSD A OD1 1 
HETATM 923  O OD2 . CSD A 1 117 ? -2.560  -2.563  -3.379  1.00 27.04 ? 117  CSD A OD2 1 
ATOM   924  N N   . VAL A 1 118 ? -8.340  -2.845  -3.710  1.00 9.36  ? 118  VAL A N   1 
ATOM   925  C CA  . VAL A 1 118 ? -9.545  -3.043  -4.502  1.00 10.59 ? 118  VAL A CA  1 
ATOM   926  C C   . VAL A 1 118 ? -9.674  -1.970  -5.568  1.00 12.13 ? 118  VAL A C   1 
ATOM   927  O O   . VAL A 1 118 ? -9.569  -0.777  -5.274  1.00 12.10 ? 118  VAL A O   1 
ATOM   928  C CB  . VAL A 1 118 ? -10.821 -2.978  -3.634  1.00 11.45 ? 118  VAL A CB  1 
ATOM   929  C CG1 . VAL A 1 118 ? -12.023 -3.395  -4.464  1.00 13.27 ? 118  VAL A CG1 1 
ATOM   930  C CG2 . VAL A 1 118 ? -10.687 -3.859  -2.404  1.00 11.93 ? 118  VAL A CG2 1 
ATOM   931  N N   . MET A 1 119 ? -9.915  -2.402  -6.799  1.00 12.85 ? 119  MET A N   1 
ATOM   932  C CA  . MET A 1 119 ? -10.085 -1.502  -7.932  1.00 14.40 ? 119  MET A CA  1 
ATOM   933  C C   . MET A 1 119 ? -11.190 -2.097  -8.791  1.00 15.49 ? 119  MET A C   1 
ATOM   934  O O   . MET A 1 119 ? -11.031 -3.183  -9.347  1.00 14.91 ? 119  MET A O   1 
ATOM   935  C CB  . MET A 1 119 ? -8.791  -1.405  -8.743  1.00 13.53 ? 119  MET A CB  1 
ATOM   936  C CG  . MET A 1 119 ? -8.896  -0.546  -9.987  1.00 17.16 ? 119  MET A CG  1 
ATOM   937  S SD  . MET A 1 119 ? -9.234  1.153   -9.577  1.00 20.60 ? 119  MET A SD  1 
ATOM   938  C CE  . MET A 1 119 ? -9.277  1.914   -11.179 1.00 18.28 ? 119  MET A CE  1 
ATOM   939  N N   . LYS A 1 120 ? -12.330 -1.414  -8.828  1.00 18.23 ? 120  LYS A N   1 
ATOM   940  C CA  . LYS A 1 120 ? -13.485 -1.850  -9.609  1.00 21.60 ? 120  LYS A CA  1 
ATOM   941  C C   . LYS A 1 120 ? -13.813 -3.342  -9.488  1.00 22.53 ? 120  LYS A C   1 
ATOM   942  O O   . LYS A 1 120 ? -13.865 -4.062  -10.489 1.00 24.27 ? 120  LYS A O   1 
ATOM   943  C CB  . LYS A 1 120 ? -13.294 -1.473  -11.080 1.00 22.48 ? 120  LYS A CB  1 
ATOM   944  C CG  . LYS A 1 120 ? -13.286 0.021   -11.326 1.00 25.95 ? 120  LYS A CG  1 
ATOM   945  C CD  . LYS A 1 120 ? -13.094 0.383   -12.799 0.00 0.00  ? 120  LYS A CD  1 
ATOM   946  C CE  . LYS A 1 120 ? -13.085 1.892   -13.049 0.00 0.00  ? 120  LYS A CE  1 
ATOM   947  N NZ  . LYS A 1 120 ? -12.901 2.240   -14.464 0.00 0.00  ? 120  LYS A NZ  1 
ATOM   948  N N   . GLY A 1 121 ? -14.005 -3.811  -8.263  1.00 21.72 ? 121  GLY A N   1 
ATOM   949  C CA  . GLY A 1 121 ? -14.340 -5.212  -8.080  1.00 22.56 ? 121  GLY A CA  1 
ATOM   950  C C   . GLY A 1 121 ? -13.168 -6.169  -7.977  1.00 22.20 ? 121  GLY A C   1 
ATOM   951  O O   . GLY A 1 121 ? -13.292 -7.212  -7.339  1.00 25.44 ? 121  GLY A O   1 
ATOM   952  N N   . VAL A 1 122 ? -12.042 -5.844  -8.609  1.00 18.53 ? 122  VAL A N   1 
ATOM   953  C CA  . VAL A 1 122 ? -10.855 -6.698  -8.548  1.00 15.44 ? 122  VAL A CA  1 
ATOM   954  C C   . VAL A 1 122 ? -10.145 -6.479  -7.206  1.00 13.10 ? 122  VAL A C   1 
ATOM   955  O O   . VAL A 1 122 ? -9.806  -5.352  -6.854  1.00 12.93 ? 122  VAL A O   1 
ATOM   956  C CB  . VAL A 1 122 ? -9.879  -6.382  -9.704  1.00 15.79 ? 122  VAL A CB  1 
ATOM   957  C CG1 . VAL A 1 122 ? -8.686  -7.321  -9.662  1.00 16.16 ? 122  VAL A CG1 1 
ATOM   958  C CG2 . VAL A 1 122 ? -10.602 -6.492  -11.042 1.00 18.69 ? 122  VAL A CG2 1 
ATOM   959  N N   . THR A 1 123 ? -9.956  -7.556  -6.453  1.00 11.50 ? 123  THR A N   1 
ATOM   960  C CA  . THR A 1 123 ? -9.305  -7.489  -5.149  1.00 11.35 ? 123  THR A CA  1 
ATOM   961  C C   . THR A 1 123 ? -8.013  -8.297  -5.090  1.00 12.68 ? 123  THR A C   1 
ATOM   962  O O   . THR A 1 123 ? -7.979  -9.472  -5.480  1.00 14.11 ? 123  THR A O   1 
ATOM   963  C CB  . THR A 1 123 ? -10.243 -8.010  -4.041  1.00 11.10 ? 123  THR A CB  1 
ATOM   964  O OG1 . THR A 1 123 ? -10.590 -9.374  -4.308  1.00 14.35 ? 123  THR A OG1 1 
ATOM   965  C CG2 . THR A 1 123 ? -11.502 -7.196  -4.000  1.00 9.90  ? 123  THR A CG2 1 
ATOM   966  N N   . SER A 1 124 ? -6.956  -7.671  -4.584  1.00 11.12 ? 124  SER A N   1 
ATOM   967  C CA  . SER A 1 124 ? -5.665  -8.319  -4.439  1.00 9.66  ? 124  SER A CA  1 
ATOM   968  C C   . SER A 1 124 ? -5.364  -8.386  -2.948  1.00 10.30 ? 124  SER A C   1 
ATOM   969  O O   . SER A 1 124 ? -5.700  -7.459  -2.206  1.00 11.38 ? 124  SER A O   1 
ATOM   970  C CB  . SER A 1 124 ? -4.582  -7.502  -5.150  1.00 9.02  ? 124  SER A CB  1 
ATOM   971  O OG  . SER A 1 124 ? -3.303  -8.069  -4.930  1.00 12.60 ? 124  SER A OG  1 
ATOM   972  N N   . THR A 1 125 ? -4.756  -9.481  -2.507  1.00 8.28  ? 125  THR A N   1 
ATOM   973  C CA  . THR A 1 125 ? -4.409  -9.660  -1.103  1.00 9.44  ? 125  THR A CA  1 
ATOM   974  C C   . THR A 1 125 ? -2.926  -9.995  -0.991  1.00 8.72  ? 125  THR A C   1 
ATOM   975  O O   . THR A 1 125 ? -2.441  -10.942 -1.612  1.00 10.51 ? 125  THR A O   1 
ATOM   976  C CB  . THR A 1 125 ? -5.240  -10.791 -0.462  1.00 10.49 ? 125  THR A CB  1 
ATOM   977  O OG1 . THR A 1 125 ? -6.634  -10.496 -0.603  1.00 12.46 ? 125  THR A OG1 1 
ATOM   978  C CG2 . THR A 1 125 ? -4.902  -10.943 1.022   1.00 12.04 ? 125  THR A CG2 1 
ATOM   979  N N   . ARG A 1 126 ? -2.200  -9.185  -0.232  1.00 7.44  ? 126  ARG A N   1 
ATOM   980  C CA  . ARG A 1 126 ? -0.766  -9.375  -0.039  1.00 9.27  ? 126  ARG A CA  1 
ATOM   981  C C   . ARG A 1 126 ? -0.541  -9.577  1.452   1.00 9.61  ? 126  ARG A C   1 
ATOM   982  O O   . ARG A 1 126 ? -0.991  -8.770  2.260   1.00 9.75  ? 126  ARG A O   1 
ATOM   983  C CB  . ARG A 1 126 ? -0.015  -8.126  -0.505  1.00 11.84 ? 126  ARG A CB  1 
ATOM   984  C CG  . ARG A 1 126 ? -0.489  -7.590  -1.840  1.00 17.55 ? 126  ARG A CG  1 
ATOM   985  C CD  . ARG A 1 126 ? 0.461   -7.952  -2.935  1.00 17.84 ? 126  ARG A CD  1 
ATOM   986  N NE  . ARG A 1 126 ? 1.674   -7.140  -2.881  1.00 17.49 ? 126  ARG A NE  1 
ATOM   987  C CZ  . ARG A 1 126 ? 2.742   -7.345  -3.649  1.00 17.33 ? 126  ARG A CZ  1 
ATOM   988  N NH1 . ARG A 1 126 ? 2.751   -8.338  -4.531  1.00 14.61 ? 126  ARG A NH1 1 
ATOM   989  N NH2 . ARG A 1 126 ? 3.792   -6.542  -3.547  1.00 15.98 ? 126  ARG A NH2 1 
ATOM   990  N N   . VAL A 1 127 ? 0.149   -10.649 1.813   1.00 8.55  ? 127  VAL A N   1 
ATOM   991  C CA  . VAL A 1 127 ? 0.395   -10.937 3.221   1.00 8.01  ? 127  VAL A CA  1 
ATOM   992  C C   . VAL A 1 127 ? 1.856   -10.681 3.567   1.00 7.56  ? 127  VAL A C   1 
ATOM   993  O O   . VAL A 1 127 ? 2.759   -11.087 2.829   1.00 8.70  ? 127  VAL A O   1 
ATOM   994  C CB  . VAL A 1 127 ? 0.001   -12.400 3.568   1.00 8.60  ? 127  VAL A CB  1 
ATOM   995  C CG1 . VAL A 1 127 ? 0.263   -12.694 5.043   1.00 11.33 ? 127  VAL A CG1 1 
ATOM   996  C CG2 . VAL A 1 127 ? -1.464  -12.630 3.249   1.00 9.94  ? 127  VAL A CG2 1 
ATOM   997  N N   . TYR A 1 128 ? 2.079   -10.010 4.693   1.00 6.43  ? 128  TYR A N   1 
ATOM   998  C CA  . TYR A 1 128 ? 3.409   -9.680  5.175   1.00 7.23  ? 128  TYR A CA  1 
ATOM   999  C C   . TYR A 1 128 ? 3.621   -10.259 6.565   1.00 8.39  ? 128  TYR A C   1 
ATOM   1000 O O   . TYR A 1 128 ? 2.677   -10.380 7.337   1.00 7.80  ? 128  TYR A O   1 
ATOM   1001 C CB  . TYR A 1 128 ? 3.580   -8.156  5.284   1.00 7.76  ? 128  TYR A CB  1 
ATOM   1002 C CG  . TYR A 1 128 ? 3.780   -7.429  3.973   1.00 8.23  ? 128  TYR A CG  1 
ATOM   1003 C CD1 . TYR A 1 128 ? 2.702   -7.150  3.129   1.00 9.04  ? 128  TYR A CD1 1 
ATOM   1004 C CD2 . TYR A 1 128 ? 5.054   -7.022  3.577   1.00 7.84  ? 128  TYR A CD2 1 
ATOM   1005 C CE1 . TYR A 1 128 ? 2.892   -6.479  1.924   1.00 10.50 ? 128  TYR A CE1 1 
ATOM   1006 C CE2 . TYR A 1 128 ? 5.252   -6.354  2.382   1.00 9.81  ? 128  TYR A CE2 1 
ATOM   1007 C CZ  . TYR A 1 128 ? 4.173   -6.090  1.555   1.00 10.42 ? 128  TYR A CZ  1 
ATOM   1008 O OH  . TYR A 1 128 ? 4.380   -5.462  0.352   1.00 14.54 ? 128  TYR A OH  1 
ATOM   1009 N N   . GLU A 1 129 ? 4.858   -10.631 6.869   1.00 8.95  ? 129  GLU A N   1 
ATOM   1010 C CA  . GLU A 1 129 ? 5.198   -11.128 8.194   1.00 10.51 ? 129  GLU A CA  1 
ATOM   1011 C C   . GLU A 1 129 ? 6.355   -10.256 8.685   1.00 9.66  ? 129  GLU A C   1 
ATOM   1012 O O   . GLU A 1 129 ? 6.998   -9.570  7.890   1.00 9.85  ? 129  GLU A O   1 
ATOM   1013 C CB  . GLU A 1 129 ? 5.574   -12.616 8.171   1.00 12.17 ? 129  GLU A CB  1 
ATOM   1014 C CG  . GLU A 1 129 ? 6.916   -12.954 7.540   1.00 18.33 ? 129  GLU A CG  1 
ATOM   1015 C CD  . GLU A 1 129 ? 7.224   -14.455 7.557   1.00 21.73 ? 129  GLU A CD  1 
ATOM   1016 O OE1 . GLU A 1 129 ? 6.284   -15.267 7.764   1.00 21.92 ? 129  GLU A OE1 1 
ATOM   1017 O OE2 . GLU A 1 129 ? 8.409   -14.812 7.349   1.00 19.64 ? 129  GLU A OE2 1 
ATOM   1018 N N   . ARG A 1 130 ? 6.577   -10.217 9.992   1.00 11.54 ? 130  ARG A N   1 
ATOM   1019 C CA  . ARG A 1 130 ? 7.654   -9.399  10.532  1.00 11.29 ? 130  ARG A CA  1 
ATOM   1020 C C   . ARG A 1 130 ? 9.005   -9.885  10.043  1.00 11.63 ? 130  ARG A C   1 
ATOM   1021 O O   . ARG A 1 130 ? 9.240   -11.095 9.910   1.00 10.90 ? 130  ARG A O   1 
ATOM   1022 C CB  . ARG A 1 130 ? 7.627   -9.371  12.065  1.00 13.86 ? 130  ARG A CB  1 
ATOM   1023 C CG  . ARG A 1 130 ? 6.478   -8.561  12.646  1.00 15.51 ? 130  ARG A CG  1 
ATOM   1024 C CD  . ARG A 1 130 ? 6.662   -8.286  14.125  1.00 16.89 ? 130  ARG A CD  1 
ATOM   1025 N NE  . ARG A 1 130 ? 5.505   -7.598  14.694  1.00 17.68 ? 130  ARG A NE  1 
ATOM   1026 C CZ  . ARG A 1 130 ? 5.297   -6.285  14.627  1.00 18.05 ? 130  ARG A CZ  1 
ATOM   1027 N NH1 . ARG A 1 130 ? 6.171   -5.496  14.014  1.00 15.15 ? 130  ARG A NH1 1 
ATOM   1028 N NH2 . ARG A 1 130 ? 4.208   -5.761  15.175  1.00 18.95 ? 130  ARG A NH2 1 
ATOM   1029 N N   . ALA A 1 131 ? 9.872   -8.930  9.736   1.00 10.68 ? 131  ALA A N   1 
ATOM   1030 C CA  . ALA A 1 131 ? 11.208  -9.240  9.266   1.00 12.70 ? 131  ALA A CA  1 
ATOM   1031 C C   . ALA A 1 131 ? 12.108  -9.561  10.458  1.00 14.08 ? 131  ALA A C   1 
ATOM   1032 O O   . ALA A 1 131 ? 11.879  -8.987  11.543  1.00 17.34 ? 131  ALA A O   1 
ATOM   1033 C CB  . ALA A 1 131 ? 11.758  -8.073  8.480   1.00 14.11 ? 131  ALA A CB  1 
ATOM   1034 O OXT . ALA A 1 131 ? 13.021  -10.396 10.307  1.00 18.77 ? 131  ALA A OXT 1 
HETATM 1035 C C1  . ACD B 2 .   ? 1.818   -3.582  -1.176  0.89 32.06 ? 135  ACD A C1  1 
HETATM 1036 C C2  . ACD B 2 .   ? 0.807   -3.161  -2.210  0.89 34.04 ? 135  ACD A C2  1 
HETATM 1037 C C3  . ACD B 2 .   ? 0.876   -1.687  -2.546  0.89 37.22 ? 135  ACD A C3  1 
HETATM 1038 C C4  . ACD B 2 .   ? 0.147   -1.405  -3.846  0.89 39.44 ? 135  ACD A C4  1 
HETATM 1039 C C5  . ACD B 2 .   ? 0.157   -0.004  -4.208  0.89 41.58 ? 135  ACD A C5  1 
HETATM 1040 C C6  . ACD B 2 .   ? 0.700   0.403   -5.422  0.89 42.85 ? 135  ACD A C6  1 
HETATM 1041 C C7  . ACD B 2 .   ? 1.263   -0.564  -6.348  0.89 42.78 ? 135  ACD A C7  1 
HETATM 1042 C C8  . ACD B 2 .   ? 0.829   -0.356  -7.715  0.89 43.04 ? 135  ACD A C8  1 
HETATM 1043 C C9  . ACD B 2 .   ? 1.724   -0.477  -8.772  0.89 43.92 ? 135  ACD A C9  1 
HETATM 1044 C C10 . ACD B 2 .   ? 3.121   -0.816  -8.542  0.89 42.46 ? 135  ACD A C10 1 
HETATM 1045 C C11 . ACD B 2 .   ? 3.917   -0.775  -9.758  0.89 43.32 ? 135  ACD A C11 1 
HETATM 1046 C C12 . ACD B 2 .   ? 5.309   -0.858  -9.719  0.89 45.44 ? 135  ACD A C12 1 
HETATM 1047 C C13 . ACD B 2 .   ? 6.023   -0.993  -8.461  0.89 47.21 ? 135  ACD A C13 1 
HETATM 1048 C C14 . ACD B 2 .   ? 7.335   -1.606  -8.616  0.89 47.56 ? 135  ACD A C14 1 
HETATM 1049 C C15 . ACD B 2 .   ? 7.971   -2.218  -7.536  0.89 47.57 ? 135  ACD A C15 1 
HETATM 1050 C C16 . ACD B 2 .   ? 7.339   -2.253  -6.230  0.89 47.33 ? 135  ACD A C16 1 
HETATM 1051 C C17 . ACD B 2 .   ? 6.419   -3.454  -6.041  0.89 47.13 ? 135  ACD A C17 1 
HETATM 1052 C C18 . ACD B 2 .   ? 5.714   -3.395  -4.698  0.89 46.76 ? 135  ACD A C18 1 
HETATM 1053 C C19 . ACD B 2 .   ? 4.817   -2.172  -4.593  0.89 46.43 ? 135  ACD A C19 1 
HETATM 1054 C C20 . ACD B 2 .   ? 4.319   -1.992  -3.180  0.89 47.09 ? 135  ACD A C20 1 
HETATM 1055 O O1  . ACD B 2 .   ? 2.010   -2.866  -0.164  0.89 32.66 ? 135  ACD A O1  1 
HETATM 1056 O O2  . ACD B 2 .   ? 2.447   -4.646  -1.373  0.89 28.70 ? 135  ACD A O2  1 
HETATM 1057 C C1  . PPI C 3 .   ? -0.039  -12.247 -8.231  0.93 26.36 ? 136  PPI A C1  1 
HETATM 1058 C C2  . PPI C 3 .   ? 0.813   -13.487 -8.331  0.93 29.07 ? 136  PPI A C2  1 
HETATM 1059 C C3  . PPI C 3 .   ? 0.116   -14.721 -7.770  0.93 32.63 ? 136  PPI A C3  1 
HETATM 1060 O O1  . PPI C 3 .   ? -0.423  -11.696 -9.289  0.93 27.57 ? 136  PPI A O1  1 
HETATM 1061 O O2  . PPI C 3 .   ? -0.334  -11.821 -7.095  0.93 20.60 ? 136  PPI A O2  1 
HETATM 1062 O O   . HOH D 4 .   ? -12.503 5.687   3.561   1.00 24.96 ? 1003 HOH A O   1 
HETATM 1063 O O   . HOH D 4 .   ? 8.940   -5.668  12.784  1.00 21.42 ? 1007 HOH A O   1 
HETATM 1064 O O   . HOH D 4 .   ? 6.019   -15.192 -2.737  1.00 51.45 ? 1011 HOH A O   1 
HETATM 1065 O O   . HOH D 4 .   ? 2.751   -15.692 -3.387  1.00 40.47 ? 1013 HOH A O   1 
HETATM 1066 O O   . HOH D 4 .   ? -7.229  -11.448 -3.154  1.00 21.23 ? 1014 HOH A O   1 
HETATM 1067 O O   . HOH D 4 .   ? -5.129  -14.325 -10.645 1.00 45.22 ? 1015 HOH A O   1 
HETATM 1068 O O   . HOH D 4 .   ? 2.852   -9.353  -11.954 1.00 26.88 ? 1017 HOH A O   1 
HETATM 1069 O O   . HOH D 4 .   ? -3.114  -11.511 -10.775 1.00 21.41 ? 1018 HOH A O   1 
HETATM 1070 O O   . HOH D 4 .   ? 1.399   -1.924  -21.824 1.00 45.49 ? 1027 HOH A O   1 
HETATM 1071 O O   . HOH D 4 .   ? -0.649  -3.730  -20.627 1.00 33.34 ? 1030 HOH A O   1 
HETATM 1072 O O   . HOH D 4 .   ? 8.946   4.190   7.907   1.00 21.84 ? 1041 HOH A O   1 
HETATM 1073 O O   . HOH D 4 .   ? 9.825   1.130   12.387  1.00 19.20 ? 1042 HOH A O   1 
HETATM 1074 O O   . HOH D 4 .   ? 8.714   8.143   11.678  1.00 18.95 ? 1043 HOH A O   1 
HETATM 1075 O O   . HOH D 4 .   ? -1.776  17.639  3.306   1.00 19.74 ? 1044 HOH A O   1 
HETATM 1076 O O   . HOH D 4 .   ? 10.989  9.409   12.671  1.00 20.89 ? 1045 HOH A O   1 
HETATM 1077 O O   . HOH D 4 .   ? -2.166  11.215  12.513  1.00 16.94 ? 1047 HOH A O   1 
HETATM 1078 O O   . HOH D 4 .   ? 6.661   9.569   10.794  1.00 14.24 ? 1048 HOH A O   1 
HETATM 1079 O O   . HOH D 4 .   ? 15.994  -0.749  -1.822  1.00 30.28 ? 1055 HOH A O   1 
HETATM 1080 O O   . HOH D 4 .   ? 10.105  6.998   -5.168  1.00 34.68 ? 1059 HOH A O   1 
HETATM 1081 O O   . HOH D 4 .   ? 5.211   4.040   0.603   1.00 22.44 ? 1060 HOH A O   1 
HETATM 1082 O O   . HOH D 4 .   ? 8.358   11.509  3.620   1.00 37.71 ? 1061 HOH A O   1 
HETATM 1083 O O   . HOH D 4 .   ? -1.527  14.175  5.716   1.00 14.41 ? 1065 HOH A O   1 
HETATM 1084 O O   . HOH D 4 .   ? -4.371  11.049  5.480   1.00 9.35  ? 1068 HOH A O   1 
HETATM 1085 O O   . HOH D 4 .   ? -8.707  16.908  -3.745  1.00 50.21 ? 1069 HOH A O   1 
HETATM 1086 O O   . HOH D 4 .   ? 0.840   16.859  -0.036  1.00 15.65 ? 1071 HOH A O   1 
HETATM 1087 O O   . HOH D 4 .   ? 3.590   5.339   -2.784  1.00 23.63 ? 1072 HOH A O   1 
HETATM 1088 O O   . HOH D 4 .   ? 4.741   10.381  -2.587  1.00 21.06 ? 1073 HOH A O   1 
HETATM 1089 O O   . HOH D 4 .   ? 3.096   3.186   -4.722  1.00 21.63 ? 1075 HOH A O   1 
HETATM 1090 O O   . HOH D 4 .   ? 0.335   3.586   -14.134 1.00 39.66 ? 1076 HOH A O   1 
HETATM 1091 O O   . HOH D 4 .   ? 7.488   7.046   -8.783  1.00 30.85 ? 1077 HOH A O   1 
HETATM 1092 O O   . HOH D 4 .   ? -1.394  10.717  -12.749 1.00 33.17 ? 1079 HOH A O   1 
HETATM 1093 O O   . HOH D 4 .   ? -8.274  10.710  -1.550  1.00 22.30 ? 1081 HOH A O   1 
HETATM 1094 O O   . HOH D 4 .   ? -9.991  6.819   4.429   1.00 14.77 ? 1085 HOH A O   1 
HETATM 1095 O O   . HOH D 4 .   ? -13.618 3.309   6.307   1.00 39.26 ? 1087 HOH A O   1 
HETATM 1096 O O   . HOH D 4 .   ? -11.486 -4.887  12.685  1.00 49.47 ? 1088 HOH A O   1 
HETATM 1097 O O   . HOH D 4 .   ? -9.772  2.096   14.892  1.00 30.44 ? 1089 HOH A O   1 
HETATM 1098 O O   . HOH D 4 .   ? -2.612  1.760   -5.874  1.00 17.35 ? 1095 HOH A O   1 
HETATM 1099 O O   . HOH D 4 .   ? 8.510   -15.559 10.449  1.00 53.42 ? 1096 HOH A O   1 
HETATM 1100 O O   . HOH D 4 .   ? -11.515 10.742  -8.336  1.00 27.07 ? 1100 HOH A O   1 
HETATM 1101 O O   . HOH D 4 .   ? -12.552 1.196   -7.317  1.00 24.02 ? 1101 HOH A O   1 
HETATM 1102 O O   . HOH D 4 .   ? -9.194  -2.034  0.190   1.00 32.04 ? 1103 HOH A O   1 
HETATM 1103 O O   . HOH D 4 .   ? -10.744 -4.533  8.686   1.00 52.57 ? 1105 HOH A O   1 
HETATM 1104 O O   . HOH D 4 .   ? 1.927   -0.553  1.461   1.00 37.72 ? 1106 HOH A O   1 
HETATM 1105 O O   . HOH D 4 .   ? -7.923  -10.039 11.152  1.00 29.75 ? 1108 HOH A O   1 
HETATM 1106 O O   . HOH D 4 .   ? -2.693  -14.830 10.142  1.00 32.76 ? 1109 HOH A O   1 
HETATM 1107 O O   . HOH D 4 .   ? 4.789   -11.932 11.655  1.00 15.25 ? 1111 HOH A O   1 
HETATM 1108 O O   . HOH D 4 .   ? -12.380 0.644   -4.398  1.00 44.39 ? 1118 HOH A O   1 
HETATM 1109 O O   . HOH D 4 .   ? -14.468 -1.564  -6.314  1.00 38.04 ? 1121 HOH A O   1 
HETATM 1110 O O   . HOH D 4 .   ? -9.817  -12.268 -4.378  1.00 22.69 ? 1123 HOH A O   1 
HETATM 1111 O O   . HOH D 4 .   ? -1.992  -13.555 -0.389  1.00 21.48 ? 1125 HOH A O   1 
HETATM 1112 O O   . HOH D 4 .   ? 5.449   -2.825  0.322   1.00 25.26 ? 1128 HOH A O   1 
HETATM 1113 O O   . HOH D 4 .   ? 3.615   -9.884  14.570  1.00 17.55 ? 1130 HOH A O   1 
HETATM 1114 O O   . HOH D 4 .   ? 4.553   -3.335  17.047  1.00 40.10 ? 2002 HOH A O   1 
HETATM 1115 O O   . HOH D 4 .   ? -2.501  -0.341  17.692  1.00 51.92 ? 2003 HOH A O   1 
HETATM 1116 O O   . HOH D 4 .   ? 11.381  -1.451  12.007  1.00 35.26 ? 2007 HOH A O   1 
HETATM 1117 O O   . HOH D 4 .   ? -7.805  -7.078  -14.102 1.00 29.77 ? 2018 HOH A O   1 
HETATM 1118 O O   . HOH D 4 .   ? 7.554   4.189   15.331  1.00 22.81 ? 2044 HOH A O   1 
HETATM 1119 O O   . HOH D 4 .   ? 12.027  6.870   -2.136  1.00 44.87 ? 2059 HOH A O   1 
HETATM 1120 O O   . HOH D 4 .   ? 4.575   1.451   -2.901  1.00 30.43 ? 2060 HOH A O   1 
HETATM 1121 O O   . HOH D 4 .   ? 8.005   10.823  -0.389  1.00 39.95 ? 2061 HOH A O   1 
HETATM 1122 O O   . HOH D 4 .   ? 4.770   12.356  2.073   1.00 34.68 ? 2063 HOH A O   1 
HETATM 1123 O O   . HOH D 4 .   ? -1.242  14.744  -6.383  1.00 24.43 ? 2071 HOH A O   1 
HETATM 1124 O O   . HOH D 4 .   ? 0.216   3.808   -1.123  1.00 26.05 ? 2072 HOH A O   1 
HETATM 1125 O O   . HOH D 4 .   ? 5.278   7.524   -2.964  1.00 30.69 ? 2073 HOH A O   1 
HETATM 1126 O O   . HOH D 4 .   ? -11.992 -1.459  8.837   1.00 33.56 ? 2087 HOH A O   1 
HETATM 1127 O O   . HOH D 4 .   ? -4.705  -1.011  15.432  1.00 46.37 ? 2089 HOH A O   1 
HETATM 1128 O O   . HOH D 4 .   ? 0.190   3.114   -4.093  1.00 29.73 ? 2095 HOH A O   1 
HETATM 1129 O O   . HOH D 4 .   ? -12.663 3.988   -9.842  1.00 26.58 ? 2101 HOH A O   1 
HETATM 1130 O O   . HOH D 4 .   ? -4.005  1.619   4.144   1.00 10.47 ? 2106 HOH A O   1 
HETATM 1131 O O   . HOH D 4 .   ? -6.999  -11.282 6.251   1.00 42.00 ? 2109 HOH A O   1 
HETATM 1132 O O   . HOH D 4 .   ? -10.116 -10.004 -7.905  1.00 36.13 ? 2123 HOH A O   1 
HETATM 1133 O O   . HOH D 4 .   ? 5.637   -7.484  -5.438  1.00 28.26 ? 2126 HOH A O   1 
HETATM 1134 O O   . HOH D 4 .   ? 7.561   -13.230 11.520  1.00 33.47 ? 2130 HOH A O   1 
HETATM 1135 O O   . HOH D 4 .   ? 1.980   19.444  -3.671  1.00 37.54 ? 3071 HOH A O   1 
HETATM 1136 O O   . HOH D 4 .   ? -6.152  -4.507  11.995  1.00 20.14 ? 3089 HOH A O   1 
HETATM 1137 O O   . HOH D 4 .   ? 3.685   -15.768 16.286  1.00 33.16 ? 3111 HOH A O   1 
HETATM 1138 O O   . HOH D 4 .   ? 3.760   11.492  -0.436  1.00 38.59 ? 4071 HOH A O   1 
HETATM 1139 O O   . HOH D 4 .   ? -1.445  -15.498 13.810  1.00 31.60 ? 4111 HOH A O   1 
HETATM 1140 O O   . HOH D 4 .   ? 7.852   -7.997  17.370  1.00 39.60 ? 4130 HOH A O   1 
HETATM 1141 O O   . HOH D 4 .   ? -5.034  0.411   18.720  1.00 44.94 ? 8003 HOH A O   1 
HETATM 1142 O O   . HOH D 4 .   ? 4.401   -11.583 -13.219 1.00 53.46 ? 8017 HOH A O   1 
HETATM 1143 O O   . HOH D 4 .   ? 5.013   15.028  4.367   1.00 50.31 ? 8063 HOH A O   1 
HETATM 1144 O O   . HOH D 4 .   ? -2.787  -12.785 -13.563 1.00 30.68 ? 9015 HOH A O   1 
HETATM 1145 O O   . HOH D 4 .   ? 1.937   -3.993  -23.874 1.00 49.85 ? 9027 HOH A O   1 
HETATM 1146 O O   . HOH D 4 .   ? 2.865   3.015   -0.292  1.00 52.51 ? 9060 HOH A O   1 
HETATM 1147 O O   . HOH D 4 .   ? 4.282   13.939  -3.437  1.00 44.05 ? 9063 HOH A O   1 
HETATM 1148 O O   . HOH D 4 .   ? 10.118  2.270   14.959  1.00 38.11 ? 9065 HOH A O   1 
HETATM 1149 O O   . HOH D 4 .   ? 2.318   16.244  2.296   1.00 32.48 ? 9071 HOH A O   1 
HETATM 1150 O O   . HOH D 4 .   ? 7.734   8.466   -2.829  1.00 40.88 ? 9073 HOH A O   1 
HETATM 1151 O O   . HOH D 4 .   ? 5.542   -10.991 16.091  1.00 38.02 ? 9130 HOH A O   1 
# 
